data_6H8Q
#
_entry.id   6H8Q
#
_cell.length_a   296.240
_cell.length_b   110.020
_cell.length_c   115.160
_cell.angle_alpha   90.00
_cell.angle_beta   90.00
_cell.angle_gamma   90.00
#
_symmetry.space_group_name_H-M   'P 21 21 2'
#
loop_
_entity.id
_entity.type
_entity.pdbx_description
1 polymer 'Cohesin subunit SCC3'
2 polymer 'Sister chromatid cohesion protein 1'
3 polymer "DNA (5'-D(P*CP*TP*TP*TP*CP*GP*TP*TP*TP*CP*CP*TP*TP*GP*AP*AP*AP*AP*A)-3')"
4 polymer "DNA (5'-D(P*CP*TP*TP*TP*CP*GP*TP*TP*TP*CP*CP*TP*TP*GP*AP*AP*AP*AP*A)-3')"
5 polymer "DNA (5'-D(P*TP*TP*TP*TP*TP*CP*AP*AP*GP*GP*AP*AP*AP*CP*GP*AP*AP*AP*G)-3')"
6 polymer "DNA (5'-D(P*CP*TP*TP*TP*CP*GP*TP*TP*TP*CP*CP*TP*TP*GP*AP*AP*AP*AP*A)-3')"
#
loop_
_entity_poly.entity_id
_entity_poly.type
_entity_poly.pdbx_seq_one_letter_code
_entity_poly.pdbx_strand_id
1 'polypeptide(L)'
;MTAVRRSTRIRTKSQVIEEDYDDEQNTSAQHVESDKITAKTQHEEEEEQDTGESEESSSEDDYEDQDDDDYVDTATAKRK
SRKRKPKSASNTSSKRQKKKPTSAQKSAVSHAPAYHRSKKDQDQYLEIAKDFQPTELFDILSTSEDVSIEELLREWLETY
SENRDKFLQEFINLLLNCCGSVARVEDHDVHSNESSNETIGEIQLLFQRQKLHEFYLLISKENKKRKNFKMGPLYQNFAE
FMTKLLEVANDLQLLYVESDEDDTQIVTGNLVLDLLTWLSSFSVCKIRCFRYISTLTLYLFQDYLTQQAVNLEKNYLAKL
SKQLSLEEKKKRPNNKTLEKLESTIAETQGSKVVIDSIIDNIVKLCFVHRYKDVSDLIRSESMLHLSIWIKNYPEYFLKV
TFLKYFGWLLSDNSVSVRLQVTKILPHLIIQNHNSKSTDNSAIRQVFERFKTKILEVAIRDVNLDVRIHSIQVLTEASSL
GYLDDSEILIISSLMFDEEFDPFKTSSFNKRSKFLSTVAKFLARVIKEKFDEFIKTHEDLPKEVDGLEVGPVVQVGIFIK
ILNDSLIYHLKDCAEVDSRTKIRMLTQAAEFLSPYISTHLKTICNLLISDTESNELIQKLQNSANNNSDDEDVDDEELDI
TPLFPIDRNSTILYLNVFHGLCAGANNPKIQTKDSVKEIVLPLFYDLLNAASIESADILCPLLESFITFSLDDWISIGYE
TELKKITDKTIKAFMDSTIGNSKVDMKYDIFAKFIHHIHHFEKKELQEKFLNQIATLKIHLKKFLQEKMDPNNSRDDYKD
LTCSLYELYINKLTILGRDYPIEVDEELLQLFLNNFVSRIPIMFQDFDDSTAQEINFKMLVLLATWNLEKWREIIEKVRD
YENSISKDLRSVWKPIAAIIGRLNTLVISLAATNETFENINSLFYLKWSACTSLMDIIVAIKIFELKLPADATTWRYSMS
EQFPFYLHDNASKVLLKIFLYLESLFAKQVDVQLERVADEDANLNDLPETGFFENIETEFLLFTVKLKGLMKLNILDERF
ASRVALNKEKLGPLFKKIVDDTIMENPEPNKKNIQKAKSNQTQREKAPLQPNSERETDHANTENNDPDIPMTIDLEPIEE
SSQNNSELAPIEEHPTVVDAIDNSDEITQD
;
A,B
2 'polypeptide(L)'
;TDAMTESQPKQTGTRRNSKLLNTKSIQIDEETENSESIASSNTYKEERSNNLLTPQPTNFTTKRLWSEITESMSYLPDPI
LKNFLSYESLKKRKIHNGRE
;
G,H
3 'polydeoxyribonucleotide' (DT)(DT)(DT)(DT)(DC)(DA)(DA)(DG)(DG)(DA)(DA)(DA)(DC)(DG)(DA)(DA)(DA)(DC)(DG) E
4 'polydeoxyribonucleotide' (DC)(DG)(DT)(DT)(DT)(DC)(DG)(DT)(DT)(DT)(DC)(DC)(DT)(DT)(DG)(DA)(DA)(DA)(DA) F
5 'polydeoxyribonucleotide' (DT)(DT)(DT)(DT)(DT)(DC)(DA)(DA)(DG)(DG)(DA)(DA)(DA)(DC)(DG)(DA)(DA)(DA)(DG) C
6 'polydeoxyribonucleotide' (DC)(DT)(DT)(DT)(DC)(DG)(DT)(DT)(DT)(DC)(DC)(DT)(DT)(DG)(DA)(DA)(DA)(DA)(DA) D
#
loop_
_chem_comp.id
_chem_comp.type
_chem_comp.name
_chem_comp.formula
DA DNA linking 2'-DEOXYADENOSINE-5'-MONOPHOSPHATE 'C10 H14 N5 O6 P'
DC DNA linking 2'-DEOXYCYTIDINE-5'-MONOPHOSPHATE 'C9 H14 N3 O7 P'
DG DNA linking 2'-DEOXYGUANOSINE-5'-MONOPHOSPHATE 'C10 H14 N5 O7 P'
DT DNA linking THYMIDINE-5'-MONOPHOSPHATE 'C10 H15 N2 O8 P'
#
# COMPACT_ATOMS: atom_id res chain seq x y z
N THR A 135 -63.37 57.74 -58.62
CA THR A 135 -64.16 56.65 -58.05
C THR A 135 -64.48 56.93 -56.59
N GLU A 136 -65.74 57.31 -56.32
CA GLU A 136 -66.17 57.62 -54.96
C GLU A 136 -66.58 56.36 -54.19
N LEU A 137 -66.87 55.26 -54.88
CA LEU A 137 -67.34 54.06 -54.20
C LEU A 137 -66.26 53.46 -53.30
N PHE A 138 -65.00 53.48 -53.76
CA PHE A 138 -63.92 52.93 -52.96
C PHE A 138 -63.58 53.79 -51.75
N ASP A 139 -63.95 55.07 -51.77
CA ASP A 139 -63.70 55.95 -50.63
C ASP A 139 -64.66 55.69 -49.47
N ILE A 140 -65.80 55.05 -49.73
CA ILE A 140 -66.77 54.73 -48.69
C ILE A 140 -66.78 53.25 -48.35
N LEU A 141 -65.89 52.46 -48.95
CA LEU A 141 -65.86 51.01 -48.74
C LEU A 141 -64.61 50.52 -48.04
N SER A 142 -63.44 51.09 -48.35
CA SER A 142 -62.19 50.58 -47.82
C SER A 142 -61.87 51.07 -46.40
N THR A 143 -62.48 52.18 -45.98
CA THR A 143 -62.20 52.76 -44.67
C THR A 143 -63.39 52.77 -43.72
N SER A 144 -64.61 52.69 -44.23
CA SER A 144 -65.79 52.73 -43.39
C SER A 144 -65.89 51.44 -42.58
N GLU A 145 -65.96 51.59 -41.25
CA GLU A 145 -66.06 50.43 -40.36
C GLU A 145 -67.51 50.15 -39.98
N ASP A 146 -68.09 51.03 -39.16
CA ASP A 146 -69.45 50.85 -38.68
C ASP A 146 -70.41 51.59 -39.61
N VAL A 147 -70.79 50.91 -40.69
CA VAL A 147 -71.73 51.44 -41.66
C VAL A 147 -72.71 50.35 -42.05
N SER A 148 -73.88 50.76 -42.54
CA SER A 148 -74.90 49.83 -42.98
C SER A 148 -74.53 49.29 -44.37
N ILE A 149 -74.60 47.98 -44.51
CA ILE A 149 -74.19 47.33 -45.76
C ILE A 149 -75.35 47.27 -46.75
N GLU A 150 -76.56 46.95 -46.28
CA GLU A 150 -77.69 46.74 -47.19
C GLU A 150 -78.29 48.04 -47.71
N GLU A 151 -78.15 49.14 -46.96
CA GLU A 151 -78.78 50.39 -47.36
C GLU A 151 -78.03 51.08 -48.50
N LEU A 152 -76.81 50.65 -48.82
CA LEU A 152 -76.07 51.25 -49.93
C LEU A 152 -76.27 50.50 -51.24
N LEU A 153 -76.73 49.25 -51.18
CA LEU A 153 -76.92 48.47 -52.41
C LEU A 153 -78.17 48.91 -53.17
N ARG A 154 -79.19 49.37 -52.46
CA ARG A 154 -80.45 49.74 -53.09
C ARG A 154 -80.26 50.89 -54.08
N GLU A 155 -79.36 51.82 -53.78
CA GLU A 155 -79.07 52.92 -54.68
C GLU A 155 -78.63 52.41 -56.05
N TRP A 156 -77.58 51.60 -56.08
CA TRP A 156 -77.08 51.08 -57.35
C TRP A 156 -78.09 50.16 -58.01
N LEU A 157 -78.81 49.36 -57.21
CA LEU A 157 -79.79 48.44 -57.79
C LEU A 157 -80.91 49.19 -58.50
N GLU A 158 -81.35 50.32 -57.95
CA GLU A 158 -82.40 51.08 -58.61
C GLU A 158 -81.87 52.03 -59.68
N THR A 159 -80.60 52.42 -59.62
CA THR A 159 -80.04 53.31 -60.63
C THR A 159 -79.48 52.59 -61.84
N TYR A 160 -79.30 51.27 -61.76
CA TYR A 160 -78.94 50.53 -62.97
C TYR A 160 -80.05 50.63 -64.03
N SER A 161 -81.31 50.69 -63.59
CA SER A 161 -82.39 50.91 -64.54
C SER A 161 -82.36 52.32 -65.12
N GLU A 162 -81.86 53.29 -64.35
CA GLU A 162 -81.70 54.64 -64.85
C GLU A 162 -80.43 54.76 -65.70
N ASN A 163 -79.27 54.56 -65.08
CA ASN A 163 -77.98 54.65 -65.76
C ASN A 163 -77.40 53.25 -65.89
N ARG A 164 -77.16 52.82 -67.13
CA ARG A 164 -76.64 51.49 -67.40
C ARG A 164 -75.12 51.44 -67.42
N ASP A 165 -74.47 52.53 -67.81
CA ASP A 165 -73.02 52.56 -67.91
C ASP A 165 -72.33 53.08 -66.66
N LYS A 166 -73.08 53.60 -65.69
CA LYS A 166 -72.49 54.11 -64.46
C LYS A 166 -72.31 53.03 -63.40
N PHE A 167 -72.93 51.86 -63.57
CA PHE A 167 -72.82 50.81 -62.57
C PHE A 167 -71.56 49.97 -62.80
N LEU A 168 -71.39 49.45 -64.02
CA LEU A 168 -70.27 48.55 -64.30
C LEU A 168 -68.93 49.25 -64.20
N GLN A 169 -68.87 50.55 -64.53
CA GLN A 169 -67.64 51.32 -64.40
C GLN A 169 -67.10 51.27 -62.98
N GLU A 170 -67.87 51.79 -62.02
CA GLU A 170 -67.49 51.80 -60.62
C GLU A 170 -67.52 50.40 -60.01
N PHE A 171 -68.12 49.42 -60.69
CA PHE A 171 -68.06 48.04 -60.22
C PHE A 171 -66.69 47.41 -60.52
N ILE A 172 -66.19 47.60 -61.73
CA ILE A 172 -64.91 47.02 -62.10
C ILE A 172 -63.76 47.79 -61.46
N ASN A 173 -63.88 49.12 -61.35
CA ASN A 173 -62.81 49.88 -60.71
C ASN A 173 -62.65 49.50 -59.25
N LEU A 174 -63.74 49.12 -58.58
CA LEU A 174 -63.66 48.71 -57.18
C LEU A 174 -62.82 47.45 -57.03
N LEU A 175 -63.00 46.48 -57.93
CA LEU A 175 -62.18 45.28 -57.88
C LEU A 175 -60.73 45.58 -58.26
N LEU A 176 -60.52 46.48 -59.23
CA LEU A 176 -59.16 46.81 -59.61
C LEU A 176 -58.40 47.58 -58.53
N ASN A 177 -59.12 48.27 -57.63
CA ASN A 177 -58.45 49.01 -56.57
C ASN A 177 -57.65 48.09 -55.63
N CYS A 178 -58.13 46.87 -55.40
CA CYS A 178 -57.48 45.98 -54.46
C CYS A 178 -56.25 45.28 -55.04
N CYS A 179 -56.14 45.21 -56.37
CA CYS A 179 -55.00 44.53 -56.97
C CYS A 179 -53.72 45.38 -56.88
N GLY A 180 -53.87 46.70 -56.79
CA GLY A 180 -52.73 47.58 -56.66
C GLY A 180 -52.24 48.15 -57.97
N SER A 181 -52.99 49.09 -58.55
CA SER A 181 -52.61 49.71 -59.80
C SER A 181 -53.41 50.99 -59.99
N VAL A 182 -52.90 51.87 -60.87
CA VAL A 182 -53.61 53.09 -61.23
C VAL A 182 -54.44 52.89 -62.49
N ALA A 183 -54.50 51.67 -63.00
CA ALA A 183 -55.28 51.39 -64.18
C ALA A 183 -56.77 51.49 -63.89
N ARG A 184 -57.51 52.10 -64.81
CA ARG A 184 -58.94 52.33 -64.63
C ARG A 184 -59.68 51.88 -65.88
N VAL A 185 -61.00 51.73 -65.75
CA VAL A 185 -61.89 51.36 -66.84
C VAL A 185 -62.94 52.44 -66.99
N GLU A 186 -63.13 52.93 -68.20
CA GLU A 186 -64.09 53.99 -68.46
C GLU A 186 -65.47 53.39 -68.74
N ASP A 187 -66.47 54.27 -68.83
CA ASP A 187 -67.84 53.81 -69.02
C ASP A 187 -68.03 53.19 -70.39
N HIS A 188 -67.42 53.77 -71.43
CA HIS A 188 -67.53 53.20 -72.77
C HIS A 188 -66.83 51.85 -72.88
N ASP A 189 -65.85 51.57 -72.02
CA ASP A 189 -65.22 50.26 -72.02
C ASP A 189 -66.09 49.21 -71.34
N VAL A 190 -66.66 49.54 -70.18
CA VAL A 190 -67.49 48.58 -69.47
C VAL A 190 -68.84 48.39 -70.14
N HIS A 191 -69.29 49.34 -70.96
CA HIS A 191 -70.54 49.16 -71.68
C HIS A 191 -70.42 48.11 -72.78
N SER A 192 -69.21 47.84 -73.26
CA SER A 192 -68.97 46.81 -74.28
C SER A 192 -69.05 45.45 -73.58
N ASN A 193 -70.28 44.96 -73.41
CA ASN A 193 -70.50 43.69 -72.74
C ASN A 193 -70.15 42.50 -73.61
N GLU A 194 -70.38 42.61 -74.92
CA GLU A 194 -70.09 41.50 -75.82
C GLU A 194 -68.59 41.26 -75.93
N SER A 195 -67.80 42.33 -76.05
CA SER A 195 -66.35 42.22 -76.13
C SER A 195 -65.76 42.34 -74.72
N SER A 196 -65.94 41.27 -73.95
CA SER A 196 -65.45 41.24 -72.58
C SER A 196 -63.97 40.86 -72.52
N ASN A 197 -63.55 39.93 -73.38
CA ASN A 197 -62.16 39.48 -73.36
C ASN A 197 -61.21 40.63 -73.65
N GLU A 198 -61.52 41.42 -74.69
CA GLU A 198 -60.65 42.54 -75.05
C GLU A 198 -60.75 43.67 -74.03
N THR A 199 -61.92 43.88 -73.44
CA THR A 199 -62.05 44.94 -72.43
C THR A 199 -61.25 44.61 -71.18
N ILE A 200 -61.26 43.34 -70.76
CA ILE A 200 -60.44 42.95 -69.62
C ILE A 200 -58.96 42.88 -70.01
N GLY A 201 -58.66 42.60 -71.28
CA GLY A 201 -57.28 42.47 -71.70
C GLY A 201 -56.57 43.79 -71.92
N GLU A 202 -57.31 44.85 -72.22
CA GLU A 202 -56.69 46.16 -72.41
C GLU A 202 -56.30 46.81 -71.09
N ILE A 203 -56.88 46.37 -69.97
CA ILE A 203 -56.39 46.77 -68.65
C ILE A 203 -55.36 45.81 -68.11
N GLN A 204 -55.06 44.73 -68.85
CA GLN A 204 -54.09 43.74 -68.40
C GLN A 204 -52.66 44.20 -68.63
N LEU A 205 -52.40 44.88 -69.75
CA LEU A 205 -51.06 45.37 -70.02
C LEU A 205 -50.67 46.51 -69.10
N LEU A 206 -51.67 47.25 -68.57
CA LEU A 206 -51.38 48.32 -67.62
C LEU A 206 -50.88 47.77 -66.28
N PHE A 207 -51.05 46.48 -66.02
CA PHE A 207 -50.53 45.85 -64.81
C PHE A 207 -49.27 45.05 -65.06
N GLN A 208 -49.13 44.44 -66.25
CA GLN A 208 -47.93 43.68 -66.56
C GLN A 208 -46.71 44.59 -66.65
N ARG A 209 -46.84 45.71 -67.37
CA ARG A 209 -45.75 46.66 -67.53
C ARG A 209 -45.63 47.62 -66.36
N GLN A 210 -46.36 47.40 -65.27
CA GLN A 210 -46.29 48.24 -64.09
C GLN A 210 -45.39 47.57 -63.05
N LYS A 211 -44.48 48.36 -62.47
CA LYS A 211 -43.49 47.85 -61.53
C LYS A 211 -44.04 47.79 -60.10
N LEU A 212 -44.35 48.94 -59.52
CA LEU A 212 -44.76 49.02 -58.13
C LEU A 212 -46.21 48.58 -57.99
N HIS A 213 -46.43 47.47 -57.28
CA HIS A 213 -47.77 46.98 -57.01
C HIS A 213 -47.73 46.10 -55.77
N GLU A 214 -48.73 46.25 -54.91
CA GLU A 214 -48.84 45.45 -53.70
C GLU A 214 -50.30 45.09 -53.47
N PHE A 215 -50.53 43.97 -52.79
CA PHE A 215 -51.87 43.48 -52.52
C PHE A 215 -52.39 44.14 -51.24
N TYR A 216 -53.37 45.03 -51.40
CA TYR A 216 -53.91 45.74 -50.26
C TYR A 216 -54.97 44.92 -49.51
N LEU A 217 -55.62 43.98 -50.21
CA LEU A 217 -56.68 43.18 -49.61
C LEU A 217 -56.15 41.93 -48.91
N LEU A 218 -55.21 41.22 -49.55
CA LEU A 218 -54.75 39.94 -49.01
C LEU A 218 -53.96 40.16 -47.71
N ILE A 219 -53.05 41.12 -47.70
CA ILE A 219 -52.24 41.35 -46.51
C ILE A 219 -53.09 41.94 -45.39
N SER A 220 -54.12 42.72 -45.74
CA SER A 220 -55.05 43.22 -44.73
C SER A 220 -55.89 42.08 -44.14
N LYS A 221 -56.25 41.09 -44.95
CA LYS A 221 -56.94 39.92 -44.43
C LYS A 221 -56.04 39.11 -43.51
N GLU A 222 -54.80 38.85 -43.94
CA GLU A 222 -53.90 38.03 -43.15
C GLU A 222 -53.44 38.76 -41.88
N ASN A 223 -53.13 40.05 -41.99
CA ASN A 223 -52.63 40.83 -40.88
C ASN A 223 -53.47 42.09 -40.71
N LYS A 224 -53.88 42.35 -39.47
CA LYS A 224 -54.71 43.51 -39.16
C LYS A 224 -53.87 44.72 -38.74
N LYS A 225 -52.80 44.49 -38.00
CA LYS A 225 -51.98 45.56 -37.45
C LYS A 225 -50.77 45.91 -38.31
N ARG A 226 -50.56 45.21 -39.41
CA ARG A 226 -49.35 45.38 -40.21
C ARG A 226 -49.54 46.36 -41.36
N LYS A 227 -50.50 46.07 -42.24
CA LYS A 227 -50.73 46.92 -43.40
C LYS A 227 -51.38 48.23 -42.99
N ASN A 228 -51.45 49.16 -43.95
CA ASN A 228 -52.15 50.42 -43.72
C ASN A 228 -53.64 50.18 -43.52
N PHE A 229 -54.24 49.36 -44.37
CA PHE A 229 -55.63 48.96 -44.19
C PHE A 229 -55.73 47.90 -43.11
N LYS A 230 -56.71 48.07 -42.22
CA LYS A 230 -56.96 47.11 -41.16
C LYS A 230 -57.87 45.98 -41.65
N MET A 231 -57.92 44.91 -40.84
CA MET A 231 -58.78 43.78 -41.18
C MET A 231 -60.26 44.11 -41.03
N GLY A 232 -60.59 45.21 -40.36
CA GLY A 232 -61.96 45.58 -40.13
C GLY A 232 -62.69 46.05 -41.38
N PRO A 233 -62.34 47.25 -41.86
CA PRO A 233 -63.10 47.84 -42.97
C PRO A 233 -62.79 47.26 -44.34
N LEU A 234 -61.98 46.21 -44.43
CA LEU A 234 -61.60 45.64 -45.72
C LEU A 234 -61.82 44.14 -45.83
N TYR A 235 -62.17 43.45 -44.75
CA TYR A 235 -62.42 42.01 -44.81
C TYR A 235 -63.79 41.60 -44.32
N GLN A 236 -64.38 42.33 -43.37
CA GLN A 236 -65.71 42.00 -42.86
C GLN A 236 -66.81 42.58 -43.73
N ASN A 237 -66.87 43.91 -43.83
CA ASN A 237 -67.85 44.56 -44.70
C ASN A 237 -67.62 44.18 -46.16
N PHE A 238 -66.37 43.94 -46.55
CA PHE A 238 -66.09 43.54 -47.92
C PHE A 238 -66.79 42.24 -48.26
N ALA A 239 -66.66 41.23 -47.39
CA ALA A 239 -67.32 39.94 -47.66
C ALA A 239 -68.83 40.04 -47.48
N GLU A 240 -69.28 40.86 -46.52
CA GLU A 240 -70.72 41.04 -46.32
C GLU A 240 -71.37 41.71 -47.51
N PHE A 241 -70.61 42.51 -48.27
CA PHE A 241 -71.17 43.19 -49.43
C PHE A 241 -71.57 42.20 -50.52
N MET A 242 -70.75 41.16 -50.73
CA MET A 242 -71.09 40.14 -51.72
C MET A 242 -72.02 39.08 -51.16
N THR A 243 -71.90 38.76 -49.87
CA THR A 243 -72.75 37.72 -49.29
C THR A 243 -74.20 38.17 -49.19
N LYS A 244 -74.43 39.41 -48.75
CA LYS A 244 -75.78 39.97 -48.64
C LYS A 244 -76.16 40.79 -49.88
N LEU A 245 -75.60 40.45 -51.03
CA LEU A 245 -75.91 41.21 -52.25
C LEU A 245 -77.28 40.84 -52.81
N LEU A 246 -77.68 39.58 -52.70
CA LEU A 246 -78.94 39.11 -53.27
C LEU A 246 -80.12 39.26 -52.33
N GLU A 247 -79.89 39.62 -51.06
CA GLU A 247 -81.00 39.85 -50.15
C GLU A 247 -81.76 41.12 -50.51
N VAL A 248 -81.08 42.12 -51.07
CA VAL A 248 -81.74 43.36 -51.47
C VAL A 248 -82.29 43.28 -52.89
N ALA A 249 -81.79 42.38 -53.72
CA ALA A 249 -82.25 42.29 -55.10
C ALA A 249 -83.70 41.84 -55.20
N ASN A 250 -84.19 41.11 -54.19
CA ASN A 250 -85.56 40.63 -54.21
C ASN A 250 -86.57 41.70 -53.83
N ASP A 251 -86.12 42.86 -53.34
CA ASP A 251 -87.03 43.92 -52.94
C ASP A 251 -87.50 44.74 -54.14
N LEU A 252 -86.56 45.23 -54.94
CA LEU A 252 -86.87 46.08 -56.09
C LEU A 252 -87.12 45.28 -57.36
N GLN A 253 -87.12 43.96 -57.29
CA GLN A 253 -87.34 43.08 -58.44
C GLN A 253 -86.31 43.34 -59.54
N LEU A 254 -85.03 43.22 -59.15
CA LEU A 254 -83.93 43.30 -60.09
C LEU A 254 -83.25 41.96 -60.33
N LEU A 255 -83.62 40.92 -59.59
CA LEU A 255 -83.02 39.60 -59.78
C LEU A 255 -83.72 38.84 -60.90
N TYR A 256 -85.05 38.75 -60.83
CA TYR A 256 -85.82 38.00 -61.82
C TYR A 256 -86.39 38.87 -62.92
N VAL A 257 -86.43 40.19 -62.72
CA VAL A 257 -86.96 41.18 -63.68
C VAL A 257 -88.24 40.70 -64.36
N GLY A 269 -82.41 37.21 -64.37
CA GLY A 269 -82.77 38.10 -65.45
C GLY A 269 -81.61 38.40 -66.38
N ASN A 270 -81.59 39.62 -66.92
CA ASN A 270 -80.53 40.05 -67.82
C ASN A 270 -79.35 40.66 -67.09
N LEU A 271 -79.59 41.32 -65.95
CA LEU A 271 -78.50 41.87 -65.16
C LEU A 271 -77.63 40.79 -64.55
N VAL A 272 -78.18 39.58 -64.36
CA VAL A 272 -77.41 38.49 -63.77
C VAL A 272 -76.39 37.93 -64.75
N LEU A 273 -76.73 37.90 -66.04
CA LEU A 273 -75.85 37.28 -67.03
C LEU A 273 -74.59 38.10 -67.28
N ASP A 274 -74.64 39.41 -67.03
CA ASP A 274 -73.48 40.25 -67.28
C ASP A 274 -72.32 39.88 -66.37
N LEU A 275 -72.60 39.68 -65.07
CA LEU A 275 -71.53 39.30 -64.15
C LEU A 275 -70.98 37.92 -64.46
N LEU A 276 -71.86 36.98 -64.85
CA LEU A 276 -71.39 35.66 -65.25
C LEU A 276 -70.52 35.72 -66.50
N THR A 277 -70.80 36.67 -67.39
CA THR A 277 -69.96 36.82 -68.59
C THR A 277 -68.63 37.46 -68.26
N TRP A 278 -68.63 38.46 -67.36
CA TRP A 278 -67.39 39.20 -67.08
C TRP A 278 -66.46 38.39 -66.18
N LEU A 279 -66.96 37.95 -65.02
CA LEU A 279 -66.10 37.30 -64.04
C LEU A 279 -65.58 35.95 -64.52
N SER A 280 -66.24 35.31 -65.49
CA SER A 280 -65.74 34.05 -66.02
C SER A 280 -64.44 34.25 -66.77
N SER A 281 -64.36 35.30 -67.59
CA SER A 281 -63.14 35.61 -68.31
C SER A 281 -62.14 36.40 -67.45
N PHE A 282 -62.61 37.01 -66.36
CA PHE A 282 -61.69 37.72 -65.47
C PHE A 282 -60.87 36.76 -64.60
N SER A 283 -61.35 35.53 -64.40
CA SER A 283 -60.72 34.58 -63.49
C SER A 283 -59.90 33.52 -64.23
N VAL A 284 -59.27 33.88 -65.35
CA VAL A 284 -58.43 32.94 -66.10
C VAL A 284 -57.22 33.67 -66.65
N CYS A 285 -56.34 34.12 -65.76
CA CYS A 285 -55.14 34.85 -66.13
C CYS A 285 -53.93 34.23 -65.43
N LYS A 286 -52.74 34.56 -65.94
CA LYS A 286 -51.49 34.09 -65.36
C LYS A 286 -51.04 34.93 -64.18
N ILE A 287 -51.32 36.24 -64.19
CA ILE A 287 -50.97 37.08 -63.05
C ILE A 287 -51.83 36.71 -61.86
N ARG A 288 -51.18 36.51 -60.71
CA ARG A 288 -51.84 36.01 -59.51
C ARG A 288 -52.74 37.04 -58.83
N CYS A 289 -52.87 38.24 -59.38
CA CYS A 289 -53.60 39.30 -58.69
C CYS A 289 -55.10 39.22 -58.95
N PHE A 290 -55.50 39.29 -60.22
CA PHE A 290 -56.92 39.39 -60.56
C PHE A 290 -57.66 38.06 -60.41
N ARG A 291 -56.98 36.94 -60.63
CA ARG A 291 -57.62 35.64 -60.61
C ARG A 291 -58.21 35.35 -59.23
N TYR A 292 -57.45 35.63 -58.17
CA TYR A 292 -57.92 35.36 -56.81
C TYR A 292 -59.19 36.13 -56.51
N ILE A 293 -59.21 37.44 -56.80
CA ILE A 293 -60.36 38.26 -56.44
C ILE A 293 -61.57 37.90 -57.30
N SER A 294 -61.35 37.53 -58.58
CA SER A 294 -62.48 37.15 -59.42
C SER A 294 -63.11 35.85 -58.93
N THR A 295 -62.28 34.83 -58.67
CA THR A 295 -62.82 33.56 -58.18
C THR A 295 -63.49 33.74 -56.83
N LEU A 296 -62.93 34.62 -55.98
CA LEU A 296 -63.55 34.87 -54.68
C LEU A 296 -64.89 35.56 -54.83
N THR A 297 -64.99 36.52 -55.75
CA THR A 297 -66.28 37.18 -55.98
C THR A 297 -67.32 36.21 -56.49
N LEU A 298 -66.90 35.23 -57.31
CA LEU A 298 -67.84 34.20 -57.75
C LEU A 298 -68.30 33.32 -56.60
N TYR A 299 -67.35 32.85 -55.78
CA TYR A 299 -67.70 31.95 -54.68
C TYR A 299 -68.52 32.65 -53.60
N LEU A 300 -68.36 33.97 -53.46
CA LEU A 300 -69.15 34.70 -52.47
C LEU A 300 -70.63 34.71 -52.83
N PHE A 301 -70.95 34.78 -54.12
CA PHE A 301 -72.34 34.66 -54.54
C PHE A 301 -72.82 33.22 -54.48
N GLN A 302 -71.93 32.28 -54.82
CA GLN A 302 -72.27 30.86 -54.64
C GLN A 302 -72.63 30.55 -53.19
N ASP A 303 -72.04 31.27 -52.24
CA ASP A 303 -72.39 31.07 -50.83
C ASP A 303 -73.88 31.29 -50.59
N TYR A 304 -74.42 32.43 -51.04
CA TYR A 304 -75.81 32.75 -50.80
C TYR A 304 -76.76 32.01 -51.74
N LEU A 305 -76.27 31.50 -52.88
CA LEU A 305 -77.14 30.75 -53.78
C LEU A 305 -77.82 29.59 -53.07
N THR A 306 -77.04 28.72 -52.42
CA THR A 306 -77.61 27.56 -51.73
C THR A 306 -78.47 27.99 -50.55
N GLN A 307 -78.07 29.03 -49.84
CA GLN A 307 -78.87 29.55 -48.74
C GLN A 307 -80.28 29.88 -49.20
N GLN A 308 -80.40 30.72 -50.23
CA GLN A 308 -81.72 31.13 -50.70
C GLN A 308 -82.45 29.97 -51.36
N ALA A 309 -81.73 29.03 -51.98
CA ALA A 309 -82.37 27.85 -52.54
C ALA A 309 -83.09 27.05 -51.46
N VAL A 310 -82.38 26.73 -50.37
CA VAL A 310 -83.00 25.97 -49.29
C VAL A 310 -84.11 26.79 -48.63
N ASN A 311 -83.91 28.11 -48.52
CA ASN A 311 -84.94 28.95 -47.92
C ASN A 311 -86.23 28.90 -48.72
N LEU A 312 -86.14 29.05 -50.04
CA LEU A 312 -87.33 28.98 -50.88
C LEU A 312 -87.90 27.57 -50.92
N GLU A 313 -87.06 26.54 -50.77
CA GLU A 313 -87.57 25.18 -50.82
C GLU A 313 -88.35 24.80 -49.56
N LYS A 314 -87.95 25.32 -48.40
CA LYS A 314 -88.58 24.89 -47.15
C LYS A 314 -89.58 25.90 -46.59
N ASN A 315 -89.43 27.20 -46.89
CA ASN A 315 -90.30 28.21 -46.31
C ASN A 315 -91.25 28.84 -47.34
N TYR A 316 -91.32 28.29 -48.55
CA TYR A 316 -92.20 28.84 -49.57
C TYR A 316 -92.95 27.73 -50.31
N LEU A 317 -92.21 26.86 -51.00
CA LEU A 317 -92.84 25.80 -51.79
C LEU A 317 -93.52 24.78 -50.87
N ALA A 318 -92.78 24.25 -49.90
CA ALA A 318 -93.34 23.26 -48.98
C ALA A 318 -94.43 23.85 -48.09
N LYS A 319 -94.46 25.16 -47.91
CA LYS A 319 -95.50 25.79 -47.11
C LYS A 319 -96.75 26.06 -47.94
N LEU A 320 -96.58 26.42 -49.21
CA LEU A 320 -97.72 26.60 -50.10
C LEU A 320 -98.33 25.27 -50.52
N SER A 321 -97.56 24.18 -50.47
CA SER A 321 -98.10 22.87 -50.80
C SER A 321 -99.20 22.47 -49.82
N LYS A 322 -99.02 22.78 -48.54
CA LYS A 322 -100.05 22.46 -47.56
C LYS A 322 -101.30 23.32 -47.74
N GLN A 323 -101.12 24.58 -48.16
CA GLN A 323 -102.29 25.42 -48.45
C GLN A 323 -103.04 24.91 -49.66
N LEU A 324 -102.32 24.44 -50.68
CA LEU A 324 -102.98 23.87 -51.85
C LEU A 324 -103.63 22.53 -51.54
N SER A 325 -103.10 21.81 -50.55
CA SER A 325 -103.70 20.53 -50.16
C SER A 325 -105.01 20.73 -49.42
N LEU A 326 -105.15 21.84 -48.68
CA LEU A 326 -106.38 22.13 -47.96
C LEU A 326 -107.47 22.71 -48.85
N GLU A 327 -107.17 23.02 -50.11
CA GLU A 327 -108.13 23.60 -51.04
C GLU A 327 -108.55 22.59 -52.12
N GLU A 328 -108.40 21.30 -51.85
CA GLU A 328 -108.89 20.25 -52.73
C GLU A 328 -110.03 19.45 -52.09
N LYS A 329 -109.81 18.92 -50.89
CA LYS A 329 -110.87 18.23 -50.16
C LYS A 329 -111.72 19.25 -49.40
N LYS A 330 -113.03 19.17 -49.56
CA LYS A 330 -113.69 18.18 -50.41
C LYS A 330 -114.89 18.80 -51.11
N LYS A 331 -114.90 18.74 -52.45
CA LYS A 331 -116.01 19.24 -53.26
C LYS A 331 -116.23 20.73 -53.03
N ARG A 332 -115.13 21.50 -53.02
CA ARG A 332 -115.22 22.94 -52.82
C ARG A 332 -113.98 23.66 -53.37
N PRO A 333 -113.79 23.69 -54.68
CA PRO A 333 -112.64 24.42 -55.25
C PRO A 333 -112.92 25.92 -55.28
N ASN A 334 -111.93 26.71 -54.84
CA ASN A 334 -112.10 28.15 -54.80
C ASN A 334 -111.97 28.79 -56.19
N ASN A 335 -111.14 28.21 -57.05
CA ASN A 335 -110.91 28.71 -58.42
C ASN A 335 -110.30 30.11 -58.41
N LYS A 336 -110.88 31.04 -57.64
CA LYS A 336 -110.27 32.36 -57.48
C LYS A 336 -108.90 32.25 -56.82
N THR A 337 -108.78 31.42 -55.79
CA THR A 337 -107.51 31.23 -55.11
C THR A 337 -106.64 30.18 -55.81
N LEU A 338 -107.23 29.31 -56.62
CA LEU A 338 -106.46 28.30 -57.34
C LEU A 338 -105.49 28.95 -58.33
N GLU A 339 -105.96 29.96 -59.06
CA GLU A 339 -105.11 30.61 -60.06
C GLU A 339 -104.04 31.47 -59.43
N LYS A 340 -104.20 31.87 -58.16
CA LYS A 340 -103.12 32.54 -57.45
C LYS A 340 -102.11 31.54 -56.90
N LEU A 341 -102.61 30.43 -56.35
CA LEU A 341 -101.73 29.39 -55.83
C LEU A 341 -100.85 28.83 -56.94
N GLU A 342 -101.42 28.57 -58.12
CA GLU A 342 -100.63 27.99 -59.20
C GLU A 342 -99.55 28.95 -59.66
N SER A 343 -99.85 30.25 -59.73
CA SER A 343 -98.85 31.23 -60.15
C SER A 343 -97.74 31.36 -59.12
N THR A 344 -98.10 31.41 -57.83
CA THR A 344 -97.07 31.51 -56.80
C THR A 344 -96.17 30.26 -56.78
N ILE A 345 -96.77 29.08 -56.92
CA ILE A 345 -95.98 27.85 -56.92
C ILE A 345 -95.11 27.76 -58.17
N ALA A 346 -95.61 28.26 -59.31
CA ALA A 346 -94.80 28.29 -60.52
C ALA A 346 -93.61 29.21 -60.35
N GLU A 347 -93.81 30.37 -59.70
CA GLU A 347 -92.69 31.27 -59.42
C GLU A 347 -91.67 30.59 -58.53
N THR A 348 -92.13 29.94 -57.45
CA THR A 348 -91.21 29.28 -56.53
C THR A 348 -90.47 28.13 -57.18
N GLN A 349 -91.08 27.48 -58.17
CA GLN A 349 -90.42 26.35 -58.83
C GLN A 349 -89.48 26.82 -59.94
N GLY A 350 -89.74 27.97 -60.55
CA GLY A 350 -88.89 28.49 -61.60
C GLY A 350 -87.67 29.23 -61.08
N SER A 351 -87.83 29.95 -59.96
CA SER A 351 -86.67 30.59 -59.36
C SER A 351 -85.62 29.57 -58.95
N LYS A 352 -86.06 28.40 -58.48
CA LYS A 352 -85.12 27.34 -58.14
C LYS A 352 -84.38 26.84 -59.37
N VAL A 353 -85.07 26.74 -60.51
CA VAL A 353 -84.40 26.29 -61.73
C VAL A 353 -83.37 27.32 -62.17
N VAL A 354 -83.68 28.61 -62.05
CA VAL A 354 -82.72 29.65 -62.41
C VAL A 354 -81.50 29.59 -61.50
N ILE A 355 -81.72 29.46 -60.20
CA ILE A 355 -80.62 29.39 -59.24
C ILE A 355 -79.77 28.15 -59.52
N ASP A 356 -80.40 27.03 -59.84
CA ASP A 356 -79.65 25.80 -60.16
C ASP A 356 -78.86 25.96 -61.44
N SER A 357 -79.40 26.69 -62.43
CA SER A 357 -78.64 26.95 -63.65
C SER A 357 -77.39 27.76 -63.35
N ILE A 358 -77.52 28.80 -62.51
CA ILE A 358 -76.36 29.60 -62.13
C ILE A 358 -75.34 28.73 -61.39
N ILE A 359 -75.82 27.91 -60.45
CA ILE A 359 -74.94 27.04 -59.68
C ILE A 359 -74.20 26.07 -60.59
N ASP A 360 -74.90 25.49 -61.56
CA ASP A 360 -74.28 24.54 -62.47
C ASP A 360 -73.26 25.22 -63.37
N ASN A 361 -73.55 26.45 -63.81
CA ASN A 361 -72.55 27.20 -64.58
C ASN A 361 -71.28 27.39 -63.77
N ILE A 362 -71.41 27.88 -62.54
CA ILE A 362 -70.23 28.19 -61.74
C ILE A 362 -69.47 26.91 -61.37
N VAL A 363 -70.19 25.81 -61.13
CA VAL A 363 -69.52 24.55 -60.80
C VAL A 363 -68.85 23.97 -62.05
N LYS A 364 -69.41 24.21 -63.23
CA LYS A 364 -68.89 23.62 -64.45
C LYS A 364 -67.62 24.32 -64.93
N LEU A 365 -67.66 25.65 -65.04
CA LEU A 365 -66.53 26.34 -65.64
C LEU A 365 -65.56 26.96 -64.65
N CYS A 366 -65.97 27.17 -63.39
CA CYS A 366 -65.12 27.84 -62.41
C CYS A 366 -64.53 26.90 -61.37
N PHE A 367 -65.28 25.89 -60.92
CA PHE A 367 -64.79 25.04 -59.84
C PHE A 367 -63.87 23.94 -60.36
N VAL A 368 -64.17 23.38 -61.53
CA VAL A 368 -63.37 22.26 -62.04
C VAL A 368 -61.97 22.71 -62.43
N HIS A 369 -61.82 23.96 -62.87
CA HIS A 369 -60.53 24.47 -63.31
C HIS A 369 -59.72 25.12 -62.20
N ARG A 370 -60.35 25.50 -61.09
CA ARG A 370 -59.69 26.24 -60.03
C ARG A 370 -59.42 25.38 -58.79
N TYR A 371 -59.48 24.07 -58.92
CA TYR A 371 -59.02 23.17 -57.86
C TYR A 371 -57.71 22.48 -58.23
N LYS A 372 -57.18 22.74 -59.43
CA LYS A 372 -55.86 22.30 -59.84
C LYS A 372 -54.92 23.49 -60.00
N ASP A 373 -55.20 24.59 -59.30
CA ASP A 373 -54.44 25.81 -59.43
C ASP A 373 -53.03 25.64 -58.86
N VAL A 374 -52.15 26.55 -59.25
CA VAL A 374 -50.76 26.48 -58.80
C VAL A 374 -50.56 27.18 -57.46
N SER A 375 -51.35 28.20 -57.15
CA SER A 375 -51.22 28.92 -55.89
C SER A 375 -51.93 28.18 -54.76
N ASP A 376 -51.35 28.24 -53.57
CA ASP A 376 -51.92 27.54 -52.43
C ASP A 376 -53.15 28.27 -51.88
N LEU A 377 -53.12 29.60 -51.86
CA LEU A 377 -54.23 30.36 -51.30
C LEU A 377 -55.48 30.22 -52.17
N ILE A 378 -55.32 30.25 -53.49
CA ILE A 378 -56.47 30.09 -54.38
C ILE A 378 -57.04 28.68 -54.26
N ARG A 379 -56.18 27.67 -54.25
CA ARG A 379 -56.65 26.29 -54.13
C ARG A 379 -57.32 26.04 -52.78
N SER A 380 -56.88 26.73 -51.73
CA SER A 380 -57.50 26.55 -50.42
C SER A 380 -58.82 27.30 -50.32
N GLU A 381 -58.90 28.50 -50.92
CA GLU A 381 -60.16 29.24 -50.94
C GLU A 381 -61.21 28.54 -51.81
N SER A 382 -60.77 27.78 -52.81
CA SER A 382 -61.72 27.01 -53.62
C SER A 382 -62.43 25.96 -52.79
N MET A 383 -61.73 25.35 -51.83
CA MET A 383 -62.30 24.31 -50.99
C MET A 383 -62.92 24.85 -49.72
N LEU A 384 -62.54 26.03 -49.27
CA LEU A 384 -63.07 26.57 -48.02
C LEU A 384 -64.57 26.82 -48.11
N HIS A 385 -65.01 27.52 -49.17
CA HIS A 385 -66.41 27.88 -49.30
C HIS A 385 -67.27 26.75 -49.84
N LEU A 386 -66.66 25.63 -50.27
CA LEU A 386 -67.43 24.46 -50.67
C LEU A 386 -68.17 23.85 -49.49
N SER A 387 -67.61 24.00 -48.28
CA SER A 387 -68.28 23.49 -47.09
C SER A 387 -69.63 24.15 -46.88
N ILE A 388 -69.72 25.45 -47.19
CA ILE A 388 -71.00 26.16 -47.05
C ILE A 388 -72.04 25.56 -47.99
N TRP A 389 -71.66 25.36 -49.26
CA TRP A 389 -72.60 24.81 -50.24
C TRP A 389 -73.03 23.40 -49.87
N ILE A 390 -72.10 22.60 -49.31
CA ILE A 390 -72.45 21.23 -48.95
C ILE A 390 -73.35 21.21 -47.71
N LYS A 391 -73.08 22.09 -46.74
CA LYS A 391 -73.91 22.15 -45.54
C LYS A 391 -75.33 22.63 -45.87
N ASN A 392 -75.45 23.58 -46.79
CA ASN A 392 -76.75 24.20 -47.04
C ASN A 392 -77.63 23.32 -47.95
N TYR A 393 -77.25 23.19 -49.22
CA TYR A 393 -78.09 22.52 -50.21
C TYR A 393 -77.71 21.06 -50.30
N PRO A 394 -78.56 20.12 -49.85
CA PRO A 394 -78.15 18.71 -49.85
C PRO A 394 -78.63 17.90 -51.04
N GLU A 395 -79.46 18.49 -51.90
CA GLU A 395 -80.00 17.72 -53.03
C GLU A 395 -78.98 17.55 -54.15
N TYR A 396 -78.28 18.63 -54.51
CA TYR A 396 -77.33 18.60 -55.62
C TYR A 396 -75.89 18.77 -55.14
N PHE A 397 -75.62 18.41 -53.89
CA PHE A 397 -74.28 18.51 -53.34
C PHE A 397 -73.93 17.27 -52.51
N LEU A 398 -74.84 16.88 -51.60
CA LEU A 398 -74.62 15.71 -50.74
C LEU A 398 -74.77 14.45 -51.58
N LYS A 399 -73.69 14.11 -52.30
CA LYS A 399 -73.66 12.93 -53.15
C LYS A 399 -72.30 12.26 -52.99
N VAL A 400 -72.12 11.14 -53.70
CA VAL A 400 -70.83 10.48 -53.72
C VAL A 400 -69.92 11.07 -54.81
N THR A 401 -70.49 11.53 -55.92
CA THR A 401 -69.70 12.14 -56.99
C THR A 401 -69.20 13.53 -56.61
N PHE A 402 -69.83 14.19 -55.66
CA PHE A 402 -69.42 15.52 -55.24
C PHE A 402 -68.51 15.53 -54.03
N LEU A 403 -68.46 14.43 -53.28
CA LEU A 403 -67.54 14.29 -52.15
C LEU A 403 -66.22 13.64 -52.55
N LYS A 404 -65.99 13.44 -53.85
CA LYS A 404 -64.73 12.85 -54.31
C LYS A 404 -63.59 13.86 -54.33
N TYR A 405 -63.90 15.16 -54.36
CA TYR A 405 -62.84 16.17 -54.40
C TYR A 405 -62.09 16.25 -53.08
N PHE A 406 -62.76 15.97 -51.96
CA PHE A 406 -62.08 15.95 -50.67
C PHE A 406 -61.09 14.79 -50.59
N GLY A 407 -61.54 13.58 -50.97
CA GLY A 407 -60.63 12.45 -51.04
C GLY A 407 -59.55 12.66 -52.08
N TRP A 408 -59.81 13.48 -53.09
CA TRP A 408 -58.79 13.85 -54.06
C TRP A 408 -57.70 14.69 -53.42
N LEU A 409 -58.08 15.84 -52.86
CA LEU A 409 -57.12 16.79 -52.30
C LEU A 409 -56.66 16.42 -50.90
N LEU A 410 -57.06 15.25 -50.38
CA LEU A 410 -56.52 14.79 -49.10
C LEU A 410 -55.00 14.67 -49.15
N SER A 411 -54.45 14.26 -50.29
CA SER A 411 -53.01 14.17 -50.49
C SER A 411 -52.63 15.19 -51.56
N ASP A 412 -52.40 16.43 -51.13
CA ASP A 412 -52.04 17.52 -52.02
C ASP A 412 -50.56 17.87 -51.82
N ASN A 413 -49.96 18.43 -52.86
CA ASN A 413 -48.55 18.82 -52.77
C ASN A 413 -48.35 19.99 -51.81
N SER A 414 -49.30 20.94 -51.81
CA SER A 414 -49.19 22.09 -50.93
C SER A 414 -49.50 21.69 -49.48
N VAL A 415 -49.20 22.62 -48.57
CA VAL A 415 -49.37 22.37 -47.14
C VAL A 415 -50.66 23.01 -46.62
N SER A 416 -50.98 24.21 -47.08
CA SER A 416 -52.15 24.93 -46.56
C SER A 416 -53.47 24.37 -47.08
N VAL A 417 -53.44 23.40 -47.99
CA VAL A 417 -54.67 22.81 -48.49
C VAL A 417 -55.18 21.73 -47.54
N ARG A 418 -54.29 20.83 -47.12
CA ARG A 418 -54.67 19.76 -46.21
C ARG A 418 -55.21 20.30 -44.90
N LEU A 419 -54.71 21.45 -44.44
CA LEU A 419 -55.20 22.03 -43.20
C LEU A 419 -56.69 22.35 -43.29
N GLN A 420 -57.08 23.09 -44.34
CA GLN A 420 -58.50 23.42 -44.51
C GLN A 420 -59.33 22.18 -44.80
N VAL A 421 -58.77 21.22 -45.55
CA VAL A 421 -59.51 20.00 -45.86
C VAL A 421 -59.84 19.25 -44.57
N THR A 422 -58.85 19.05 -43.70
CA THR A 422 -59.06 18.33 -42.45
C THR A 422 -59.78 19.16 -41.39
N LYS A 423 -59.84 20.48 -41.57
CA LYS A 423 -60.71 21.29 -40.71
C LYS A 423 -62.16 21.20 -41.15
N ILE A 424 -62.42 21.02 -42.44
CA ILE A 424 -63.79 20.93 -42.93
C ILE A 424 -64.34 19.52 -42.76
N LEU A 425 -63.50 18.49 -42.87
CA LEU A 425 -63.98 17.11 -42.82
C LEU A 425 -64.83 16.75 -41.61
N PRO A 426 -64.49 17.13 -40.38
CA PRO A 426 -65.35 16.74 -39.24
C PRO A 426 -66.77 17.30 -39.32
N HIS A 427 -66.98 18.39 -40.05
CA HIS A 427 -68.32 18.95 -40.16
C HIS A 427 -69.26 18.09 -41.00
N LEU A 428 -68.72 17.21 -41.85
CA LEU A 428 -69.56 16.33 -42.66
C LEU A 428 -70.16 15.22 -41.81
N ILE A 429 -69.39 14.69 -40.86
CA ILE A 429 -69.88 13.60 -40.03
C ILE A 429 -70.87 14.06 -38.98
N ILE A 430 -71.00 15.37 -38.77
CA ILE A 430 -71.98 15.88 -37.83
C ILE A 430 -73.40 15.62 -38.33
N GLN A 431 -73.59 15.64 -39.65
CA GLN A 431 -74.92 15.45 -40.22
C GLN A 431 -75.45 14.03 -40.02
N ASN A 432 -74.55 13.05 -39.99
CA ASN A 432 -74.96 11.66 -39.81
C ASN A 432 -74.49 11.11 -38.47
N SER A 441 -74.65 5.09 -45.78
CA SER A 441 -75.09 4.60 -47.08
C SER A 441 -74.64 5.55 -48.20
N ALA A 442 -74.95 6.83 -48.03
CA ALA A 442 -74.55 7.85 -48.98
C ALA A 442 -73.22 8.49 -48.62
N ILE A 443 -73.03 8.80 -47.33
CA ILE A 443 -71.77 9.38 -46.88
C ILE A 443 -70.77 8.30 -46.46
N ARG A 444 -71.27 7.15 -45.99
CA ARG A 444 -70.38 6.07 -45.58
C ARG A 444 -69.49 5.60 -46.72
N GLN A 445 -69.94 5.73 -47.97
CA GLN A 445 -69.18 5.22 -49.09
C GLN A 445 -67.92 6.03 -49.38
N VAL A 446 -67.80 7.24 -48.84
CA VAL A 446 -66.59 8.03 -49.02
C VAL A 446 -65.52 7.59 -48.03
N PHE A 447 -65.89 7.49 -46.75
CA PHE A 447 -64.95 7.03 -45.73
C PHE A 447 -64.55 5.58 -45.99
N GLU A 448 -65.51 4.73 -46.35
CA GLU A 448 -65.22 3.31 -46.61
C GLU A 448 -64.16 3.13 -47.68
N ARG A 449 -63.89 4.15 -48.49
CA ARG A 449 -62.88 4.09 -49.53
C ARG A 449 -61.62 4.88 -49.21
N PHE A 450 -61.73 5.98 -48.46
CA PHE A 450 -60.58 6.84 -48.20
C PHE A 450 -60.09 6.80 -46.76
N LYS A 451 -60.55 5.85 -45.95
CA LYS A 451 -60.09 5.80 -44.57
C LYS A 451 -58.63 5.36 -44.48
N THR A 452 -58.15 4.56 -45.44
CA THR A 452 -56.74 4.21 -45.45
C THR A 452 -55.87 5.41 -45.80
N LYS A 453 -56.33 6.24 -46.74
CA LYS A 453 -55.65 7.50 -47.02
C LYS A 453 -55.64 8.40 -45.80
N ILE A 454 -56.75 8.42 -45.05
CA ILE A 454 -56.81 9.21 -43.82
C ILE A 454 -55.83 8.67 -42.79
N LEU A 455 -55.68 7.35 -42.70
CA LEU A 455 -54.69 6.77 -41.80
C LEU A 455 -53.28 7.18 -42.20
N GLU A 456 -52.98 7.13 -43.50
CA GLU A 456 -51.68 7.57 -43.99
C GLU A 456 -51.40 9.01 -43.60
N VAL A 457 -52.39 9.89 -43.78
CA VAL A 457 -52.20 11.31 -43.45
C VAL A 457 -52.07 11.50 -41.95
N ALA A 458 -52.79 10.70 -41.16
CA ALA A 458 -52.76 10.85 -39.71
C ALA A 458 -51.44 10.38 -39.13
N ILE A 459 -50.80 9.38 -39.75
CA ILE A 459 -49.55 8.86 -39.23
C ILE A 459 -48.36 9.53 -39.90
N ARG A 460 -48.15 9.21 -41.19
CA ARG A 460 -46.92 9.62 -41.87
C ARG A 460 -47.16 10.78 -42.83
N ASP A 461 -47.57 11.93 -42.29
CA ASP A 461 -47.74 13.13 -43.09
C ASP A 461 -46.51 14.03 -42.99
N VAL A 462 -46.34 14.88 -43.99
CA VAL A 462 -45.21 15.82 -43.99
C VAL A 462 -45.40 16.87 -42.89
N ASN A 463 -46.48 17.62 -42.96
CA ASN A 463 -46.74 18.67 -41.99
C ASN A 463 -47.25 18.07 -40.68
N LEU A 464 -46.97 18.77 -39.57
CA LEU A 464 -47.34 18.29 -38.25
C LEU A 464 -48.70 18.80 -37.79
N ASP A 465 -49.19 19.92 -38.35
CA ASP A 465 -50.48 20.47 -37.96
C ASP A 465 -51.66 19.79 -38.65
N VAL A 466 -51.40 18.86 -39.57
CA VAL A 466 -52.47 18.18 -40.28
C VAL A 466 -52.93 16.94 -39.53
N ARG A 467 -52.00 16.25 -38.87
CA ARG A 467 -52.34 15.02 -38.15
C ARG A 467 -53.35 15.28 -37.04
N ILE A 468 -53.33 16.48 -36.45
CA ILE A 468 -54.27 16.82 -35.39
C ILE A 468 -55.71 16.71 -35.89
N HIS A 469 -56.03 17.43 -36.97
CA HIS A 469 -57.37 17.37 -37.52
C HIS A 469 -57.66 16.04 -38.21
N SER A 470 -56.64 15.34 -38.69
CA SER A 470 -56.85 14.00 -39.22
C SER A 470 -57.37 13.07 -38.13
N ILE A 471 -56.76 13.13 -36.94
CA ILE A 471 -57.24 12.32 -35.83
C ILE A 471 -58.56 12.87 -35.30
N GLN A 472 -58.81 14.16 -35.47
CA GLN A 472 -60.13 14.70 -35.14
C GLN A 472 -61.22 14.07 -36.02
N VAL A 473 -60.91 13.85 -37.30
CA VAL A 473 -61.84 13.14 -38.18
C VAL A 473 -61.95 11.68 -37.75
N LEU A 474 -60.81 11.05 -37.45
CA LEU A 474 -60.81 9.66 -37.01
C LEU A 474 -61.63 9.48 -35.73
N THR A 475 -61.77 10.54 -34.94
CA THR A 475 -62.61 10.48 -33.75
C THR A 475 -64.04 10.09 -34.09
N GLU A 476 -64.70 10.89 -34.95
CA GLU A 476 -66.05 10.55 -35.37
C GLU A 476 -66.09 9.29 -36.23
N ALA A 477 -64.99 9.00 -36.94
CA ALA A 477 -64.93 7.76 -37.70
C ALA A 477 -65.06 6.55 -36.78
N SER A 478 -64.30 6.53 -35.69
CA SER A 478 -64.43 5.45 -34.70
C SER A 478 -65.75 5.53 -33.95
N SER A 479 -66.31 6.74 -33.83
CA SER A 479 -67.61 6.89 -33.17
C SER A 479 -68.70 6.17 -33.96
N LEU A 480 -68.73 6.38 -35.27
CA LEU A 480 -69.75 5.75 -36.12
C LEU A 480 -69.41 4.31 -36.49
N GLY A 481 -68.26 3.80 -36.09
CA GLY A 481 -67.93 2.41 -36.35
C GLY A 481 -67.41 2.11 -37.73
N TYR A 482 -66.99 3.12 -38.48
CA TYR A 482 -66.43 2.89 -39.80
C TYR A 482 -65.04 2.26 -39.74
N LEU A 483 -64.37 2.37 -38.60
CA LEU A 483 -63.02 1.84 -38.44
C LEU A 483 -63.07 0.41 -37.92
N ASP A 484 -62.22 -0.45 -38.48
CA ASP A 484 -62.17 -1.84 -38.08
C ASP A 484 -61.29 -2.01 -36.84
N ASP A 485 -61.39 -3.17 -36.20
CA ASP A 485 -60.62 -3.42 -34.99
C ASP A 485 -59.12 -3.52 -35.27
N SER A 486 -58.74 -3.96 -36.48
CA SER A 486 -57.33 -4.03 -36.82
C SER A 486 -56.73 -2.66 -37.11
N GLU A 487 -57.55 -1.72 -37.58
CA GLU A 487 -57.09 -0.38 -37.90
C GLU A 487 -57.02 0.53 -36.68
N ILE A 488 -57.60 0.14 -35.55
CA ILE A 488 -57.52 0.95 -34.35
C ILE A 488 -56.14 0.88 -33.71
N LEU A 489 -55.52 -0.31 -33.74
CA LEU A 489 -54.21 -0.50 -33.15
C LEU A 489 -53.13 0.29 -33.86
N ILE A 490 -53.35 0.68 -35.12
CA ILE A 490 -52.35 1.44 -35.84
C ILE A 490 -52.33 2.89 -35.36
N ILE A 491 -53.47 3.43 -34.95
CA ILE A 491 -53.53 4.80 -34.45
C ILE A 491 -53.35 4.87 -32.93
N SER A 492 -53.66 3.80 -32.21
CA SER A 492 -53.52 3.82 -30.75
C SER A 492 -52.06 3.91 -30.32
N SER A 493 -51.14 3.38 -31.13
CA SER A 493 -49.71 3.43 -30.78
C SER A 493 -49.07 4.77 -31.10
N LEU A 494 -49.84 5.75 -31.59
CA LEU A 494 -49.30 7.08 -31.81
C LEU A 494 -49.04 7.83 -30.51
N MET A 495 -49.58 7.34 -29.38
CA MET A 495 -49.25 7.91 -28.07
C MET A 495 -47.78 7.70 -27.70
N PHE A 496 -47.04 6.92 -28.47
CA PHE A 496 -45.64 6.65 -28.17
C PHE A 496 -44.74 7.10 -29.31
N ASP A 497 -44.73 8.40 -29.58
CA ASP A 497 -43.86 8.95 -30.61
C ASP A 497 -42.39 8.82 -30.20
N GLU A 498 -41.52 8.66 -31.19
CA GLU A 498 -40.11 8.42 -30.92
C GLU A 498 -39.41 9.61 -30.27
N GLU A 499 -40.00 10.80 -30.35
CA GLU A 499 -39.42 11.98 -29.72
C GLU A 499 -39.67 11.94 -28.22
N PHE A 500 -38.60 12.01 -27.42
CA PHE A 500 -38.70 12.03 -25.97
C PHE A 500 -38.44 13.46 -25.51
N ASP A 501 -39.47 14.09 -24.94
CA ASP A 501 -39.38 15.43 -24.37
C ASP A 501 -38.65 16.43 -25.29
N PRO A 502 -39.19 16.72 -26.48
CA PRO A 502 -38.53 17.68 -27.36
C PRO A 502 -38.89 19.13 -27.02
N PHE A 503 -40.14 19.35 -26.62
CA PHE A 503 -40.61 20.70 -26.28
C PHE A 503 -40.84 20.83 -24.79
N LYS A 504 -42.10 20.98 -24.39
CA LYS A 504 -42.45 21.12 -22.98
C LYS A 504 -43.82 20.53 -22.74
N THR A 505 -44.19 20.43 -21.46
CA THR A 505 -45.45 19.82 -21.06
C THR A 505 -46.38 20.79 -20.36
N SER A 506 -45.86 21.57 -19.39
CA SER A 506 -46.72 22.46 -18.62
C SER A 506 -47.22 23.65 -19.44
N SER A 507 -46.52 24.01 -20.51
CA SER A 507 -46.90 25.16 -21.33
C SER A 507 -47.87 24.79 -22.46
N PHE A 508 -48.25 23.52 -22.58
CA PHE A 508 -49.17 23.04 -23.61
C PHE A 508 -48.64 23.38 -25.00
N ASN A 509 -47.54 22.73 -25.34
CA ASN A 509 -46.81 23.03 -26.57
C ASN A 509 -47.36 22.24 -27.76
N LYS A 510 -46.51 22.01 -28.75
CA LYS A 510 -46.92 21.29 -29.95
C LYS A 510 -47.13 19.81 -29.69
N ARG A 511 -46.35 19.24 -28.77
CA ARG A 511 -46.49 17.83 -28.41
C ARG A 511 -47.71 17.58 -27.54
N SER A 512 -48.36 18.63 -27.03
CA SER A 512 -49.52 18.44 -26.15
C SER A 512 -50.79 18.18 -26.94
N LYS A 513 -51.05 18.98 -27.98
CA LYS A 513 -52.28 18.86 -28.74
C LYS A 513 -52.39 17.51 -29.42
N PHE A 514 -51.27 16.97 -29.89
CA PHE A 514 -51.26 15.67 -30.54
C PHE A 514 -51.74 14.57 -29.59
N LEU A 515 -51.12 14.48 -28.41
CA LEU A 515 -51.52 13.46 -27.45
C LEU A 515 -52.94 13.69 -26.94
N SER A 516 -53.34 14.96 -26.80
CA SER A 516 -54.72 15.24 -26.39
C SER A 516 -55.71 14.73 -27.41
N THR A 517 -55.44 14.94 -28.70
CA THR A 517 -56.34 14.45 -29.74
C THR A 517 -56.35 12.93 -29.79
N VAL A 518 -55.19 12.29 -29.59
CA VAL A 518 -55.16 10.83 -29.61
C VAL A 518 -55.93 10.26 -28.43
N ALA A 519 -55.85 10.90 -27.27
CA ALA A 519 -56.64 10.45 -26.12
C ALA A 519 -58.13 10.68 -26.35
N LYS A 520 -58.49 11.81 -26.96
CA LYS A 520 -59.88 12.06 -27.32
C LYS A 520 -60.39 10.99 -28.28
N PHE A 521 -59.54 10.53 -29.19
CA PHE A 521 -59.90 9.43 -30.08
C PHE A 521 -60.08 8.12 -29.30
N LEU A 522 -59.15 7.83 -28.38
CA LEU A 522 -59.23 6.58 -27.62
C LEU A 522 -60.46 6.52 -26.73
N ALA A 523 -60.95 7.68 -26.28
CA ALA A 523 -62.13 7.70 -25.42
C ALA A 523 -63.35 7.09 -26.09
N ARG A 524 -63.56 7.40 -27.38
CA ARG A 524 -64.71 6.85 -28.10
C ARG A 524 -64.60 5.34 -28.24
N VAL A 525 -63.41 4.82 -28.53
CA VAL A 525 -63.23 3.38 -28.63
C VAL A 525 -63.46 2.72 -27.28
N ILE A 526 -62.99 3.35 -26.20
CA ILE A 526 -63.22 2.83 -24.85
C ILE A 526 -64.72 2.71 -24.60
N LYS A 527 -65.48 3.78 -24.88
CA LYS A 527 -66.91 3.75 -24.61
C LYS A 527 -67.63 2.76 -25.51
N GLU A 528 -67.20 2.64 -26.77
CA GLU A 528 -67.79 1.67 -27.68
C GLU A 528 -67.65 0.25 -27.16
N LYS A 529 -66.42 -0.15 -26.84
CA LYS A 529 -66.21 -1.50 -26.33
C LYS A 529 -66.88 -1.70 -24.97
N PHE A 530 -66.94 -0.65 -24.14
CA PHE A 530 -67.62 -0.74 -22.87
C PHE A 530 -69.09 -1.07 -23.05
N ASP A 531 -69.78 -0.33 -23.92
CA ASP A 531 -71.20 -0.59 -24.13
C ASP A 531 -71.44 -1.88 -24.89
N GLU A 532 -70.46 -2.32 -25.70
CA GLU A 532 -70.66 -3.53 -26.49
C GLU A 532 -70.41 -4.80 -25.68
N PHE A 533 -69.55 -4.73 -24.66
CA PHE A 533 -69.24 -5.92 -23.87
C PHE A 533 -70.31 -6.25 -22.84
N ILE A 534 -71.19 -5.30 -22.51
CA ILE A 534 -72.21 -5.54 -21.49
C ILE A 534 -73.30 -6.46 -22.04
N LYS A 535 -73.67 -6.28 -23.31
CA LYS A 535 -74.74 -7.08 -23.89
C LYS A 535 -74.28 -8.46 -24.35
N THR A 536 -72.97 -8.65 -24.53
CA THR A 536 -72.47 -9.93 -25.01
C THR A 536 -72.38 -10.95 -23.87
N HIS A 537 -71.84 -10.55 -22.73
CA HIS A 537 -71.68 -11.42 -21.58
C HIS A 537 -72.58 -10.93 -20.44
N GLU A 538 -73.13 -11.88 -19.69
CA GLU A 538 -74.09 -11.56 -18.64
C GLU A 538 -73.39 -11.02 -17.39
N ASP A 539 -74.11 -10.17 -16.66
CA ASP A 539 -73.61 -9.57 -15.43
C ASP A 539 -74.03 -10.41 -14.24
N LEU A 540 -73.07 -10.73 -13.38
CA LEU A 540 -73.35 -11.49 -12.17
C LEU A 540 -74.04 -10.61 -11.13
N PRO A 541 -74.76 -11.21 -10.18
CA PRO A 541 -75.56 -10.39 -9.25
C PRO A 541 -74.74 -9.40 -8.43
N LYS A 542 -73.65 -9.85 -7.82
CA LYS A 542 -72.88 -9.00 -6.90
C LYS A 542 -71.44 -8.88 -7.37
N GLU A 543 -70.69 -8.02 -6.68
CA GLU A 543 -69.25 -7.87 -6.90
C GLU A 543 -68.53 -7.68 -5.57
N VAL A 544 -67.70 -6.65 -5.48
CA VAL A 544 -66.98 -6.35 -4.24
C VAL A 544 -67.98 -5.86 -3.20
N ASP A 545 -68.47 -4.64 -3.36
CA ASP A 545 -69.46 -4.04 -2.48
C ASP A 545 -70.62 -3.53 -3.32
N GLY A 546 -71.79 -4.10 -3.11
CA GLY A 546 -72.95 -3.73 -3.90
C GLY A 546 -72.81 -4.09 -5.36
N LEU A 547 -72.71 -3.08 -6.22
CA LEU A 547 -72.54 -3.30 -7.65
C LEU A 547 -71.83 -2.11 -8.26
N GLU A 548 -70.62 -2.33 -8.76
CA GLU A 548 -69.87 -1.29 -9.47
C GLU A 548 -69.92 -1.59 -10.97
N VAL A 549 -71.09 -1.31 -11.54
CA VAL A 549 -71.34 -1.64 -12.94
C VAL A 549 -70.49 -0.78 -13.87
N GLY A 550 -70.23 0.47 -13.50
CA GLY A 550 -69.55 1.39 -14.37
C GLY A 550 -68.05 1.22 -14.43
N PRO A 551 -67.35 1.62 -13.36
CA PRO A 551 -65.88 1.70 -13.43
C PRO A 551 -65.20 0.36 -13.60
N VAL A 552 -65.76 -0.72 -13.06
CA VAL A 552 -65.06 -2.02 -13.10
C VAL A 552 -64.87 -2.49 -14.53
N VAL A 553 -65.95 -2.53 -15.31
CA VAL A 553 -65.84 -2.96 -16.70
C VAL A 553 -65.06 -1.94 -17.52
N GLN A 554 -65.19 -0.65 -17.19
CA GLN A 554 -64.55 0.39 -17.97
C GLN A 554 -63.04 0.46 -17.72
N VAL A 555 -62.56 -0.17 -16.65
CA VAL A 555 -61.13 -0.21 -16.37
C VAL A 555 -60.56 -1.57 -16.76
N GLY A 556 -61.37 -2.62 -16.61
CA GLY A 556 -60.88 -3.96 -16.92
C GLY A 556 -60.43 -4.11 -18.37
N ILE A 557 -61.15 -3.46 -19.29
CA ILE A 557 -60.74 -3.51 -20.69
C ILE A 557 -59.65 -2.48 -20.97
N PHE A 558 -59.60 -1.40 -20.19
CA PHE A 558 -58.56 -0.39 -20.35
C PHE A 558 -57.17 -0.95 -20.14
N ILE A 559 -57.04 -2.05 -19.39
CA ILE A 559 -55.74 -2.65 -19.16
C ILE A 559 -55.20 -3.29 -20.44
N LYS A 560 -56.08 -3.94 -21.21
CA LYS A 560 -55.64 -4.51 -22.48
C LYS A 560 -55.26 -3.44 -23.49
N ILE A 561 -55.94 -2.30 -23.45
CA ILE A 561 -55.80 -1.29 -24.50
C ILE A 561 -54.37 -0.75 -24.54
N LEU A 562 -53.91 -0.20 -23.41
CA LEU A 562 -52.60 0.43 -23.38
C LEU A 562 -51.47 -0.56 -23.62
N ASN A 563 -51.61 -1.78 -23.08
CA ASN A 563 -50.55 -2.76 -23.26
C ASN A 563 -50.47 -3.23 -24.71
N ASP A 564 -51.62 -3.41 -25.36
CA ASP A 564 -51.59 -3.77 -26.79
C ASP A 564 -51.08 -2.62 -27.63
N SER A 565 -51.40 -1.38 -27.26
CA SER A 565 -50.88 -0.23 -27.99
C SER A 565 -49.37 -0.13 -27.84
N LEU A 566 -48.85 -0.51 -26.67
CA LEU A 566 -47.41 -0.52 -26.46
C LEU A 566 -46.75 -1.63 -27.26
N ILE A 567 -47.33 -2.83 -27.25
CA ILE A 567 -46.74 -3.96 -27.95
C ILE A 567 -46.75 -3.73 -29.46
N TYR A 568 -47.82 -3.12 -29.98
CA TYR A 568 -47.90 -2.88 -31.42
C TYR A 568 -46.80 -1.96 -31.91
N HIS A 569 -46.37 -1.01 -31.08
CA HIS A 569 -45.30 -0.10 -31.46
C HIS A 569 -43.91 -0.62 -31.09
N LEU A 570 -43.81 -1.50 -30.10
CA LEU A 570 -42.53 -2.07 -29.72
C LEU A 570 -42.14 -3.27 -30.57
N LYS A 571 -43.11 -3.91 -31.24
CA LYS A 571 -42.78 -4.99 -32.16
C LYS A 571 -42.06 -4.47 -33.40
N ASP A 572 -42.40 -3.26 -33.85
CA ASP A 572 -41.79 -2.70 -35.05
C ASP A 572 -40.42 -2.11 -34.74
N CYS A 573 -40.35 -1.15 -33.82
CA CYS A 573 -39.11 -0.48 -33.51
C CYS A 573 -38.16 -1.42 -32.77
N ALA A 574 -36.89 -1.00 -32.68
CA ALA A 574 -35.88 -1.79 -32.02
C ALA A 574 -36.14 -1.89 -30.52
N GLU A 575 -35.55 -2.91 -29.91
CA GLU A 575 -35.76 -3.14 -28.48
C GLU A 575 -35.02 -2.11 -27.66
N VAL A 576 -35.72 -1.51 -26.69
CA VAL A 576 -35.12 -0.58 -25.74
C VAL A 576 -35.37 -1.12 -24.33
N ASP A 577 -34.60 -0.59 -23.39
CA ASP A 577 -34.68 -1.06 -22.01
C ASP A 577 -35.94 -0.53 -21.34
N SER A 578 -36.25 -1.10 -20.16
CA SER A 578 -37.47 -0.74 -19.45
C SER A 578 -37.44 0.69 -18.95
N ARG A 579 -36.25 1.23 -18.68
CA ARG A 579 -36.15 2.62 -18.25
C ARG A 579 -36.61 3.58 -19.34
N THR A 580 -36.39 3.23 -20.60
CA THR A 580 -36.90 4.02 -21.71
C THR A 580 -38.36 3.74 -22.01
N LYS A 581 -38.90 2.63 -21.51
CA LYS A 581 -40.32 2.33 -21.69
C LYS A 581 -41.18 3.06 -20.67
N ILE A 582 -40.70 3.14 -19.42
CA ILE A 582 -41.48 3.79 -18.36
C ILE A 582 -41.69 5.27 -18.67
N ARG A 583 -40.66 5.95 -19.16
CA ARG A 583 -40.78 7.38 -19.45
C ARG A 583 -41.81 7.64 -20.55
N MET A 584 -41.79 6.83 -21.61
CA MET A 584 -42.75 7.03 -22.69
C MET A 584 -44.16 6.67 -22.23
N LEU A 585 -44.30 5.62 -21.44
CA LEU A 585 -45.62 5.26 -20.92
C LEU A 585 -46.17 6.35 -20.03
N THR A 586 -45.32 7.01 -19.25
CA THR A 586 -45.77 8.11 -18.41
C THR A 586 -46.12 9.34 -19.25
N GLN A 587 -45.29 9.66 -20.24
CA GLN A 587 -45.60 10.76 -21.15
C GLN A 587 -46.94 10.54 -21.85
N ALA A 588 -47.28 9.29 -22.15
CA ALA A 588 -48.58 8.99 -22.75
C ALA A 588 -49.70 9.09 -21.72
N ALA A 589 -49.55 8.42 -20.58
CA ALA A 589 -50.59 8.37 -19.56
C ALA A 589 -50.85 9.71 -18.90
N GLU A 590 -49.98 10.70 -19.09
CA GLU A 590 -50.26 12.04 -18.55
C GLU A 590 -51.56 12.60 -19.10
N PHE A 591 -51.80 12.42 -20.40
CA PHE A 591 -52.97 13.01 -21.05
C PHE A 591 -54.23 12.18 -20.91
N LEU A 592 -54.12 10.94 -20.43
CA LEU A 592 -55.29 10.12 -20.16
C LEU A 592 -55.97 10.46 -18.84
N SER A 593 -55.46 11.44 -18.10
CA SER A 593 -56.02 11.77 -16.80
C SER A 593 -57.47 12.27 -16.88
N PRO A 594 -57.83 13.23 -17.73
CA PRO A 594 -59.21 13.74 -17.70
C PRO A 594 -60.26 12.74 -18.14
N TYR A 595 -59.86 11.65 -18.79
CA TYR A 595 -60.83 10.70 -19.34
C TYR A 595 -61.10 9.51 -18.43
N ILE A 596 -60.21 9.22 -17.48
CA ILE A 596 -60.48 8.23 -16.45
C ILE A 596 -60.29 8.92 -15.10
N SER A 597 -60.95 10.06 -14.92
CA SER A 597 -60.78 10.85 -13.69
C SER A 597 -61.73 10.42 -12.58
N THR A 598 -62.92 9.94 -12.92
CA THR A 598 -63.89 9.54 -11.92
C THR A 598 -63.83 8.05 -11.59
N HIS A 599 -63.26 7.23 -12.48
CA HIS A 599 -63.23 5.79 -12.28
C HIS A 599 -61.97 5.30 -11.57
N LEU A 600 -60.90 6.11 -11.57
CA LEU A 600 -59.64 5.70 -10.96
C LEU A 600 -59.78 5.33 -9.49
N LYS A 601 -60.86 5.77 -8.84
CA LYS A 601 -61.14 5.35 -7.47
C LYS A 601 -61.06 3.84 -7.32
N THR A 602 -61.56 3.10 -8.32
CA THR A 602 -61.55 1.65 -8.23
C THR A 602 -60.15 1.07 -8.49
N ILE A 603 -59.32 1.77 -9.27
CA ILE A 603 -58.01 1.24 -9.65
C ILE A 603 -57.18 0.93 -8.42
N CYS A 604 -57.20 1.81 -7.42
CA CYS A 604 -56.49 1.55 -6.18
C CYS A 604 -56.93 0.23 -5.56
N ASN A 605 -58.24 -0.01 -5.52
CA ASN A 605 -58.75 -1.25 -4.96
C ASN A 605 -58.32 -2.47 -5.76
N LEU A 606 -57.96 -2.29 -7.03
CA LEU A 606 -57.44 -3.39 -7.82
C LEU A 606 -56.06 -3.84 -7.34
N LEU A 607 -55.30 -2.96 -6.68
CA LEU A 607 -53.98 -3.33 -6.20
C LEU A 607 -54.05 -4.20 -4.96
N ILE A 608 -55.13 -4.08 -4.17
CA ILE A 608 -55.35 -4.94 -3.03
C ILE A 608 -56.29 -6.05 -3.45
N SER A 609 -55.79 -7.00 -4.25
CA SER A 609 -56.62 -8.03 -4.88
C SER A 609 -56.92 -9.15 -3.89
N ASP A 610 -57.75 -8.81 -2.90
CA ASP A 610 -58.30 -9.82 -2.00
C ASP A 610 -59.60 -10.41 -2.53
N THR A 611 -60.42 -9.57 -3.17
CA THR A 611 -61.62 -10.02 -3.84
C THR A 611 -61.27 -10.58 -5.22
N GLU A 612 -62.18 -11.41 -5.75
CA GLU A 612 -61.95 -12.08 -7.03
C GLU A 612 -63.19 -11.97 -7.90
N SER A 613 -62.98 -12.16 -9.20
CA SER A 613 -64.05 -12.23 -10.18
C SER A 613 -63.60 -13.13 -11.32
N ASN A 614 -64.56 -13.77 -11.97
CA ASN A 614 -64.29 -14.79 -12.97
C ASN A 614 -64.34 -14.21 -14.39
N GLU A 615 -63.68 -14.91 -15.30
CA GLU A 615 -63.69 -14.58 -16.71
C GLU A 615 -63.87 -15.86 -17.51
N LEU A 616 -64.76 -15.83 -18.50
CA LEU A 616 -65.00 -16.97 -19.35
C LEU A 616 -64.03 -16.96 -20.52
N ILE A 617 -63.71 -18.15 -21.02
CA ILE A 617 -62.75 -18.33 -22.12
C ILE A 617 -61.40 -17.73 -21.77
N PRO A 645 -54.18 -7.19 -12.37
CA PRO A 645 -53.05 -7.14 -11.44
C PRO A 645 -52.87 -8.46 -10.68
N ILE A 646 -52.54 -9.52 -11.41
CA ILE A 646 -52.36 -10.84 -10.81
C ILE A 646 -50.88 -11.08 -10.57
N ASP A 647 -50.12 -11.26 -11.65
CA ASP A 647 -48.69 -11.50 -11.54
C ASP A 647 -47.95 -10.18 -11.33
N ARG A 648 -46.63 -10.29 -11.11
CA ARG A 648 -45.84 -9.11 -10.79
C ARG A 648 -45.54 -8.28 -12.04
N ASN A 649 -45.24 -8.93 -13.17
CA ASN A 649 -44.96 -8.19 -14.40
C ASN A 649 -46.16 -7.40 -14.89
N SER A 650 -47.38 -7.80 -14.51
CA SER A 650 -48.56 -7.02 -14.88
C SER A 650 -48.80 -5.88 -13.88
N THR A 651 -48.57 -6.14 -12.59
CA THR A 651 -48.73 -5.09 -11.60
C THR A 651 -47.71 -3.97 -11.77
N ILE A 652 -46.53 -4.28 -12.33
CA ILE A 652 -45.55 -3.24 -12.61
C ILE A 652 -46.13 -2.22 -13.58
N LEU A 653 -46.66 -2.70 -14.71
CA LEU A 653 -47.27 -1.81 -15.70
C LEU A 653 -48.50 -1.12 -15.12
N TYR A 654 -49.29 -1.85 -14.32
CA TYR A 654 -50.42 -1.25 -13.60
C TYR A 654 -49.98 0.00 -12.84
N LEU A 655 -48.99 -0.17 -11.95
CA LEU A 655 -48.53 0.92 -11.11
C LEU A 655 -47.93 2.05 -11.94
N ASN A 656 -47.17 1.71 -12.99
CA ASN A 656 -46.55 2.75 -13.79
C ASN A 656 -47.60 3.60 -14.50
N VAL A 657 -48.62 2.97 -15.08
CA VAL A 657 -49.69 3.72 -15.73
C VAL A 657 -50.41 4.59 -14.72
N PHE A 658 -50.78 4.01 -13.57
CA PHE A 658 -51.54 4.77 -12.58
C PHE A 658 -50.76 5.98 -12.08
N HIS A 659 -49.47 5.79 -11.77
CA HIS A 659 -48.68 6.87 -11.21
C HIS A 659 -48.14 7.83 -12.26
N GLY A 660 -48.23 7.49 -13.54
CA GLY A 660 -48.00 8.47 -14.57
C GLY A 660 -49.22 9.35 -14.73
N LEU A 661 -50.40 8.72 -14.65
CA LEU A 661 -51.64 9.49 -14.69
C LEU A 661 -51.73 10.44 -13.48
N CYS A 662 -51.27 9.98 -12.32
CA CYS A 662 -51.30 10.84 -11.13
C CYS A 662 -50.50 12.11 -11.35
N ALA A 663 -49.28 11.98 -11.87
CA ALA A 663 -48.45 13.16 -12.12
C ALA A 663 -49.03 14.02 -13.23
N GLY A 664 -49.60 13.40 -14.25
CA GLY A 664 -50.19 14.17 -15.33
C GLY A 664 -51.50 14.84 -14.99
N ALA A 665 -52.12 14.46 -13.88
CA ALA A 665 -53.41 15.05 -13.50
C ALA A 665 -53.30 16.48 -13.01
N ASN A 666 -52.12 16.92 -12.57
CA ASN A 666 -51.99 18.22 -11.93
C ASN A 666 -51.91 19.36 -12.93
N ASN A 667 -51.42 19.11 -14.14
CA ASN A 667 -51.13 20.17 -15.09
C ASN A 667 -52.39 20.71 -15.79
N PRO A 668 -53.21 19.87 -16.43
CA PRO A 668 -54.32 20.42 -17.20
C PRO A 668 -55.59 20.64 -16.38
N LYS A 669 -56.35 21.64 -16.80
CA LYS A 669 -57.69 21.90 -16.30
C LYS A 669 -57.72 22.21 -14.80
N ILE A 670 -58.93 22.27 -14.23
CA ILE A 670 -59.14 22.55 -12.82
C ILE A 670 -60.37 21.77 -12.37
N GLN A 671 -60.61 21.77 -11.06
CA GLN A 671 -61.76 21.11 -10.44
C GLN A 671 -61.69 19.59 -10.56
N THR A 672 -61.23 19.08 -11.70
CA THR A 672 -61.03 17.64 -11.87
C THR A 672 -59.80 17.13 -11.11
N LYS A 673 -59.03 18.01 -10.48
CA LYS A 673 -57.81 17.66 -9.77
C LYS A 673 -58.03 17.51 -8.27
N ASP A 674 -58.71 18.48 -7.64
CA ASP A 674 -58.89 18.43 -6.20
C ASP A 674 -59.80 17.28 -5.77
N SER A 675 -60.75 16.90 -6.62
CA SER A 675 -61.58 15.74 -6.31
C SER A 675 -60.73 14.48 -6.21
N VAL A 676 -59.83 14.27 -7.17
CA VAL A 676 -58.92 13.13 -7.11
C VAL A 676 -57.99 13.25 -5.91
N LYS A 677 -57.53 14.47 -5.61
CA LYS A 677 -56.73 14.69 -4.41
C LYS A 677 -57.45 14.18 -3.17
N GLU A 678 -58.74 14.51 -3.04
CA GLU A 678 -59.49 14.13 -1.86
C GLU A 678 -59.85 12.65 -1.86
N ILE A 679 -59.94 12.04 -3.04
CA ILE A 679 -60.40 10.65 -3.14
C ILE A 679 -59.25 9.67 -2.94
N VAL A 680 -58.15 9.82 -3.68
CA VAL A 680 -57.16 8.75 -3.79
C VAL A 680 -56.07 8.82 -2.74
N LEU A 681 -56.04 9.85 -1.89
CA LEU A 681 -54.88 10.04 -1.01
C LEU A 681 -54.80 8.99 0.10
N PRO A 682 -55.86 8.71 0.87
CA PRO A 682 -55.68 7.87 2.07
C PRO A 682 -55.20 6.46 1.80
N LEU A 683 -55.40 5.92 0.60
CA LEU A 683 -55.09 4.52 0.32
C LEU A 683 -53.61 4.26 0.10
N PHE A 684 -52.75 5.28 0.25
CA PHE A 684 -51.32 5.09 0.01
C PHE A 684 -50.71 4.15 1.06
N TYR A 685 -51.14 4.27 2.31
CA TYR A 685 -50.64 3.40 3.37
C TYR A 685 -51.00 1.95 3.09
N ASP A 686 -52.23 1.69 2.65
CA ASP A 686 -52.63 0.34 2.29
C ASP A 686 -51.88 -0.14 1.05
N LEU A 687 -51.57 0.76 0.11
CA LEU A 687 -50.76 0.38 -1.05
C LEU A 687 -49.38 -0.10 -0.60
N LEU A 688 -48.77 0.60 0.35
CA LEU A 688 -47.46 0.19 0.83
C LEU A 688 -47.52 -1.12 1.61
N ASN A 689 -48.55 -1.27 2.46
CA ASN A 689 -48.60 -2.45 3.32
C ASN A 689 -49.00 -3.70 2.55
N ALA A 690 -49.83 -3.57 1.51
CA ALA A 690 -50.30 -4.75 0.76
C ALA A 690 -49.23 -5.25 -0.19
N ALA A 691 -48.95 -4.49 -1.26
CA ALA A 691 -47.95 -4.90 -2.22
C ALA A 691 -46.56 -4.74 -1.64
N SER A 692 -45.80 -5.83 -1.59
CA SER A 692 -44.44 -5.78 -1.07
C SER A 692 -43.55 -4.96 -1.99
N ILE A 693 -42.52 -4.34 -1.40
CA ILE A 693 -41.64 -3.44 -2.12
C ILE A 693 -40.22 -3.98 -2.11
N GLU A 694 -40.05 -5.25 -2.50
CA GLU A 694 -38.73 -5.86 -2.52
C GLU A 694 -37.93 -5.40 -3.72
N SER A 695 -38.54 -5.36 -4.90
CA SER A 695 -37.87 -4.91 -6.11
C SER A 695 -38.08 -3.40 -6.30
N ALA A 696 -37.17 -2.79 -7.05
CA ALA A 696 -37.20 -1.35 -7.25
C ALA A 696 -38.26 -0.93 -8.27
N ASP A 697 -38.60 -1.82 -9.21
CA ASP A 697 -39.64 -1.50 -10.17
C ASP A 697 -40.99 -1.28 -9.51
N ILE A 698 -41.20 -1.87 -8.33
CA ILE A 698 -42.40 -1.59 -7.56
C ILE A 698 -42.28 -0.24 -6.86
N LEU A 699 -41.06 0.15 -6.48
CA LEU A 699 -40.87 1.40 -5.73
C LEU A 699 -40.88 2.63 -6.61
N CYS A 700 -40.54 2.50 -7.90
CA CYS A 700 -40.41 3.67 -8.76
C CYS A 700 -41.69 4.49 -8.84
N PRO A 701 -42.83 3.97 -9.33
CA PRO A 701 -43.99 4.84 -9.56
C PRO A 701 -44.70 5.24 -8.27
N LEU A 702 -44.72 4.35 -7.26
CA LEU A 702 -45.36 4.68 -5.99
C LEU A 702 -44.80 5.95 -5.39
N LEU A 703 -43.48 6.13 -5.46
CA LEU A 703 -42.85 7.34 -4.97
C LEU A 703 -42.76 8.43 -6.01
N GLU A 704 -42.88 8.09 -7.30
CA GLU A 704 -43.04 9.11 -8.32
C GLU A 704 -44.32 9.91 -8.10
N SER A 705 -45.38 9.24 -7.64
CA SER A 705 -46.65 9.92 -7.40
C SER A 705 -46.54 10.90 -6.22
N PHE A 706 -45.77 10.54 -5.19
CA PHE A 706 -45.69 11.35 -3.98
C PHE A 706 -45.11 12.73 -4.24
N ILE A 707 -44.40 12.92 -5.34
CA ILE A 707 -43.71 14.19 -5.60
C ILE A 707 -44.71 15.31 -5.83
N THR A 708 -45.82 15.02 -6.51
CA THR A 708 -46.79 16.03 -6.90
C THR A 708 -47.84 16.30 -5.82
N PHE A 709 -47.49 16.12 -4.55
CA PHE A 709 -48.41 16.35 -3.43
C PHE A 709 -47.67 17.16 -2.37
N SER A 710 -48.19 18.35 -2.05
CA SER A 710 -47.52 19.29 -1.17
C SER A 710 -48.27 19.41 0.17
N LEU A 711 -47.97 20.48 0.91
CA LEU A 711 -48.58 20.67 2.22
C LEU A 711 -50.08 20.94 2.10
N ASP A 712 -50.47 21.81 1.16
CA ASP A 712 -51.89 22.12 0.98
C ASP A 712 -52.65 20.93 0.43
N ASP A 713 -51.98 20.07 -0.34
CA ASP A 713 -52.60 18.87 -0.88
C ASP A 713 -52.71 17.73 0.13
N TRP A 714 -52.22 17.94 1.36
CA TRP A 714 -52.32 16.95 2.42
C TRP A 714 -53.04 17.46 3.67
N ILE A 715 -53.06 18.77 3.90
CA ILE A 715 -53.75 19.30 5.07
C ILE A 715 -55.23 19.51 4.78
N SER A 716 -55.56 20.00 3.58
CA SER A 716 -56.95 20.21 3.22
C SER A 716 -57.72 18.90 3.06
N ILE A 717 -57.04 17.76 3.02
CA ILE A 717 -57.73 16.48 2.91
C ILE A 717 -58.10 15.92 4.29
N GLY A 718 -57.36 16.31 5.34
CA GLY A 718 -57.62 15.81 6.67
C GLY A 718 -56.96 14.48 6.97
N TYR A 719 -55.85 14.16 6.30
CA TYR A 719 -55.14 12.90 6.49
C TYR A 719 -53.66 13.14 6.73
N GLU A 720 -53.33 14.22 7.43
CA GLU A 720 -51.94 14.43 7.84
C GLU A 720 -51.52 13.49 8.97
N THR A 721 -52.45 12.69 9.50
CA THR A 721 -52.10 11.75 10.56
C THR A 721 -51.30 10.57 10.02
N GLU A 722 -51.62 10.12 8.80
CA GLU A 722 -50.97 8.94 8.24
C GLU A 722 -49.60 9.24 7.67
N LEU A 723 -49.28 10.51 7.41
CA LEU A 723 -47.98 10.86 6.84
C LEU A 723 -46.83 10.46 7.76
N LYS A 724 -47.04 10.60 9.08
CA LYS A 724 -46.04 10.20 10.06
C LYS A 724 -45.64 8.74 9.88
N LYS A 725 -46.62 7.85 9.72
CA LYS A 725 -46.33 6.44 9.53
C LYS A 725 -45.91 6.10 8.11
N ILE A 726 -46.32 6.90 7.13
CA ILE A 726 -45.85 6.72 5.75
C ILE A 726 -44.33 6.89 5.69
N THR A 727 -43.82 7.93 6.35
CA THR A 727 -42.39 8.16 6.34
C THR A 727 -41.64 6.99 6.98
N ASP A 728 -42.19 6.42 8.05
CA ASP A 728 -41.55 5.29 8.71
C ASP A 728 -41.59 4.03 7.85
N LYS A 729 -42.72 3.79 7.19
CA LYS A 729 -42.82 2.64 6.30
C LYS A 729 -41.84 2.75 5.13
N THR A 730 -41.58 3.98 4.66
CA THR A 730 -40.56 4.15 3.63
C THR A 730 -39.16 4.01 4.20
N ILE A 731 -38.95 4.48 5.44
CA ILE A 731 -37.64 4.41 6.08
C ILE A 731 -37.22 2.96 6.29
N LYS A 732 -38.18 2.09 6.63
CA LYS A 732 -37.84 0.69 6.83
C LYS A 732 -37.30 0.07 5.56
N ALA A 733 -37.91 0.37 4.41
CA ALA A 733 -37.41 -0.15 3.14
C ALA A 733 -36.10 0.52 2.74
N PHE A 734 -35.92 1.79 3.10
CA PHE A 734 -34.65 2.46 2.83
C PHE A 734 -33.51 1.81 3.61
N MET A 735 -33.78 1.38 4.84
CA MET A 735 -32.74 0.82 5.69
C MET A 735 -32.48 -0.65 5.37
N ASP A 736 -33.53 -1.40 5.01
CA ASP A 736 -33.36 -2.83 4.76
C ASP A 736 -32.61 -3.08 3.45
N SER A 737 -33.12 -2.53 2.35
CA SER A 737 -32.56 -2.82 1.04
C SER A 737 -31.23 -2.07 0.84
N THR A 738 -30.45 -2.57 -0.11
CA THR A 738 -29.17 -1.97 -0.47
C THR A 738 -29.36 -1.07 -1.68
N ILE A 739 -28.67 0.07 -1.67
CA ILE A 739 -28.78 1.08 -2.72
C ILE A 739 -27.39 1.36 -3.29
N GLY A 740 -27.26 1.24 -4.61
CA GLY A 740 -26.02 1.47 -5.30
C GLY A 740 -25.94 2.86 -5.92
N ASN A 741 -25.05 3.00 -6.90
CA ASN A 741 -24.88 4.28 -7.57
C ASN A 741 -26.07 4.57 -8.48
N SER A 742 -26.17 5.82 -8.92
CA SER A 742 -27.26 6.22 -9.81
C SER A 742 -27.04 5.70 -11.23
N LYS A 743 -25.83 5.26 -11.57
CA LYS A 743 -25.55 4.78 -12.92
C LYS A 743 -26.10 3.39 -13.16
N VAL A 744 -26.28 2.60 -12.12
CA VAL A 744 -26.78 1.23 -12.22
C VAL A 744 -28.17 1.10 -11.62
N ASP A 745 -28.35 1.53 -10.38
CA ASP A 745 -29.59 1.38 -9.65
C ASP A 745 -30.44 2.65 -9.77
N MET A 746 -31.75 2.48 -9.61
CA MET A 746 -32.68 3.61 -9.65
C MET A 746 -33.11 4.08 -8.28
N LYS A 747 -32.87 3.29 -7.22
CA LYS A 747 -33.27 3.69 -5.88
C LYS A 747 -32.60 4.98 -5.44
N TYR A 748 -31.42 5.28 -5.98
CA TYR A 748 -30.71 6.50 -5.65
C TYR A 748 -31.59 7.72 -5.89
N ASP A 749 -32.00 7.92 -7.15
CA ASP A 749 -32.82 9.08 -7.50
C ASP A 749 -34.16 9.05 -6.79
N ILE A 750 -34.75 7.86 -6.65
CA ILE A 750 -36.04 7.72 -5.98
C ILE A 750 -35.97 8.29 -4.57
N PHE A 751 -35.10 7.72 -3.74
CA PHE A 751 -35.00 8.18 -2.36
C PHE A 751 -34.47 9.60 -2.26
N ALA A 752 -33.67 10.04 -3.24
CA ALA A 752 -33.18 11.42 -3.21
C ALA A 752 -34.32 12.41 -3.38
N LYS A 753 -35.17 12.21 -4.40
CA LYS A 753 -36.32 13.07 -4.59
C LYS A 753 -37.30 12.95 -3.43
N PHE A 754 -37.46 11.74 -2.89
CA PHE A 754 -38.32 11.54 -1.73
C PHE A 754 -37.86 12.38 -0.55
N ILE A 755 -36.56 12.30 -0.22
CA ILE A 755 -36.03 13.06 0.90
C ILE A 755 -36.11 14.55 0.62
N HIS A 756 -35.89 14.97 -0.62
CA HIS A 756 -35.96 16.40 -0.94
C HIS A 756 -37.37 16.94 -0.72
N HIS A 757 -38.39 16.21 -1.17
CA HIS A 757 -39.76 16.69 -0.98
C HIS A 757 -40.16 16.63 0.49
N ILE A 758 -39.73 15.58 1.20
CA ILE A 758 -40.04 15.49 2.62
C ILE A 758 -39.38 16.63 3.41
N HIS A 759 -38.18 17.04 2.99
CA HIS A 759 -37.54 18.17 3.64
C HIS A 759 -38.22 19.48 3.29
N HIS A 760 -38.66 19.63 2.03
CA HIS A 760 -39.41 20.82 1.65
C HIS A 760 -40.78 20.87 2.33
N PHE A 761 -41.27 19.75 2.85
CA PHE A 761 -42.44 19.80 3.73
C PHE A 761 -42.17 20.70 4.94
N GLU A 762 -40.97 20.61 5.52
CA GLU A 762 -40.55 21.42 6.65
C GLU A 762 -41.49 21.20 7.85
N LYS A 763 -41.41 20.00 8.39
CA LYS A 763 -42.18 19.61 9.58
C LYS A 763 -41.24 18.94 10.57
N LYS A 764 -41.27 19.41 11.81
CA LYS A 764 -40.27 18.98 12.79
C LYS A 764 -40.39 17.50 13.14
N GLU A 765 -41.59 16.92 13.01
CA GLU A 765 -41.72 15.49 13.27
C GLU A 765 -40.95 14.66 12.25
N LEU A 766 -40.81 15.16 11.02
CA LEU A 766 -40.17 14.39 9.96
C LEU A 766 -38.65 14.47 10.01
N GLN A 767 -38.09 15.61 10.42
CA GLN A 767 -36.65 15.77 10.44
C GLN A 767 -35.99 14.86 11.47
N GLU A 768 -36.63 14.71 12.64
CA GLU A 768 -36.04 13.93 13.72
C GLU A 768 -35.90 12.46 13.35
N LYS A 769 -36.85 11.94 12.57
CA LYS A 769 -36.77 10.54 12.14
C LYS A 769 -35.53 10.31 11.28
N PHE A 770 -35.31 11.18 10.29
CA PHE A 770 -34.15 11.04 9.43
C PHE A 770 -32.86 11.25 10.21
N LEU A 771 -32.87 12.15 11.19
CA LEU A 771 -31.66 12.34 12.00
C LEU A 771 -31.35 11.12 12.86
N ASN A 772 -32.39 10.50 13.43
CA ASN A 772 -32.18 9.28 14.21
C ASN A 772 -31.67 8.15 13.34
N GLN A 773 -32.21 8.03 12.12
CA GLN A 773 -31.70 7.00 11.21
C GLN A 773 -30.27 7.30 10.77
N ILE A 774 -29.92 8.58 10.65
CA ILE A 774 -28.54 8.96 10.35
C ILE A 774 -27.61 8.50 11.47
N ALA A 775 -28.02 8.73 12.72
CA ALA A 775 -27.20 8.29 13.86
C ALA A 775 -27.07 6.76 13.87
N THR A 776 -28.17 6.05 13.57
CA THR A 776 -28.12 4.59 13.56
C THR A 776 -27.17 4.08 12.48
N LEU A 777 -27.27 4.65 11.27
CA LEU A 777 -26.37 4.26 10.19
C LEU A 777 -24.93 4.60 10.52
N LYS A 778 -24.71 5.72 11.23
CA LYS A 778 -23.35 6.09 11.62
C LYS A 778 -22.78 5.07 12.59
N ILE A 779 -23.57 4.63 13.57
CA ILE A 779 -23.10 3.61 14.51
C ILE A 779 -22.82 2.31 13.79
N HIS A 780 -23.68 1.93 12.84
CA HIS A 780 -23.45 0.71 12.07
C HIS A 780 -22.16 0.81 11.26
N LEU A 781 -21.90 1.97 10.66
CA LEU A 781 -20.67 2.16 9.90
C LEU A 781 -19.45 2.11 10.82
N LYS A 782 -19.56 2.70 12.01
CA LYS A 782 -18.45 2.64 12.96
C LYS A 782 -18.12 1.19 13.32
N LYS A 783 -19.14 0.41 13.69
CA LYS A 783 -18.88 -0.98 14.04
C LYS A 783 -18.46 -1.82 12.84
N PHE A 784 -18.79 -1.38 11.61
CA PHE A 784 -18.30 -2.05 10.43
C PHE A 784 -16.81 -1.81 10.24
N LEU A 785 -16.38 -0.55 10.32
CA LEU A 785 -14.97 -0.23 10.14
C LEU A 785 -14.09 -0.77 11.26
N GLN A 786 -14.68 -1.13 12.41
CA GLN A 786 -13.87 -1.57 13.53
C GLN A 786 -13.31 -2.98 13.32
N GLU A 787 -14.00 -3.82 12.56
CA GLU A 787 -13.59 -5.21 12.45
C GLU A 787 -13.54 -5.69 11.00
N LYS A 788 -14.41 -5.15 10.15
CA LYS A 788 -14.44 -5.60 8.76
C LYS A 788 -13.28 -5.00 7.96
N MET A 789 -13.08 -3.69 8.08
CA MET A 789 -11.98 -2.99 7.41
C MET A 789 -10.74 -2.89 8.28
N ASP A 790 -10.59 -3.76 9.26
CA ASP A 790 -9.50 -3.65 10.21
C ASP A 790 -8.16 -3.96 9.52
N PRO A 791 -7.12 -3.16 9.76
CA PRO A 791 -5.81 -3.44 9.15
C PRO A 791 -5.09 -4.65 9.71
N ASN A 792 -5.70 -5.37 10.66
CA ASN A 792 -5.13 -6.57 11.23
C ASN A 792 -5.86 -7.82 10.74
N ASN A 793 -6.30 -7.80 9.49
CA ASN A 793 -7.01 -8.92 8.87
C ASN A 793 -6.20 -9.46 7.70
N SER A 794 -6.29 -10.77 7.50
CA SER A 794 -5.60 -11.46 6.41
C SER A 794 -6.50 -11.68 5.20
N ARG A 795 -7.69 -11.10 5.19
CA ARG A 795 -8.63 -11.29 4.09
C ARG A 795 -8.25 -10.39 2.91
N ASP A 796 -8.11 -11.00 1.73
CA ASP A 796 -7.79 -10.25 0.53
C ASP A 796 -9.01 -10.17 -0.39
N ASP A 797 -10.17 -9.83 0.19
CA ASP A 797 -11.40 -9.69 -0.59
C ASP A 797 -11.93 -8.27 -0.49
N TYR A 798 -11.06 -7.29 -0.76
CA TYR A 798 -11.47 -5.89 -0.68
C TYR A 798 -12.51 -5.57 -1.75
N LYS A 799 -12.47 -6.26 -2.89
CA LYS A 799 -13.45 -6.02 -3.94
C LYS A 799 -14.86 -6.38 -3.48
N ASP A 800 -14.98 -7.44 -2.67
CA ASP A 800 -16.29 -7.87 -2.19
C ASP A 800 -16.79 -7.00 -1.04
N LEU A 801 -15.89 -6.42 -0.26
CA LEU A 801 -16.27 -5.63 0.90
C LEU A 801 -16.50 -4.15 0.58
N THR A 802 -15.80 -3.62 -0.43
CA THR A 802 -15.96 -2.22 -0.77
C THR A 802 -17.36 -1.94 -1.34
N CYS A 803 -17.88 -2.87 -2.14
CA CYS A 803 -19.22 -2.73 -2.67
C CYS A 803 -20.25 -2.71 -1.54
N SER A 804 -20.11 -3.61 -0.58
CA SER A 804 -21.03 -3.64 0.57
C SER A 804 -20.88 -2.36 1.40
N LEU A 805 -19.65 -1.86 1.54
CA LEU A 805 -19.43 -0.64 2.31
C LEU A 805 -20.11 0.56 1.66
N TYR A 806 -19.98 0.68 0.33
CA TYR A 806 -20.59 1.81 -0.36
C TYR A 806 -22.10 1.67 -0.53
N GLU A 807 -22.63 0.44 -0.56
CA GLU A 807 -24.06 0.25 -0.73
C GLU A 807 -24.81 0.38 0.60
N LEU A 808 -24.34 -0.32 1.63
CA LEU A 808 -25.09 -0.40 2.88
C LEU A 808 -25.06 0.92 3.66
N TYR A 809 -23.95 1.65 3.61
CA TYR A 809 -23.78 2.77 4.53
C TYR A 809 -23.46 4.09 3.83
N ILE A 810 -22.41 4.10 3.00
CA ILE A 810 -21.84 5.38 2.55
C ILE A 810 -22.81 6.11 1.63
N ASN A 811 -23.36 5.41 0.64
CA ASN A 811 -24.27 6.08 -0.29
C ASN A 811 -25.54 6.54 0.39
N LYS A 812 -26.03 5.77 1.37
CA LYS A 812 -27.22 6.18 2.12
C LYS A 812 -26.97 7.50 2.84
N LEU A 813 -25.82 7.62 3.51
CA LEU A 813 -25.50 8.86 4.20
C LEU A 813 -25.23 10.00 3.22
N THR A 814 -24.66 9.70 2.06
CA THR A 814 -24.44 10.74 1.05
C THR A 814 -25.78 11.27 0.53
N ILE A 815 -26.77 10.40 0.42
CA ILE A 815 -28.10 10.83 0.00
C ILE A 815 -28.79 11.62 1.12
N LEU A 816 -28.65 11.15 2.37
CA LEU A 816 -29.34 11.79 3.48
C LEU A 816 -28.75 13.16 3.81
N GLY A 817 -27.44 13.34 3.61
CA GLY A 817 -26.82 14.62 3.88
C GLY A 817 -27.19 15.71 2.90
N ARG A 818 -27.96 15.39 1.87
CA ARG A 818 -28.43 16.41 0.94
C ARG A 818 -29.19 17.51 1.66
N ASP A 819 -30.22 17.12 2.42
CA ASP A 819 -31.09 18.07 3.10
C ASP A 819 -30.98 18.00 4.62
N TYR A 820 -30.33 16.98 5.17
CA TYR A 820 -30.20 16.82 6.62
C TYR A 820 -28.72 16.72 6.98
N PRO A 821 -28.15 17.75 7.60
CA PRO A 821 -26.71 17.76 7.86
C PRO A 821 -26.24 16.53 8.62
N ILE A 822 -24.98 16.15 8.39
CA ILE A 822 -24.35 15.02 9.02
C ILE A 822 -23.03 15.46 9.65
N GLU A 823 -22.80 15.05 10.89
CA GLU A 823 -21.58 15.36 11.62
C GLU A 823 -20.91 14.07 12.06
N VAL A 824 -19.58 14.09 12.11
CA VAL A 824 -18.79 12.91 12.40
C VAL A 824 -17.74 13.27 13.44
N ASP A 825 -17.73 12.53 14.56
CA ASP A 825 -16.66 12.67 15.53
C ASP A 825 -15.35 12.17 14.94
N GLU A 826 -14.26 12.85 15.28
CA GLU A 826 -12.99 12.59 14.61
C GLU A 826 -12.48 11.17 14.80
N GLU A 827 -12.98 10.45 15.81
CA GLU A 827 -12.59 9.05 15.97
C GLU A 827 -13.07 8.21 14.79
N LEU A 828 -14.34 8.35 14.43
CA LEU A 828 -14.88 7.61 13.30
C LEU A 828 -14.21 8.01 12.00
N LEU A 829 -13.91 9.29 11.83
CA LEU A 829 -13.26 9.76 10.61
C LEU A 829 -11.84 9.25 10.51
N GLN A 830 -11.11 9.21 11.65
CA GLN A 830 -9.75 8.71 11.65
C GLN A 830 -9.67 7.20 11.61
N LEU A 831 -10.75 6.50 11.94
CA LEU A 831 -10.86 5.07 11.65
C LEU A 831 -11.39 4.79 10.26
N PHE A 832 -11.92 5.80 9.58
CA PHE A 832 -12.41 5.68 8.22
C PHE A 832 -11.33 6.09 7.22
N LEU A 833 -10.74 7.26 7.39
CA LEU A 833 -9.67 7.72 6.51
C LEU A 833 -8.38 6.95 6.69
N ASN A 834 -8.27 6.14 7.74
CA ASN A 834 -7.12 5.25 7.91
C ASN A 834 -7.36 3.89 7.24
N ASN A 835 -8.49 3.25 7.55
CA ASN A 835 -8.77 1.91 7.07
C ASN A 835 -9.31 1.89 5.64
N PHE A 836 -9.46 3.04 4.99
CA PHE A 836 -10.09 3.05 3.68
C PHE A 836 -9.33 3.94 2.69
N VAL A 837 -9.47 5.26 2.86
CA VAL A 837 -8.93 6.20 1.87
C VAL A 837 -7.40 6.11 1.84
N SER A 838 -6.77 6.08 3.00
CA SER A 838 -5.32 5.88 3.08
C SER A 838 -4.94 4.40 2.99
N ARG A 839 -5.66 3.64 2.17
CA ARG A 839 -5.45 2.21 2.06
C ARG A 839 -5.96 1.70 0.72
N ILE A 840 -6.40 2.61 -0.14
CA ILE A 840 -6.96 2.26 -1.45
C ILE A 840 -5.92 1.66 -2.39
N PRO A 841 -4.68 2.18 -2.46
CA PRO A 841 -3.71 1.57 -3.39
C PRO A 841 -3.50 0.07 -3.20
N ILE A 842 -3.46 -0.43 -1.97
CA ILE A 842 -3.23 -1.86 -1.75
C ILE A 842 -4.54 -2.63 -1.88
N MET A 843 -5.60 -1.93 -2.29
CA MET A 843 -6.86 -2.55 -2.66
C MET A 843 -7.15 -2.47 -4.15
N PHE A 844 -6.56 -1.50 -4.86
CA PHE A 844 -6.90 -1.25 -6.25
C PHE A 844 -6.52 -2.40 -7.16
N GLN A 845 -5.56 -3.25 -6.75
CA GLN A 845 -5.18 -4.39 -7.59
C GLN A 845 -6.31 -5.41 -7.68
N ASP A 846 -7.13 -5.52 -6.65
CA ASP A 846 -8.28 -6.43 -6.65
C ASP A 846 -9.52 -5.82 -7.26
N PHE A 847 -9.56 -4.50 -7.43
CA PHE A 847 -10.77 -3.83 -7.93
C PHE A 847 -10.95 -4.10 -9.42
N ASP A 848 -12.19 -4.39 -9.81
CA ASP A 848 -12.56 -4.51 -11.20
C ASP A 848 -13.06 -3.16 -11.71
N ASP A 849 -13.64 -3.14 -12.90
CA ASP A 849 -14.13 -1.90 -13.50
C ASP A 849 -15.58 -1.60 -13.17
N SER A 850 -16.23 -2.43 -12.35
CA SER A 850 -17.57 -2.14 -11.85
C SER A 850 -17.57 -1.67 -10.40
N THR A 851 -16.67 -2.19 -9.57
CA THR A 851 -16.54 -1.70 -8.20
C THR A 851 -15.99 -0.28 -8.17
N ALA A 852 -15.06 0.03 -9.09
CA ALA A 852 -14.45 1.35 -9.13
C ALA A 852 -15.48 2.43 -9.42
N GLN A 853 -16.50 2.12 -10.22
CA GLN A 853 -17.54 3.09 -10.52
C GLN A 853 -18.34 3.46 -9.28
N GLU A 854 -18.58 2.49 -8.39
CA GLU A 854 -19.37 2.75 -7.20
C GLU A 854 -18.69 3.74 -6.27
N ILE A 855 -17.36 3.81 -6.29
CA ILE A 855 -16.61 4.64 -5.36
C ILE A 855 -16.72 6.10 -5.79
N ASN A 856 -17.28 6.93 -4.92
CA ASN A 856 -17.36 8.36 -5.14
C ASN A 856 -17.07 9.06 -3.81
N PHE A 857 -16.20 10.07 -3.85
CA PHE A 857 -15.82 10.82 -2.66
C PHE A 857 -16.75 11.99 -2.39
N LYS A 858 -18.04 11.84 -2.69
CA LYS A 858 -19.02 12.89 -2.44
C LYS A 858 -19.42 13.00 -0.98
N MET A 859 -19.01 12.04 -0.14
CA MET A 859 -19.33 12.07 1.27
C MET A 859 -18.27 12.84 2.07
N LEU A 860 -17.01 12.71 1.69
CA LEU A 860 -15.94 13.47 2.35
C LEU A 860 -16.03 14.95 2.05
N VAL A 861 -16.66 15.34 0.94
CA VAL A 861 -16.92 16.76 0.70
C VAL A 861 -18.17 17.19 1.46
N LEU A 862 -19.11 16.28 1.70
CA LEU A 862 -20.25 16.61 2.55
C LEU A 862 -19.81 16.90 3.98
N LEU A 863 -18.93 16.05 4.51
CA LEU A 863 -18.46 16.24 5.88
C LEU A 863 -17.77 17.60 6.04
N ALA A 864 -17.08 18.06 5.01
CA ALA A 864 -16.45 19.37 5.08
C ALA A 864 -17.48 20.48 4.93
N THR A 865 -18.32 20.40 3.90
CA THR A 865 -19.28 21.47 3.61
C THR A 865 -20.34 21.62 4.70
N TRP A 866 -20.50 20.63 5.57
CA TRP A 866 -21.36 20.85 6.73
C TRP A 866 -20.61 21.49 7.89
N ASN A 867 -19.36 21.11 8.12
CA ASN A 867 -18.53 21.80 9.09
C ASN A 867 -17.97 23.11 8.56
N LEU A 868 -18.20 23.42 7.28
CA LEU A 868 -17.88 24.73 6.73
C LEU A 868 -19.08 25.66 6.67
N GLU A 869 -20.28 25.14 7.00
CA GLU A 869 -21.46 25.96 7.17
C GLU A 869 -21.89 26.09 8.62
N LYS A 870 -21.71 25.05 9.43
CA LYS A 870 -21.98 25.14 10.86
C LYS A 870 -21.10 26.17 11.56
N TRP A 871 -20.03 26.62 10.91
CA TRP A 871 -19.22 27.73 11.40
C TRP A 871 -19.61 29.07 10.81
N ARG A 872 -20.15 29.08 9.59
CA ARG A 872 -20.80 30.28 9.09
C ARG A 872 -22.03 30.62 9.91
N GLU A 873 -22.67 29.61 10.51
CA GLU A 873 -23.77 29.84 11.44
C GLU A 873 -23.28 30.37 12.78
N ILE A 874 -22.02 30.15 13.12
CA ILE A 874 -21.45 30.73 14.33
C ILE A 874 -21.10 32.20 14.11
N ILE A 875 -20.74 32.57 12.87
CA ILE A 875 -20.57 33.98 12.54
C ILE A 875 -21.86 34.75 12.75
N GLU A 876 -23.00 34.06 12.59
CA GLU A 876 -24.31 34.66 12.87
C GLU A 876 -24.60 34.76 14.36
N LYS A 877 -23.65 34.39 15.22
CA LYS A 877 -23.78 34.56 16.66
C LYS A 877 -23.01 35.77 17.18
N VAL A 878 -22.54 36.64 16.28
CA VAL A 878 -21.94 37.89 16.71
C VAL A 878 -23.01 38.84 17.24
N ARG A 879 -24.19 38.83 16.62
CA ARG A 879 -25.29 39.68 17.05
C ARG A 879 -26.15 38.96 18.08
N ASP A 880 -25.52 38.15 18.93
CA ASP A 880 -26.23 37.44 19.99
C ASP A 880 -25.33 37.43 21.22
N TYR A 881 -25.54 36.47 22.12
CA TYR A 881 -24.78 36.39 23.36
C TYR A 881 -24.57 34.92 23.72
N GLU A 882 -23.73 34.71 24.72
CA GLU A 882 -23.40 33.38 25.25
C GLU A 882 -22.86 32.45 24.16
N ILE A 885 -16.19 31.73 21.82
CA ILE A 885 -15.43 31.08 20.75
C ILE A 885 -14.86 29.74 21.24
N SER A 886 -14.76 29.61 22.56
CA SER A 886 -14.33 28.38 23.21
C SER A 886 -12.90 27.98 22.89
N LYS A 887 -12.22 28.75 22.04
CA LYS A 887 -10.79 28.58 21.76
C LYS A 887 -10.47 27.23 21.14
N ASP A 888 -11.39 26.67 20.36
CA ASP A 888 -11.15 25.41 19.67
C ASP A 888 -10.76 25.62 18.22
N LEU A 889 -10.39 26.85 17.83
CA LEU A 889 -10.15 27.15 16.42
C LEU A 889 -9.06 26.26 15.84
N ARG A 890 -8.00 26.00 16.61
CA ARG A 890 -7.01 25.03 16.18
C ARG A 890 -7.61 23.64 16.09
N SER A 891 -8.32 23.21 17.14
CA SER A 891 -8.97 21.90 17.14
C SER A 891 -10.13 21.84 16.16
N VAL A 892 -10.66 22.99 15.73
CA VAL A 892 -11.78 22.99 14.80
C VAL A 892 -11.33 22.58 13.40
N TRP A 893 -10.19 23.12 12.95
CA TRP A 893 -9.73 22.80 11.60
C TRP A 893 -9.14 21.40 11.50
N LYS A 894 -8.95 20.71 12.61
CA LYS A 894 -8.29 19.40 12.57
C LYS A 894 -9.04 18.38 11.72
N PRO A 895 -10.37 18.21 11.83
CA PRO A 895 -11.04 17.24 10.94
C PRO A 895 -10.98 17.66 9.47
N ILE A 896 -11.21 18.94 9.17
CA ILE A 896 -11.19 19.39 7.78
C ILE A 896 -9.77 19.32 7.21
N ALA A 897 -8.78 19.71 8.00
CA ALA A 897 -7.39 19.58 7.56
C ALA A 897 -7.03 18.12 7.33
N ALA A 898 -7.50 17.22 8.20
CA ALA A 898 -7.22 15.80 8.01
C ALA A 898 -7.87 15.29 6.74
N ILE A 899 -9.11 15.71 6.46
CA ILE A 899 -9.79 15.29 5.24
C ILE A 899 -9.00 15.74 4.01
N ILE A 900 -8.65 17.02 3.95
CA ILE A 900 -7.99 17.54 2.76
C ILE A 900 -6.60 16.93 2.62
N GLY A 901 -5.90 16.68 3.74
CA GLY A 901 -4.59 16.06 3.66
C GLY A 901 -4.66 14.61 3.21
N ARG A 902 -5.67 13.87 3.68
CA ARG A 902 -5.85 12.50 3.24
C ARG A 902 -6.21 12.44 1.76
N LEU A 903 -7.02 13.38 1.29
CA LEU A 903 -7.35 13.40 -0.13
C LEU A 903 -6.13 13.73 -0.98
N ASN A 904 -5.32 14.70 -0.54
CA ASN A 904 -4.08 15.00 -1.27
C ASN A 904 -3.14 13.80 -1.29
N THR A 905 -3.00 13.12 -0.13
CA THR A 905 -2.14 11.94 -0.07
C THR A 905 -2.65 10.82 -0.97
N LEU A 906 -3.97 10.61 -1.00
CA LEU A 906 -4.53 9.58 -1.87
C LEU A 906 -4.32 9.93 -3.34
N VAL A 907 -4.50 11.20 -3.70
CA VAL A 907 -4.29 11.62 -5.08
C VAL A 907 -2.84 11.38 -5.49
N ILE A 908 -1.89 11.78 -4.63
CA ILE A 908 -0.49 11.65 -4.98
C ILE A 908 -0.04 10.19 -4.95
N SER A 909 -0.72 9.35 -4.16
CA SER A 909 -0.42 7.92 -4.16
C SER A 909 -0.99 7.22 -5.40
N LEU A 910 -2.15 7.66 -5.88
CA LEU A 910 -2.67 7.14 -7.14
C LEU A 910 -1.88 7.67 -8.34
N ALA A 911 -1.18 8.78 -8.17
CA ALA A 911 -0.33 9.28 -9.25
C ALA A 911 0.73 8.26 -9.65
N ALA A 912 1.18 7.44 -8.71
CA ALA A 912 2.20 6.42 -8.96
C ALA A 912 1.51 5.06 -9.06
N THR A 913 1.09 4.70 -10.27
CA THR A 913 0.42 3.43 -10.51
C THR A 913 0.79 2.93 -11.90
N ASN A 914 0.71 1.62 -12.08
CA ASN A 914 1.08 1.01 -13.35
C ASN A 914 -0.03 1.18 -14.38
N GLU A 915 0.32 1.69 -15.55
CA GLU A 915 -0.65 1.99 -16.60
C GLU A 915 -0.80 0.80 -17.54
N THR A 916 -1.45 -0.24 -17.03
CA THR A 916 -1.85 -1.36 -17.87
C THR A 916 -3.26 -1.12 -18.39
N PHE A 917 -3.58 -1.76 -19.52
CA PHE A 917 -4.85 -1.50 -20.19
C PHE A 917 -6.05 -1.93 -19.35
N GLU A 918 -5.86 -2.87 -18.42
CA GLU A 918 -6.98 -3.35 -17.62
C GLU A 918 -7.45 -2.28 -16.64
N ASN A 919 -6.53 -1.54 -16.04
CA ASN A 919 -6.85 -0.59 -14.99
C ASN A 919 -6.73 0.87 -15.44
N ILE A 920 -6.32 1.14 -16.67
CA ILE A 920 -6.07 2.51 -17.09
C ILE A 920 -7.35 3.34 -17.12
N ASN A 921 -8.52 2.69 -17.10
CA ASN A 921 -9.79 3.41 -17.03
C ASN A 921 -10.23 3.64 -15.59
N SER A 922 -10.24 2.57 -14.78
CA SER A 922 -10.66 2.69 -13.40
C SER A 922 -9.72 3.59 -12.60
N LEU A 923 -8.42 3.50 -12.88
CA LEU A 923 -7.45 4.35 -12.21
C LEU A 923 -7.73 5.82 -12.47
N PHE A 924 -7.93 6.18 -13.73
CA PHE A 924 -8.18 7.57 -14.07
C PHE A 924 -9.55 8.03 -13.60
N TYR A 925 -10.55 7.13 -13.55
CA TYR A 925 -11.84 7.51 -12.99
C TYR A 925 -11.74 7.80 -11.51
N LEU A 926 -11.01 6.96 -10.77
CA LEU A 926 -10.79 7.22 -9.35
C LEU A 926 -10.09 8.56 -9.14
N LYS A 927 -9.05 8.83 -9.94
CA LYS A 927 -8.33 10.09 -9.80
C LYS A 927 -9.22 11.29 -10.14
N TRP A 928 -10.08 11.14 -11.15
CA TRP A 928 -11.01 12.22 -11.49
C TRP A 928 -11.99 12.49 -10.35
N SER A 929 -12.54 11.42 -9.75
CA SER A 929 -13.48 11.62 -8.64
C SER A 929 -12.79 12.28 -7.45
N ALA A 930 -11.58 11.81 -7.12
CA ALA A 930 -10.83 12.41 -6.02
C ALA A 930 -10.54 13.88 -6.29
N CYS A 931 -10.13 14.21 -7.53
CA CYS A 931 -9.83 15.60 -7.86
C CYS A 931 -11.09 16.46 -7.83
N THR A 932 -12.23 15.92 -8.27
CA THR A 932 -13.48 16.66 -8.22
C THR A 932 -13.84 17.01 -6.77
N SER A 933 -13.80 16.01 -5.88
CA SER A 933 -14.11 16.27 -4.48
C SER A 933 -13.11 17.26 -3.85
N LEU A 934 -11.83 17.11 -4.20
CA LEU A 934 -10.81 18.01 -3.64
C LEU A 934 -10.99 19.44 -4.12
N MET A 935 -11.28 19.63 -5.41
CA MET A 935 -11.53 20.97 -5.93
C MET A 935 -12.76 21.58 -5.30
N ASP A 936 -13.81 20.78 -5.09
CA ASP A 936 -14.99 21.28 -4.40
C ASP A 936 -14.63 21.76 -2.99
N ILE A 937 -13.86 20.95 -2.25
CA ILE A 937 -13.49 21.32 -0.89
C ILE A 937 -12.65 22.58 -0.87
N ILE A 938 -11.67 22.67 -1.78
CA ILE A 938 -10.77 23.82 -1.82
C ILE A 938 -11.55 25.09 -2.18
N VAL A 939 -12.44 25.01 -3.15
CA VAL A 939 -13.26 26.17 -3.52
C VAL A 939 -14.10 26.60 -2.34
N ALA A 940 -14.70 25.65 -1.62
CA ALA A 940 -15.53 26.00 -0.47
C ALA A 940 -14.72 26.70 0.61
N ILE A 941 -13.52 26.18 0.90
CA ILE A 941 -12.70 26.78 1.95
C ILE A 941 -12.24 28.17 1.55
N LYS A 942 -11.80 28.35 0.30
CA LYS A 942 -11.35 29.68 -0.13
C LYS A 942 -12.51 30.65 -0.27
N ILE A 943 -13.74 30.15 -0.45
CA ILE A 943 -14.90 31.03 -0.39
C ILE A 943 -15.16 31.46 1.05
N PHE A 944 -15.08 30.51 1.99
CA PHE A 944 -15.29 30.83 3.39
C PHE A 944 -14.26 31.83 3.90
N GLU A 945 -13.02 31.70 3.45
CA GLU A 945 -11.97 32.59 3.94
C GLU A 945 -12.14 34.01 3.42
N LEU A 946 -12.71 34.17 2.23
CA LEU A 946 -12.86 35.50 1.65
C LEU A 946 -14.19 36.14 2.00
N LYS A 947 -15.23 35.36 2.30
CA LYS A 947 -16.51 35.91 2.73
C LYS A 947 -16.50 36.36 4.20
N LEU A 948 -15.39 36.21 4.90
CA LEU A 948 -15.30 36.63 6.29
C LEU A 948 -15.18 38.16 6.37
N PRO A 949 -15.80 38.78 7.37
CA PRO A 949 -15.60 40.21 7.58
C PRO A 949 -14.19 40.50 8.08
N ALA A 950 -13.85 41.79 8.04
CA ALA A 950 -12.49 42.21 8.38
C ALA A 950 -12.21 42.19 9.88
N ASP A 951 -13.26 42.14 10.72
CA ASP A 951 -13.05 42.18 12.16
C ASP A 951 -12.59 40.84 12.73
N ALA A 952 -12.90 39.74 12.04
CA ALA A 952 -12.53 38.40 12.51
C ALA A 952 -11.10 38.10 12.05
N THR A 953 -10.15 38.57 12.85
CA THR A 953 -8.73 38.35 12.58
C THR A 953 -8.22 37.07 13.24
N THR A 954 -8.72 36.76 14.44
CA THR A 954 -8.32 35.56 15.16
C THR A 954 -8.80 34.29 14.47
N TRP A 955 -9.74 34.38 13.52
CA TRP A 955 -10.10 33.24 12.70
C TRP A 955 -9.22 33.14 11.45
N ARG A 956 -8.84 34.28 10.86
CA ARG A 956 -7.88 34.25 9.77
C ARG A 956 -6.55 33.68 10.22
N TYR A 957 -6.12 34.00 11.44
CA TYR A 957 -4.86 33.47 11.96
C TYR A 957 -4.93 31.94 12.08
N SER A 958 -6.02 31.42 12.63
CA SER A 958 -6.15 29.97 12.78
C SER A 958 -6.29 29.30 11.42
N MET A 959 -6.98 29.95 10.47
CA MET A 959 -7.14 29.36 9.14
C MET A 959 -5.82 29.34 8.37
N SER A 960 -4.96 30.34 8.58
CA SER A 960 -3.65 30.36 7.93
C SER A 960 -2.59 29.59 8.70
N GLU A 961 -2.87 29.20 9.95
CA GLU A 961 -1.93 28.38 10.71
C GLU A 961 -2.22 26.88 10.57
N GLN A 962 -3.48 26.48 10.74
CA GLN A 962 -3.83 25.07 10.69
C GLN A 962 -3.90 24.52 9.28
N PHE A 963 -3.94 25.38 8.26
CA PHE A 963 -3.95 24.96 6.87
C PHE A 963 -2.61 25.31 6.23
N PRO A 964 -1.64 24.40 6.25
CA PRO A 964 -0.35 24.72 5.60
C PRO A 964 -0.45 24.79 4.08
N PHE A 965 -1.16 23.84 3.47
CA PHE A 965 -1.33 23.83 2.02
C PHE A 965 -2.78 23.50 1.69
N TYR A 966 -3.37 24.27 0.78
CA TYR A 966 -4.70 23.94 0.28
C TYR A 966 -4.63 22.91 -0.83
N LEU A 967 -3.58 22.97 -1.66
CA LEU A 967 -3.44 22.07 -2.79
C LEU A 967 -1.95 21.85 -3.00
N HIS A 968 -1.50 20.61 -2.80
CA HIS A 968 -0.08 20.29 -2.96
C HIS A 968 0.32 20.36 -4.43
N ASP A 969 1.57 20.74 -4.67
CA ASP A 969 2.04 20.97 -6.03
C ASP A 969 2.10 19.70 -6.87
N ASN A 970 2.08 18.53 -6.24
CA ASN A 970 2.00 17.27 -6.99
C ASN A 970 0.55 16.97 -7.37
N ALA A 971 -0.39 17.28 -6.49
CA ALA A 971 -1.79 17.18 -6.85
C ALA A 971 -2.15 18.13 -7.99
N SER A 972 -1.41 19.23 -8.12
CA SER A 972 -1.60 20.11 -9.28
C SER A 972 -1.18 19.42 -10.58
N LYS A 973 -0.07 18.69 -10.55
CA LYS A 973 0.33 17.91 -11.71
C LYS A 973 -0.71 16.83 -12.02
N VAL A 974 -1.30 16.24 -10.98
CA VAL A 974 -2.36 15.25 -11.20
C VAL A 974 -3.59 15.90 -11.82
N LEU A 975 -3.93 17.11 -11.37
CA LEU A 975 -5.03 17.85 -11.98
C LEU A 975 -4.77 18.12 -13.45
N LEU A 976 -3.53 18.53 -13.78
CA LEU A 976 -3.16 18.73 -15.17
C LEU A 976 -3.27 17.41 -15.95
N LYS A 977 -2.90 16.30 -15.32
CA LYS A 977 -3.01 14.99 -15.96
C LYS A 977 -4.47 14.66 -16.29
N ILE A 978 -5.37 14.92 -15.35
CA ILE A 978 -6.79 14.65 -15.58
C ILE A 978 -7.35 15.57 -16.67
N PHE A 979 -6.95 16.85 -16.64
CA PHE A 979 -7.36 17.78 -17.68
C PHE A 979 -6.90 17.29 -19.05
N LEU A 980 -5.64 16.87 -19.15
CA LEU A 980 -5.12 16.28 -20.37
C LEU A 980 -5.98 15.10 -20.80
N TYR A 981 -6.01 14.05 -19.97
CA TYR A 981 -6.82 12.85 -20.23
C TYR A 981 -8.20 13.18 -20.80
N LEU A 982 -8.93 14.08 -20.14
CA LEU A 982 -10.27 14.41 -20.61
C LEU A 982 -10.25 15.16 -21.94
N GLU A 983 -9.29 16.08 -22.11
CA GLU A 983 -9.16 16.81 -23.36
C GLU A 983 -8.83 15.87 -24.52
N SER A 984 -7.95 14.90 -24.26
CA SER A 984 -7.56 13.94 -25.29
C SER A 984 -8.71 12.99 -25.62
N LEU A 985 -9.53 12.64 -24.63
CA LEU A 985 -10.73 11.86 -24.94
C LEU A 985 -11.72 12.66 -25.77
N PHE A 986 -11.90 13.94 -25.43
CA PHE A 986 -12.74 14.82 -26.22
C PHE A 986 -12.25 14.91 -27.67
N ALA A 987 -10.93 15.04 -27.85
CA ALA A 987 -10.36 15.12 -29.19
C ALA A 987 -10.48 13.81 -29.94
N LYS A 988 -10.25 12.68 -29.25
CA LYS A 988 -10.46 11.37 -29.85
C LYS A 988 -11.89 11.18 -30.31
N GLN A 989 -12.85 11.77 -29.59
CA GLN A 989 -14.24 11.67 -30.02
C GLN A 989 -14.51 12.60 -31.21
N VAL A 990 -13.91 13.80 -31.21
CA VAL A 990 -14.15 14.75 -32.29
C VAL A 990 -13.13 14.66 -33.43
N ASP A 991 -12.10 13.83 -33.27
CA ASP A 991 -11.10 13.59 -34.33
C ASP A 991 -10.41 14.88 -34.76
N VAL A 992 -9.92 15.64 -33.79
CA VAL A 992 -9.15 16.85 -34.02
C VAL A 992 -7.86 16.75 -33.22
N GLN A 993 -6.73 16.94 -33.88
CA GLN A 993 -5.44 16.84 -33.22
C GLN A 993 -5.24 17.96 -32.20
N LEU A 994 -4.49 17.66 -31.15
CA LEU A 994 -4.21 18.60 -30.08
C LEU A 994 -2.77 19.05 -30.14
N GLU A 995 -2.56 20.36 -30.09
CA GLU A 995 -1.22 20.93 -29.99
C GLU A 995 -0.88 21.16 -28.54
N ARG A 996 0.26 20.61 -28.09
CA ARG A 996 0.68 20.71 -26.72
C ARG A 996 2.20 20.86 -26.67
N VAL A 997 2.73 21.01 -25.45
CA VAL A 997 4.17 21.23 -25.28
C VAL A 997 4.93 19.95 -25.64
N ALA A 998 6.22 20.12 -25.93
CA ALA A 998 7.05 19.00 -26.36
C ALA A 998 7.23 17.99 -25.24
N ASP A 999 7.72 18.44 -24.09
CA ASP A 999 7.95 17.56 -22.94
C ASP A 999 6.61 17.26 -22.28
N GLU A 1000 5.99 16.16 -22.70
CA GLU A 1000 4.68 15.78 -22.19
C GLU A 1000 4.43 14.32 -22.53
N ASP A 1001 3.57 13.68 -21.72
CA ASP A 1001 3.16 12.29 -21.95
C ASP A 1001 2.21 12.25 -23.14
N ALA A 1002 2.79 12.34 -24.33
CA ALA A 1002 2.02 12.30 -25.57
C ALA A 1002 1.57 10.90 -25.95
N ASN A 1003 1.98 9.88 -25.20
CA ASN A 1003 1.57 8.50 -25.49
C ASN A 1003 0.07 8.30 -25.31
N LEU A 1004 -0.56 9.11 -24.47
CA LEU A 1004 -2.01 9.01 -24.21
C LEU A 1004 -2.82 9.91 -25.13
N ASN A 1005 -2.47 9.99 -26.40
CA ASN A 1005 -3.31 10.65 -27.39
C ASN A 1005 -4.35 9.69 -27.97
N ASP A 1006 -3.93 8.47 -28.30
CA ASP A 1006 -4.87 7.39 -28.57
C ASP A 1006 -5.39 6.88 -27.24
N LEU A 1007 -6.68 7.08 -26.99
CA LEU A 1007 -7.21 6.75 -25.68
C LEU A 1007 -8.16 5.56 -25.74
N PRO A 1008 -8.18 4.74 -24.68
CA PRO A 1008 -8.99 3.51 -24.70
C PRO A 1008 -10.49 3.77 -24.60
N GLU A 1009 -11.27 2.70 -24.71
CA GLU A 1009 -12.69 2.78 -24.42
C GLU A 1009 -12.90 3.00 -22.93
N THR A 1010 -13.95 3.73 -22.59
CA THR A 1010 -14.21 4.09 -21.20
C THR A 1010 -15.69 3.85 -20.91
N GLY A 1011 -15.97 2.87 -20.05
CA GLY A 1011 -17.31 2.59 -19.58
C GLY A 1011 -17.73 3.34 -18.35
N PHE A 1012 -16.84 4.14 -17.76
CA PHE A 1012 -17.19 4.93 -16.59
C PHE A 1012 -17.86 6.24 -16.98
N PHE A 1013 -17.37 6.90 -18.02
CA PHE A 1013 -17.87 8.21 -18.46
C PHE A 1013 -18.88 7.98 -19.57
N GLU A 1014 -20.17 7.98 -19.20
CA GLU A 1014 -21.22 7.80 -20.20
C GLU A 1014 -21.26 8.95 -21.19
N ASN A 1015 -20.91 10.16 -20.76
CA ASN A 1015 -20.85 11.32 -21.63
C ASN A 1015 -19.51 12.01 -21.42
N ILE A 1016 -18.83 12.34 -22.51
CA ILE A 1016 -17.50 12.93 -22.44
C ILE A 1016 -17.49 14.43 -22.74
N GLU A 1017 -18.57 14.97 -23.30
CA GLU A 1017 -18.63 16.42 -23.50
C GLU A 1017 -18.95 17.14 -22.20
N THR A 1018 -19.86 16.60 -21.40
CA THR A 1018 -20.30 17.25 -20.17
C THR A 1018 -19.25 17.13 -19.08
N GLU A 1019 -18.82 15.90 -18.77
CA GLU A 1019 -17.87 15.63 -17.70
C GLU A 1019 -16.49 16.18 -17.97
N PHE A 1020 -16.24 16.73 -19.16
CA PHE A 1020 -15.01 17.44 -19.47
C PHE A 1020 -15.14 18.94 -19.28
N LEU A 1021 -16.22 19.54 -19.77
CA LEU A 1021 -16.44 20.96 -19.55
C LEU A 1021 -16.67 21.27 -18.08
N LEU A 1022 -17.24 20.33 -17.32
CA LEU A 1022 -17.37 20.51 -15.89
C LEU A 1022 -15.99 20.61 -15.23
N PHE A 1023 -15.07 19.72 -15.59
CA PHE A 1023 -13.72 19.78 -15.06
C PHE A 1023 -13.01 21.06 -15.48
N THR A 1024 -13.25 21.50 -16.72
CA THR A 1024 -12.67 22.76 -17.18
C THR A 1024 -13.19 23.94 -16.36
N VAL A 1025 -14.49 23.94 -16.04
CA VAL A 1025 -15.06 25.01 -15.24
C VAL A 1025 -14.46 25.00 -13.84
N LYS A 1026 -14.32 23.82 -13.24
CA LYS A 1026 -13.70 23.73 -11.92
C LYS A 1026 -12.26 24.25 -11.95
N LEU A 1027 -11.52 23.89 -12.98
CA LEU A 1027 -10.13 24.35 -13.08
C LEU A 1027 -10.05 25.86 -13.26
N LYS A 1028 -10.96 26.44 -14.05
CA LYS A 1028 -10.96 27.89 -14.21
C LYS A 1028 -11.34 28.58 -12.91
N GLY A 1029 -12.30 28.03 -12.17
CA GLY A 1029 -12.64 28.57 -10.87
C GLY A 1029 -11.46 28.55 -9.91
N LEU A 1030 -10.67 27.46 -9.95
CA LEU A 1030 -9.45 27.43 -9.14
C LEU A 1030 -8.45 28.47 -9.62
N MET A 1031 -8.32 28.63 -10.94
CA MET A 1031 -7.37 29.60 -11.49
C MET A 1031 -7.73 31.03 -11.08
N LYS A 1032 -9.02 31.33 -10.93
CA LYS A 1032 -9.42 32.67 -10.54
C LYS A 1032 -9.04 32.99 -9.09
N LEU A 1033 -8.89 31.98 -8.24
CA LEU A 1033 -8.57 32.18 -6.84
C LEU A 1033 -7.08 32.23 -6.56
N ASN A 1034 -6.24 32.35 -7.60
CA ASN A 1034 -4.79 32.40 -7.46
C ASN A 1034 -4.25 31.18 -6.71
N ILE A 1035 -4.84 30.02 -6.98
CA ILE A 1035 -4.39 28.77 -6.40
C ILE A 1035 -3.45 28.02 -7.36
N LEU A 1036 -3.74 28.06 -8.64
CA LEU A 1036 -2.91 27.43 -9.66
C LEU A 1036 -2.01 28.48 -10.32
N ASP A 1037 -0.87 28.01 -10.82
CA ASP A 1037 0.12 28.91 -11.41
C ASP A 1037 -0.36 29.40 -12.78
N GLU A 1038 0.44 30.29 -13.39
CA GLU A 1038 0.07 30.87 -14.67
C GLU A 1038 0.40 29.95 -15.84
N ARG A 1039 1.40 29.09 -15.69
CA ARG A 1039 1.66 28.07 -16.71
C ARG A 1039 0.48 27.13 -16.86
N PHE A 1040 -0.25 26.89 -15.77
CA PHE A 1040 -1.48 26.11 -15.85
C PHE A 1040 -2.51 26.80 -16.74
N ALA A 1041 -2.67 28.12 -16.55
CA ALA A 1041 -3.59 28.88 -17.39
C ALA A 1041 -3.14 28.90 -18.84
N SER A 1042 -1.83 28.90 -19.07
CA SER A 1042 -1.31 28.86 -20.43
C SER A 1042 -1.59 27.51 -21.10
N ARG A 1043 -1.44 26.42 -20.34
CA ARG A 1043 -1.68 25.10 -20.90
C ARG A 1043 -3.17 24.83 -21.11
N VAL A 1044 -4.03 25.38 -20.23
CA VAL A 1044 -5.46 25.12 -20.35
C VAL A 1044 -6.02 25.75 -21.62
N ALA A 1045 -5.66 27.00 -21.90
CA ALA A 1045 -6.20 27.75 -23.02
C ALA A 1045 -5.37 27.62 -24.29
N LEU A 1046 -4.81 26.44 -24.56
CA LEU A 1046 -4.04 26.22 -25.78
C LEU A 1046 -4.91 25.76 -26.95
N ASN A 1047 -6.11 25.25 -26.68
CA ASN A 1047 -7.00 24.71 -27.70
C ASN A 1047 -8.35 25.41 -27.67
N LYS A 1048 -8.34 26.72 -27.43
CA LYS A 1048 -9.59 27.48 -27.39
C LYS A 1048 -10.25 27.60 -28.75
N GLU A 1049 -9.48 27.47 -29.83
CA GLU A 1049 -10.04 27.55 -31.18
C GLU A 1049 -10.37 26.19 -31.77
N LYS A 1050 -9.76 25.11 -31.26
CA LYS A 1050 -9.98 23.79 -31.84
C LYS A 1050 -11.29 23.17 -31.34
N LEU A 1051 -11.64 23.41 -30.07
CA LEU A 1051 -12.76 22.73 -29.43
C LEU A 1051 -14.05 23.55 -29.45
N GLY A 1052 -14.11 24.60 -30.27
CA GLY A 1052 -15.34 25.35 -30.43
C GLY A 1052 -15.42 26.56 -29.52
N PRO A 1053 -16.60 27.21 -29.50
CA PRO A 1053 -16.75 28.43 -28.69
C PRO A 1053 -16.98 28.16 -27.22
N LEU A 1054 -17.46 26.97 -26.85
CA LEU A 1054 -17.70 26.68 -25.43
C LEU A 1054 -16.41 26.76 -24.62
N PHE A 1055 -15.28 26.42 -25.22
CA PHE A 1055 -14.01 26.47 -24.49
C PHE A 1055 -13.49 27.90 -24.40
N LYS A 1056 -13.64 28.69 -25.47
CA LYS A 1056 -13.21 30.08 -25.39
C LYS A 1056 -14.09 30.88 -24.44
N LYS A 1057 -15.35 30.47 -24.26
CA LYS A 1057 -16.18 31.08 -23.23
C LYS A 1057 -15.55 30.94 -21.85
N ILE A 1058 -15.01 29.76 -21.56
CA ILE A 1058 -14.31 29.56 -20.29
C ILE A 1058 -12.97 30.29 -20.29
N VAL A 1059 -12.31 30.38 -21.45
CA VAL A 1059 -11.01 31.05 -21.54
C VAL A 1059 -11.14 32.51 -21.15
N ASP A 1060 -12.02 33.24 -21.83
CA ASP A 1060 -12.17 34.67 -21.56
C ASP A 1060 -13.06 34.93 -20.35
N ASP A 1061 -14.35 34.63 -20.47
CA ASP A 1061 -15.30 34.85 -19.38
C ASP A 1061 -14.97 33.98 -18.18
N THR B 135 63.24 -59.67 56.86
CA THR B 135 64.05 -58.58 56.35
C THR B 135 63.78 -57.29 57.12
N GLU B 136 64.71 -56.91 58.00
CA GLU B 136 64.59 -55.71 58.81
C GLU B 136 65.10 -54.47 58.09
N LEU B 137 65.83 -54.61 56.98
CA LEU B 137 66.33 -53.45 56.27
C LEU B 137 65.20 -52.67 55.61
N PHE B 138 64.21 -53.36 55.07
CA PHE B 138 63.07 -52.69 54.45
C PHE B 138 62.17 -52.03 55.48
N ASP B 139 62.21 -52.47 56.74
CA ASP B 139 61.43 -51.82 57.79
C ASP B 139 62.02 -50.48 58.18
N ILE B 140 63.34 -50.33 58.09
CA ILE B 140 64.01 -49.06 58.37
C ILE B 140 64.40 -48.42 57.05
N LEU B 141 63.42 -48.23 56.17
CA LEU B 141 63.67 -47.67 54.85
C LEU B 141 62.39 -47.10 54.24
N SER B 142 61.40 -47.96 54.01
CA SER B 142 60.16 -47.52 53.38
C SER B 142 59.28 -46.68 54.31
N THR B 143 59.55 -46.69 55.61
CA THR B 143 58.78 -45.91 56.57
C THR B 143 59.59 -44.83 57.29
N SER B 144 60.91 -44.97 57.37
CA SER B 144 61.74 -43.98 58.03
C SER B 144 61.78 -42.70 57.20
N GLU B 145 61.34 -41.59 57.80
CA GLU B 145 61.32 -40.30 57.11
C GLU B 145 62.55 -39.48 57.41
N ASP B 146 62.66 -38.97 58.64
CA ASP B 146 63.77 -38.12 59.04
C ASP B 146 64.85 -39.00 59.68
N VAL B 147 65.73 -39.55 58.83
CA VAL B 147 66.83 -40.39 59.28
C VAL B 147 68.08 -40.01 58.49
N SER B 148 69.24 -40.33 59.08
CA SER B 148 70.51 -40.06 58.44
C SER B 148 70.79 -41.10 57.36
N ILE B 149 71.23 -40.64 56.18
CA ILE B 149 71.43 -41.55 55.06
C ILE B 149 72.81 -42.18 55.10
N GLU B 150 73.84 -41.39 55.39
CA GLU B 150 75.20 -41.88 55.33
C GLU B 150 75.57 -42.76 56.52
N GLU B 151 74.95 -42.53 57.68
CA GLU B 151 75.33 -43.25 58.89
C GLU B 151 74.78 -44.67 58.94
N LEU B 152 73.90 -45.04 58.02
CA LEU B 152 73.38 -46.41 57.97
C LEU B 152 74.14 -47.29 56.99
N LEU B 153 74.89 -46.71 56.05
CA LEU B 153 75.64 -47.50 55.08
C LEU B 153 76.92 -48.07 55.67
N ARG B 154 77.53 -47.37 56.63
CA ARG B 154 78.81 -47.80 57.18
C ARG B 154 78.69 -49.13 57.90
N GLU B 155 77.54 -49.39 58.53
CA GLU B 155 77.33 -50.69 59.17
C GLU B 155 77.47 -51.83 58.18
N TRP B 156 76.72 -51.77 57.07
CA TRP B 156 76.78 -52.83 56.07
C TRP B 156 78.16 -52.89 55.41
N LEU B 157 78.77 -51.73 55.16
CA LEU B 157 80.07 -51.70 54.51
C LEU B 157 81.13 -52.37 55.38
N GLU B 158 81.07 -52.15 56.70
CA GLU B 158 82.03 -52.78 57.60
C GLU B 158 81.70 -54.25 57.84
N THR B 159 80.41 -54.61 57.86
CA THR B 159 80.05 -56.00 58.10
C THR B 159 80.30 -56.91 56.90
N TYR B 160 80.35 -56.36 55.69
CA TYR B 160 80.66 -57.20 54.54
C TYR B 160 82.01 -57.90 54.70
N SER B 161 82.95 -57.27 55.39
CA SER B 161 84.21 -57.93 55.71
C SER B 161 84.00 -59.05 56.73
N GLU B 162 83.01 -58.92 57.59
CA GLU B 162 82.68 -59.98 58.54
C GLU B 162 81.85 -61.07 57.87
N ASN B 163 80.64 -60.72 57.44
CA ASN B 163 79.72 -61.66 56.80
C ASN B 163 79.61 -61.29 55.32
N ARG B 164 79.95 -62.25 54.45
CA ARG B 164 79.92 -61.98 53.03
C ARG B 164 78.55 -62.27 52.42
N ASP B 165 77.82 -63.24 52.97
CA ASP B 165 76.55 -63.66 52.39
C ASP B 165 75.36 -62.86 52.88
N LYS B 166 75.41 -62.33 54.11
CA LYS B 166 74.25 -61.63 54.65
C LYS B 166 73.98 -60.31 53.93
N PHE B 167 75.03 -59.62 53.49
CA PHE B 167 74.85 -58.38 52.73
C PHE B 167 74.11 -58.65 51.42
N LEU B 168 74.60 -59.61 50.64
CA LEU B 168 73.91 -59.97 49.39
C LEU B 168 72.54 -60.58 49.65
N GLN B 169 72.33 -61.18 50.82
CA GLN B 169 71.00 -61.68 51.17
C GLN B 169 70.01 -60.54 51.32
N GLU B 170 70.36 -59.54 52.12
CA GLU B 170 69.44 -58.43 52.36
C GLU B 170 69.46 -57.39 51.24
N PHE B 171 70.37 -57.52 50.27
CA PHE B 171 70.42 -56.57 49.17
C PHE B 171 69.34 -56.83 48.12
N ILE B 172 69.15 -58.09 47.73
CA ILE B 172 68.21 -58.40 46.65
C ILE B 172 66.76 -58.39 47.16
N ASN B 173 66.53 -58.78 48.42
CA ASN B 173 65.18 -58.72 48.96
C ASN B 173 64.66 -57.29 49.01
N LEU B 174 65.55 -56.32 49.23
CA LEU B 174 65.12 -54.92 49.23
C LEU B 174 64.61 -54.52 47.86
N LEU B 175 65.27 -54.97 46.79
CA LEU B 175 64.79 -54.69 45.44
C LEU B 175 63.49 -55.42 45.15
N LEU B 176 63.37 -56.66 45.62
CA LEU B 176 62.15 -57.42 45.36
C LEU B 176 60.95 -56.90 46.16
N ASN B 177 61.19 -56.19 47.27
CA ASN B 177 60.08 -55.65 48.05
C ASN B 177 59.27 -54.63 47.27
N CYS B 178 59.91 -53.89 46.37
CA CYS B 178 59.22 -52.84 45.63
C CYS B 178 58.48 -53.37 44.40
N CYS B 179 58.84 -54.55 43.90
CA CYS B 179 58.18 -55.09 42.72
C CYS B 179 56.78 -55.60 43.04
N GLY B 180 56.54 -56.00 44.29
CA GLY B 180 55.22 -56.46 44.69
C GLY B 180 55.07 -57.96 44.69
N SER B 181 55.73 -58.64 45.62
CA SER B 181 55.64 -60.09 45.73
C SER B 181 56.16 -60.52 47.08
N VAL B 182 55.84 -61.76 47.45
CA VAL B 182 56.34 -62.37 48.68
C VAL B 182 57.58 -63.22 48.41
N ALA B 183 58.14 -63.14 47.21
CA ALA B 183 59.33 -63.92 46.89
C ALA B 183 60.56 -63.36 47.60
N ARG B 184 61.38 -64.26 48.14
CA ARG B 184 62.58 -63.89 48.86
C ARG B 184 63.76 -64.72 48.38
N VAL B 185 64.96 -64.26 48.73
CA VAL B 185 66.20 -64.95 48.38
C VAL B 185 66.96 -65.24 49.67
N GLU B 186 67.52 -66.44 49.77
CA GLU B 186 68.25 -66.84 50.95
C GLU B 186 69.75 -66.58 50.76
N ASP B 187 70.51 -66.75 51.84
CA ASP B 187 71.94 -66.44 51.80
C ASP B 187 72.70 -67.42 50.91
N HIS B 188 72.34 -68.70 50.97
CA HIS B 188 73.00 -69.69 50.12
C HIS B 188 72.69 -69.48 48.65
N ASP B 189 71.56 -68.83 48.33
CA ASP B 189 71.25 -68.52 46.94
C ASP B 189 72.06 -67.33 46.44
N VAL B 190 72.13 -66.26 47.24
CA VAL B 190 72.86 -65.07 46.82
C VAL B 190 74.37 -65.28 46.86
N HIS B 191 74.85 -66.26 47.63
CA HIS B 191 76.27 -66.54 47.65
C HIS B 191 76.77 -67.13 46.33
N SER B 192 75.88 -67.79 45.58
CA SER B 192 76.23 -68.29 44.26
C SER B 192 76.37 -67.14 43.27
N ASN B 193 77.56 -66.56 43.17
CA ASN B 193 77.76 -65.37 42.35
C ASN B 193 77.93 -65.71 40.88
N GLU B 194 78.69 -66.77 40.58
CA GLU B 194 78.93 -67.12 39.18
C GLU B 194 77.67 -67.64 38.49
N SER B 195 76.80 -68.31 39.23
CA SER B 195 75.52 -68.78 38.69
C SER B 195 74.44 -67.74 38.99
N SER B 196 74.57 -66.58 38.35
CA SER B 196 73.65 -65.48 38.57
C SER B 196 72.35 -65.66 37.79
N ASN B 197 72.43 -66.18 36.56
CA ASN B 197 71.24 -66.35 35.76
C ASN B 197 70.25 -67.31 36.44
N GLU B 198 70.75 -68.42 36.97
CA GLU B 198 69.86 -69.38 37.61
C GLU B 198 69.32 -68.84 38.93
N THR B 199 70.15 -68.12 39.69
CA THR B 199 69.69 -67.57 40.97
C THR B 199 68.61 -66.53 40.76
N ILE B 200 68.75 -65.68 39.73
CA ILE B 200 67.70 -64.71 39.43
C ILE B 200 66.49 -65.41 38.82
N GLY B 201 66.71 -66.52 38.11
CA GLY B 201 65.61 -67.23 37.48
C GLY B 201 64.78 -68.08 38.42
N GLU B 202 65.35 -68.49 39.56
CA GLU B 202 64.58 -69.28 40.52
C GLU B 202 63.64 -68.42 41.35
N ILE B 203 63.88 -67.11 41.44
CA ILE B 203 62.91 -66.19 42.00
C ILE B 203 61.99 -65.62 40.95
N GLN B 204 62.18 -65.99 39.68
CA GLN B 204 61.38 -65.46 38.58
C GLN B 204 60.00 -66.12 38.51
N LEU B 205 59.94 -67.45 38.69
CA LEU B 205 58.66 -68.15 38.67
C LEU B 205 57.77 -67.77 39.84
N LEU B 206 58.34 -67.32 40.96
CA LEU B 206 57.53 -66.85 42.08
C LEU B 206 56.77 -65.58 41.75
N PHE B 207 57.17 -64.86 40.70
CA PHE B 207 56.45 -63.68 40.24
C PHE B 207 55.59 -63.96 39.01
N GLN B 208 55.98 -64.92 38.18
CA GLN B 208 55.17 -65.28 37.02
C GLN B 208 53.84 -65.88 37.45
N ARG B 209 53.87 -66.80 38.40
CA ARG B 209 52.67 -67.49 38.87
C ARG B 209 51.91 -66.70 39.93
N GLN B 210 52.33 -65.47 40.25
CA GLN B 210 51.66 -64.65 41.23
C GLN B 210 50.81 -63.61 40.51
N LYS B 211 49.50 -63.65 40.77
CA LYS B 211 48.55 -62.80 40.05
C LYS B 211 48.59 -61.36 40.58
N LEU B 212 48.11 -61.16 41.80
CA LEU B 212 47.96 -59.82 42.37
C LEU B 212 49.33 -59.25 42.70
N HIS B 213 49.75 -58.24 41.93
CA HIS B 213 51.00 -57.55 42.17
C HIS B 213 50.85 -56.09 41.75
N GLU B 214 51.38 -55.18 42.57
CA GLU B 214 51.31 -53.76 42.28
C GLU B 214 52.66 -53.12 42.61
N PHE B 215 52.93 -52.00 41.94
CA PHE B 215 54.19 -51.29 42.09
C PHE B 215 54.08 -50.32 43.26
N TYR B 216 54.81 -50.59 44.34
CA TYR B 216 54.78 -49.72 45.50
C TYR B 216 55.71 -48.51 45.34
N LEU B 217 56.75 -48.64 44.50
CA LEU B 217 57.74 -47.59 44.33
C LEU B 217 57.33 -46.59 43.25
N LEU B 218 56.88 -47.09 42.09
CA LEU B 218 56.60 -46.21 40.96
C LEU B 218 55.39 -45.31 41.25
N ILE B 219 54.32 -45.88 41.80
CA ILE B 219 53.13 -45.07 42.08
C ILE B 219 53.41 -44.11 43.24
N SER B 220 54.25 -44.51 44.19
CA SER B 220 54.65 -43.58 45.24
C SER B 220 55.50 -42.44 44.69
N LYS B 221 56.31 -42.71 43.67
CA LYS B 221 57.04 -41.64 43.00
C LYS B 221 56.10 -40.70 42.27
N GLU B 222 55.17 -41.25 41.49
CA GLU B 222 54.29 -40.41 40.68
C GLU B 222 53.28 -39.65 41.53
N ASN B 223 52.72 -40.31 42.54
CA ASN B 223 51.70 -39.71 43.40
C ASN B 223 52.13 -39.80 44.85
N LYS B 224 52.00 -38.68 45.57
CA LYS B 224 52.39 -38.60 46.98
C LYS B 224 51.24 -38.95 47.92
N LYS B 225 50.01 -38.57 47.58
CA LYS B 225 48.86 -38.75 48.45
C LYS B 225 48.03 -39.98 48.12
N ARG B 226 48.35 -40.70 47.04
CA ARG B 226 47.47 -41.75 46.55
C ARG B 226 47.81 -43.12 47.15
N LYS B 227 49.05 -43.58 46.94
CA LYS B 227 49.45 -44.90 47.40
C LYS B 227 49.59 -44.92 48.92
N ASN B 228 49.84 -46.13 49.45
CA ASN B 228 50.08 -46.27 50.88
C ASN B 228 51.38 -45.59 51.29
N PHE B 229 52.45 -45.84 50.55
CA PHE B 229 53.72 -45.16 50.78
C PHE B 229 53.70 -43.78 50.16
N LYS B 230 54.20 -42.79 50.91
CA LYS B 230 54.26 -41.42 50.41
C LYS B 230 55.48 -41.21 49.54
N MET B 231 55.54 -40.04 48.91
CA MET B 231 56.67 -39.66 48.06
C MET B 231 57.92 -39.35 48.87
N GLY B 232 57.82 -39.27 50.19
CA GLY B 232 58.94 -38.93 51.03
C GLY B 232 59.88 -40.09 51.31
N PRO B 233 59.42 -41.07 52.10
CA PRO B 233 60.31 -42.16 52.52
C PRO B 233 60.75 -43.08 51.40
N LEU B 234 60.13 -43.01 50.21
CA LEU B 234 60.39 -43.98 49.16
C LEU B 234 60.89 -43.36 47.86
N TYR B 235 61.08 -42.05 47.81
CA TYR B 235 61.56 -41.47 46.56
C TYR B 235 62.75 -40.54 46.73
N GLN B 236 62.81 -39.78 47.82
CA GLN B 236 63.92 -38.84 48.04
C GLN B 236 65.11 -39.56 48.70
N ASN B 237 64.92 -40.02 49.93
CA ASN B 237 65.98 -40.77 50.61
C ASN B 237 66.30 -42.06 49.87
N PHE B 238 65.32 -42.64 49.18
CA PHE B 238 65.57 -43.83 48.38
C PHE B 238 66.62 -43.57 47.32
N ALA B 239 66.48 -42.47 46.58
CA ALA B 239 67.46 -42.13 45.56
C ALA B 239 68.77 -41.65 46.17
N GLU B 240 68.70 -40.93 47.31
CA GLU B 240 69.92 -40.49 47.97
C GLU B 240 70.74 -41.67 48.49
N PHE B 241 70.09 -42.80 48.77
CA PHE B 241 70.80 -43.97 49.25
C PHE B 241 71.75 -44.52 48.18
N MET B 242 71.32 -44.51 46.92
CA MET B 242 72.19 -44.97 45.84
C MET B 242 73.12 -43.86 45.34
N THR B 243 72.67 -42.60 45.39
CA THR B 243 73.51 -41.52 44.90
C THR B 243 74.72 -41.29 45.80
N LYS B 244 74.50 -41.28 47.12
CA LYS B 244 75.57 -41.09 48.09
C LYS B 244 76.13 -42.40 48.62
N LEU B 245 76.11 -43.46 47.81
CA LEU B 245 76.59 -44.75 48.25
C LEU B 245 78.12 -44.83 48.23
N LEU B 246 78.77 -44.11 47.33
CA LEU B 246 80.22 -44.19 47.17
C LEU B 246 80.97 -43.13 47.97
N GLU B 247 80.26 -42.19 48.61
CA GLU B 247 80.95 -41.21 49.46
C GLU B 247 81.51 -41.86 50.71
N VAL B 248 80.83 -42.89 51.22
CA VAL B 248 81.29 -43.58 52.42
C VAL B 248 82.23 -44.74 52.11
N ALA B 249 82.26 -45.20 50.86
CA ALA B 249 83.06 -46.38 50.50
C ALA B 249 84.56 -46.13 50.66
N ASN B 250 85.01 -44.89 50.45
CA ASN B 250 86.43 -44.59 50.53
C ASN B 250 86.91 -44.36 51.96
N ASP B 251 86.00 -44.27 52.93
CA ASP B 251 86.40 -44.08 54.32
C ASP B 251 86.97 -45.36 54.92
N LEU B 252 86.21 -46.46 54.83
CA LEU B 252 86.66 -47.75 55.33
C LEU B 252 87.54 -48.50 54.34
N GLN B 253 87.85 -47.91 53.19
CA GLN B 253 88.66 -48.53 52.15
C GLN B 253 88.06 -49.86 51.68
N LEU B 254 86.79 -49.80 51.29
CA LEU B 254 86.10 -50.94 50.70
C LEU B 254 85.93 -50.82 49.19
N LEU B 255 86.25 -49.66 48.61
CA LEU B 255 86.10 -49.47 47.17
C LEU B 255 87.36 -49.95 46.43
N TYR B 256 88.53 -49.49 46.86
CA TYR B 256 89.77 -49.82 46.18
C TYR B 256 90.50 -51.01 46.81
N VAL B 257 90.15 -51.36 48.05
CA VAL B 257 90.75 -52.46 48.80
C VAL B 257 92.26 -52.54 48.64
N GLY B 269 88.82 -53.50 43.04
CA GLY B 269 88.01 -54.04 44.11
C GLY B 269 87.17 -55.24 43.70
N ASN B 270 86.86 -56.10 44.67
CA ASN B 270 86.07 -57.29 44.41
C ASN B 270 84.58 -57.07 44.67
N LEU B 271 84.24 -56.18 45.59
CA LEU B 271 82.84 -55.90 45.89
C LEU B 271 82.13 -55.18 44.74
N VAL B 272 82.88 -54.50 43.88
CA VAL B 272 82.27 -53.75 42.78
C VAL B 272 81.82 -54.68 41.66
N LEU B 273 82.57 -55.76 41.41
CA LEU B 273 82.28 -56.63 40.27
C LEU B 273 80.99 -57.43 40.48
N ASP B 274 80.62 -57.69 41.74
CA ASP B 274 79.43 -58.49 41.99
C ASP B 274 78.16 -57.79 41.52
N LEU B 275 78.05 -56.49 41.79
CA LEU B 275 76.86 -55.75 41.34
C LEU B 275 76.82 -55.68 39.82
N LEU B 276 77.97 -55.47 39.18
CA LEU B 276 78.01 -55.47 37.72
C LEU B 276 77.62 -56.83 37.14
N THR B 277 77.94 -57.91 37.83
CA THR B 277 77.56 -59.24 37.36
C THR B 277 76.07 -59.49 37.55
N TRP B 278 75.50 -59.07 38.69
CA TRP B 278 74.11 -59.37 39.00
C TRP B 278 73.15 -58.46 38.21
N LEU B 279 73.32 -57.14 38.34
CA LEU B 279 72.37 -56.21 37.76
C LEU B 279 72.37 -56.26 36.23
N SER B 280 73.44 -56.75 35.61
CA SER B 280 73.46 -56.86 34.16
C SER B 280 72.45 -57.91 33.67
N SER B 281 72.39 -59.06 34.34
CA SER B 281 71.42 -60.08 33.99
C SER B 281 70.06 -59.83 34.64
N PHE B 282 69.99 -58.98 35.66
CA PHE B 282 68.71 -58.65 36.26
C PHE B 282 67.88 -57.69 35.40
N SER B 283 68.52 -56.92 34.52
CA SER B 283 67.85 -55.89 33.74
C SER B 283 67.58 -56.33 32.30
N VAL B 284 67.31 -57.60 32.07
CA VAL B 284 67.01 -58.10 30.73
C VAL B 284 65.89 -59.13 30.81
N CYS B 285 64.69 -58.67 31.17
CA CYS B 285 63.54 -59.55 31.31
C CYS B 285 62.35 -58.93 30.57
N LYS B 286 61.33 -59.76 30.31
CA LYS B 286 60.11 -59.29 29.66
C LYS B 286 59.12 -58.68 30.64
N ILE B 287 59.10 -59.14 31.89
CA ILE B 287 58.21 -58.56 32.89
C ILE B 287 58.70 -57.15 33.22
N ARG B 288 57.77 -56.19 33.21
CA ARG B 288 58.10 -54.78 33.35
C ARG B 288 58.49 -54.38 34.77
N CYS B 289 58.52 -55.32 35.71
CA CYS B 289 58.73 -54.95 37.11
C CYS B 289 60.22 -54.82 37.45
N PHE B 290 60.98 -55.89 37.23
CA PHE B 290 62.37 -55.92 37.69
C PHE B 290 63.31 -55.13 36.78
N ARG B 291 63.02 -55.06 35.49
CA ARG B 291 63.90 -54.39 34.55
C ARG B 291 64.06 -52.91 34.89
N TYR B 292 62.94 -52.24 35.19
CA TYR B 292 62.99 -50.82 35.53
C TYR B 292 63.88 -50.57 36.74
N ILE B 293 63.65 -51.32 37.82
CA ILE B 293 64.40 -51.06 39.04
C ILE B 293 65.88 -51.43 38.88
N SER B 294 66.19 -52.46 38.08
CA SER B 294 67.59 -52.81 37.87
C SER B 294 68.31 -51.74 37.06
N THR B 295 67.71 -51.30 35.96
CA THR B 295 68.33 -50.24 35.16
C THR B 295 68.46 -48.95 35.95
N LEU B 296 67.47 -48.66 36.80
CA LEU B 296 67.54 -47.47 37.64
C LEU B 296 68.66 -47.58 38.67
N THR B 297 68.84 -48.77 39.26
CA THR B 297 69.92 -48.97 40.22
C THR B 297 71.28 -48.79 39.54
N LEU B 298 71.39 -49.21 38.29
CA LEU B 298 72.64 -48.99 37.55
C LEU B 298 72.88 -47.50 37.29
N TYR B 299 71.85 -46.80 36.80
CA TYR B 299 72.02 -45.39 36.45
C TYR B 299 72.23 -44.52 37.68
N LEU B 300 71.73 -44.94 38.85
CA LEU B 300 71.94 -44.16 40.06
C LEU B 300 73.40 -44.13 40.48
N PHE B 301 74.13 -45.23 40.26
CA PHE B 301 75.57 -45.22 40.50
C PHE B 301 76.32 -44.52 39.38
N GLN B 302 75.85 -44.68 38.15
CA GLN B 302 76.41 -43.91 37.04
C GLN B 302 76.33 -42.41 37.30
N ASP B 303 75.33 -41.97 38.05
CA ASP B 303 75.22 -40.55 38.40
C ASP B 303 76.44 -40.08 39.17
N TYR B 304 76.79 -40.77 40.26
CA TYR B 304 77.91 -40.34 41.10
C TYR B 304 79.27 -40.67 40.48
N LEU B 305 79.32 -41.61 39.53
CA LEU B 305 80.58 -41.93 38.87
C LEU B 305 81.25 -40.69 38.30
N THR B 306 80.53 -39.95 37.45
CA THR B 306 81.12 -38.77 36.81
C THR B 306 81.40 -37.66 37.82
N GLN B 307 80.52 -37.52 38.83
CA GLN B 307 80.74 -36.55 39.89
C GLN B 307 82.11 -36.76 40.53
N GLN B 308 82.36 -37.97 41.03
CA GLN B 308 83.62 -38.23 41.70
C GLN B 308 84.79 -38.23 40.72
N ALA B 309 84.56 -38.58 39.46
CA ALA B 309 85.62 -38.51 38.46
C ALA B 309 86.11 -37.07 38.31
N VAL B 310 85.18 -36.13 38.09
CA VAL B 310 85.57 -34.72 37.95
C VAL B 310 86.15 -34.19 39.25
N ASN B 311 85.61 -34.63 40.39
CA ASN B 311 86.13 -34.19 41.67
C ASN B 311 87.59 -34.59 41.85
N LEU B 312 87.91 -35.85 41.57
CA LEU B 312 89.29 -36.30 41.67
C LEU B 312 90.18 -35.66 40.60
N GLU B 313 89.62 -35.34 39.44
CA GLU B 313 90.42 -34.74 38.38
C GLU B 313 90.80 -33.31 38.69
N LYS B 314 89.92 -32.54 39.35
CA LYS B 314 90.19 -31.13 39.56
C LYS B 314 90.66 -30.79 40.98
N ASN B 315 90.33 -31.59 41.98
CA ASN B 315 90.67 -31.27 43.37
C ASN B 315 91.72 -32.21 43.96
N TYR B 316 92.31 -33.08 43.15
CA TYR B 316 93.32 -34.01 43.65
C TYR B 316 94.51 -34.09 42.69
N LEU B 317 94.26 -34.54 41.46
CA LEU B 317 95.33 -34.71 40.49
C LEU B 317 95.91 -33.35 40.07
N ALA B 318 95.03 -32.44 39.66
CA ALA B 318 95.49 -31.12 39.24
C ALA B 318 96.08 -30.30 40.39
N LYS B 319 95.71 -30.62 41.64
CA LYS B 319 96.27 -29.89 42.78
C LYS B 319 97.63 -30.47 43.18
N LEU B 320 97.79 -31.78 43.09
CA LEU B 320 99.08 -32.40 43.35
C LEU B 320 100.08 -32.16 42.21
N SER B 321 99.58 -31.88 41.01
CA SER B 321 100.48 -31.58 39.90
C SER B 321 101.27 -30.30 40.15
N LYS B 322 100.62 -29.29 40.76
CA LYS B 322 101.32 -28.06 41.09
C LYS B 322 102.35 -28.28 42.19
N GLN B 323 102.04 -29.16 43.14
CA GLN B 323 103.02 -29.48 44.19
C GLN B 323 104.20 -30.23 43.62
N LEU B 324 103.97 -31.14 42.67
CA LEU B 324 105.07 -31.86 42.03
C LEU B 324 105.88 -30.96 41.11
N SER B 325 105.25 -29.93 40.54
CA SER B 325 105.98 -28.99 39.70
C SER B 325 106.91 -28.11 40.52
N LEU B 326 106.55 -27.83 41.77
CA LEU B 326 107.41 -27.05 42.65
C LEU B 326 108.58 -27.84 43.22
N GLU B 327 108.63 -29.15 42.98
CA GLU B 327 109.67 -30.02 43.52
C GLU B 327 110.56 -30.59 42.42
N GLU B 328 110.66 -29.90 41.28
CA GLU B 328 111.58 -30.27 40.22
C GLU B 328 112.64 -29.19 39.99
N LYS B 329 112.23 -27.95 39.79
CA LYS B 329 113.16 -26.84 39.69
C LYS B 329 113.53 -26.35 41.08
N LYS B 330 114.84 -26.20 41.34
CA LYS B 330 115.88 -26.47 40.36
C LYS B 330 117.07 -27.16 41.03
N LYS B 331 117.39 -28.36 40.55
CA LYS B 331 118.54 -29.13 41.04
C LYS B 331 118.43 -29.44 42.53
N ARG B 332 117.23 -29.86 42.96
CA ARG B 332 117.02 -30.19 44.36
C ARG B 332 115.84 -31.14 44.54
N PRO B 333 115.94 -32.40 44.12
CA PRO B 333 114.84 -33.35 44.33
C PRO B 333 114.82 -33.81 45.79
N ASN B 334 113.62 -33.81 46.39
CA ASN B 334 113.50 -34.22 47.78
C ASN B 334 113.63 -35.72 47.96
N ASN B 335 113.19 -36.51 46.97
CA ASN B 335 113.23 -37.97 47.01
C ASN B 335 112.37 -38.54 48.14
N LYS B 336 112.46 -37.97 49.34
CA LYS B 336 111.59 -38.37 50.43
C LYS B 336 110.13 -38.04 50.11
N THR B 337 109.88 -36.83 49.61
CA THR B 337 108.54 -36.43 49.21
C THR B 337 108.19 -36.92 47.81
N LEU B 338 109.19 -37.24 46.99
CA LEU B 338 108.94 -37.72 45.63
C LEU B 338 108.19 -39.06 45.65
N GLU B 339 108.58 -39.96 46.55
CA GLU B 339 107.94 -41.28 46.60
C GLU B 339 106.54 -41.21 47.20
N LYS B 340 106.21 -40.16 47.95
CA LYS B 340 104.84 -39.96 48.38
C LYS B 340 104.00 -39.34 47.28
N LEU B 341 104.55 -38.34 46.58
CA LEU B 341 103.84 -37.72 45.48
C LEU B 341 103.53 -38.72 44.38
N GLU B 342 104.48 -39.60 44.05
CA GLU B 342 104.25 -40.56 42.99
C GLU B 342 103.16 -41.56 43.38
N SER B 343 103.13 -41.98 44.65
CA SER B 343 102.11 -42.92 45.08
C SER B 343 100.73 -42.26 45.08
N THR B 344 100.63 -41.03 45.58
CA THR B 344 99.33 -40.35 45.57
C THR B 344 98.84 -40.10 44.15
N ILE B 345 99.74 -39.67 43.26
CA ILE B 345 99.33 -39.43 41.87
C ILE B 345 98.98 -40.73 41.17
N ALA B 346 99.66 -41.82 41.50
CA ALA B 346 99.31 -43.12 40.91
C ALA B 346 97.93 -43.57 41.37
N GLU B 347 97.61 -43.36 42.65
CA GLU B 347 96.27 -43.66 43.14
C GLU B 347 95.22 -42.83 42.39
N THR B 348 95.46 -41.53 42.27
CA THR B 348 94.51 -40.66 41.59
C THR B 348 94.35 -41.01 40.12
N GLN B 349 95.42 -41.51 39.48
CA GLN B 349 95.36 -41.85 38.07
C GLN B 349 94.71 -43.21 37.84
N GLY B 350 94.88 -44.15 38.77
CA GLY B 350 94.29 -45.47 38.64
C GLY B 350 92.82 -45.52 38.99
N SER B 351 92.42 -44.74 39.99
CA SER B 351 91.00 -44.66 40.32
C SER B 351 90.19 -44.16 39.13
N LYS B 352 90.75 -43.21 38.37
CA LYS B 352 90.06 -42.71 37.18
C LYS B 352 89.92 -43.80 36.13
N VAL B 353 90.95 -44.62 35.95
CA VAL B 353 90.88 -45.71 34.98
C VAL B 353 89.81 -46.71 35.39
N VAL B 354 89.72 -47.02 36.69
CA VAL B 354 88.69 -47.95 37.16
C VAL B 354 87.30 -47.37 36.94
N ILE B 355 87.11 -46.09 37.27
CA ILE B 355 85.82 -45.44 37.07
C ILE B 355 85.44 -45.43 35.60
N ASP B 356 86.41 -45.15 34.72
CA ASP B 356 86.13 -45.15 33.29
C ASP B 356 85.81 -46.54 32.77
N SER B 357 86.44 -47.58 33.33
CA SER B 357 86.10 -48.94 32.93
C SER B 357 84.65 -49.26 33.31
N ILE B 358 84.24 -48.89 34.53
CA ILE B 358 82.86 -49.12 34.93
C ILE B 358 81.89 -48.35 34.04
N ILE B 359 82.22 -47.09 33.75
CA ILE B 359 81.39 -46.26 32.89
C ILE B 359 81.26 -46.88 31.50
N ASP B 360 82.37 -47.36 30.94
CA ASP B 360 82.33 -47.96 29.61
C ASP B 360 81.52 -49.25 29.61
N ASN B 361 81.64 -50.06 30.66
CA ASN B 361 80.81 -51.26 30.77
C ASN B 361 79.33 -50.91 30.74
N ILE B 362 78.92 -49.95 31.58
CA ILE B 362 77.50 -49.62 31.68
C ILE B 362 77.00 -48.95 30.41
N VAL B 363 77.86 -48.19 29.72
CA VAL B 363 77.45 -47.57 28.47
C VAL B 363 77.36 -48.61 27.36
N LYS B 364 78.22 -49.64 27.40
CA LYS B 364 78.26 -50.62 26.32
C LYS B 364 77.10 -51.61 26.41
N LEU B 365 76.88 -52.21 27.58
CA LEU B 365 75.90 -53.29 27.66
C LEU B 365 74.53 -52.85 28.19
N CYS B 366 74.44 -51.73 28.89
CA CYS B 366 73.18 -51.31 29.49
C CYS B 366 72.48 -50.18 28.75
N PHE B 367 73.24 -49.24 28.18
CA PHE B 367 72.61 -48.08 27.55
C PHE B 367 72.19 -48.38 26.12
N VAL B 368 73.01 -49.15 25.38
CA VAL B 368 72.71 -49.39 23.97
C VAL B 368 71.46 -50.25 23.82
N HIS B 369 71.19 -51.13 24.77
CA HIS B 369 70.03 -52.02 24.68
C HIS B 369 68.77 -51.44 25.30
N ARG B 370 68.89 -50.42 26.16
CA ARG B 370 67.76 -49.88 26.88
C ARG B 370 67.33 -48.51 26.35
N TYR B 371 67.66 -48.19 25.10
CA TYR B 371 67.14 -47.00 24.45
C TYR B 371 66.18 -47.34 23.32
N LYS B 372 66.00 -48.61 23.00
CA LYS B 372 64.97 -49.09 22.09
C LYS B 372 63.91 -49.92 22.83
N ASP B 373 63.73 -49.65 24.12
CA ASP B 373 62.80 -50.40 24.94
C ASP B 373 61.37 -50.13 24.51
N VAL B 374 60.47 -51.03 24.93
CA VAL B 374 59.06 -50.90 24.55
C VAL B 374 58.29 -50.00 25.50
N SER B 375 58.68 -49.94 26.77
CA SER B 375 57.99 -49.10 27.74
C SER B 375 58.46 -47.66 27.64
N ASP B 376 57.55 -46.73 27.94
CA ASP B 376 57.88 -45.31 27.83
C ASP B 376 58.64 -44.82 29.05
N LEU B 377 58.29 -45.30 30.25
CA LEU B 377 58.96 -44.83 31.46
C LEU B 377 60.42 -45.26 31.50
N ILE B 378 60.71 -46.50 31.09
CA ILE B 378 62.08 -46.98 31.08
C ILE B 378 62.90 -46.22 30.04
N ARG B 379 62.35 -46.04 28.84
CA ARG B 379 63.06 -45.31 27.80
C ARG B 379 63.29 -43.85 28.17
N SER B 380 62.39 -43.27 28.97
CA SER B 380 62.56 -41.88 29.40
C SER B 380 63.56 -41.77 30.55
N GLU B 381 63.54 -42.73 31.47
CA GLU B 381 64.53 -42.74 32.55
C GLU B 381 65.93 -43.02 32.03
N SER B 382 66.04 -43.74 30.91
CA SER B 382 67.35 -43.96 30.31
C SER B 382 67.99 -42.66 29.85
N MET B 383 67.19 -41.74 29.33
CA MET B 383 67.70 -40.47 28.83
C MET B 383 67.70 -39.37 29.88
N LEU B 384 66.91 -39.51 30.94
CA LEU B 384 66.85 -38.47 31.97
C LEU B 384 68.18 -38.30 32.68
N HIS B 385 68.75 -39.40 33.17
CA HIS B 385 69.99 -39.33 33.92
C HIS B 385 71.23 -39.18 33.05
N LEU B 386 71.09 -39.28 31.73
CA LEU B 386 72.21 -39.02 30.84
C LEU B 386 72.63 -37.54 30.88
N SER B 387 71.68 -36.65 31.16
CA SER B 387 72.00 -35.23 31.27
C SER B 387 73.01 -34.97 32.38
N ILE B 388 72.89 -35.71 33.49
CA ILE B 388 73.84 -35.54 34.59
C ILE B 388 75.24 -35.94 34.15
N TRP B 389 75.36 -37.08 33.49
CA TRP B 389 76.66 -37.56 33.04
C TRP B 389 77.28 -36.58 32.04
N ILE B 390 76.45 -36.00 31.18
CA ILE B 390 76.98 -35.07 30.18
C ILE B 390 77.38 -33.75 30.82
N LYS B 391 76.61 -33.29 31.82
CA LYS B 391 76.95 -32.04 32.50
C LYS B 391 78.23 -32.18 33.30
N ASN B 392 78.44 -33.34 33.93
CA ASN B 392 79.57 -33.49 34.86
C ASN B 392 80.87 -33.76 34.13
N TYR B 393 80.98 -34.93 33.49
CA TYR B 393 82.23 -35.38 32.90
C TYR B 393 82.24 -35.03 31.41
N PRO B 394 83.04 -34.05 30.97
CA PRO B 394 83.02 -33.65 29.57
C PRO B 394 84.06 -34.31 28.68
N GLU B 395 85.00 -35.07 29.24
CA GLU B 395 86.06 -35.65 28.42
C GLU B 395 85.56 -36.83 27.60
N TYR B 396 84.81 -37.73 28.22
CA TYR B 396 84.33 -38.94 27.56
C TYR B 396 82.82 -38.94 27.39
N PHE B 397 82.22 -37.75 27.26
CA PHE B 397 80.78 -37.63 27.06
C PHE B 397 80.45 -36.53 26.06
N LEU B 398 81.05 -35.36 26.24
CA LEU B 398 80.83 -34.22 25.34
C LEU B 398 81.55 -34.48 24.03
N LYS B 399 80.90 -35.29 23.18
CA LYS B 399 81.43 -35.64 21.87
C LYS B 399 80.31 -35.61 20.84
N VAL B 400 80.69 -35.79 19.57
CA VAL B 400 79.71 -35.78 18.50
C VAL B 400 79.04 -37.14 18.37
N THR B 401 79.81 -38.22 18.49
CA THR B 401 79.25 -39.56 18.38
C THR B 401 78.39 -39.93 19.58
N PHE B 402 78.59 -39.26 20.72
CA PHE B 402 77.82 -39.56 21.92
C PHE B 402 76.52 -38.77 22.01
N LEU B 403 76.41 -37.67 21.28
CA LEU B 403 75.20 -36.85 21.27
C LEU B 403 74.26 -37.19 20.12
N LYS B 404 74.53 -38.26 19.38
CA LYS B 404 73.66 -38.67 18.29
C LYS B 404 72.38 -39.34 18.80
N TYR B 405 72.39 -39.86 20.02
CA TYR B 405 71.20 -40.51 20.55
C TYR B 405 70.09 -39.51 20.82
N PHE B 406 70.43 -38.27 21.17
CA PHE B 406 69.42 -37.24 21.36
C PHE B 406 68.72 -36.93 20.03
N GLY B 407 69.51 -36.72 18.97
CA GLY B 407 68.91 -36.52 17.65
C GLY B 407 68.15 -37.74 17.16
N TRP B 408 68.55 -38.93 17.62
CA TRP B 408 67.81 -40.14 17.28
C TRP B 408 66.44 -40.15 17.93
N LEU B 409 66.40 -40.04 19.26
CA LEU B 409 65.15 -40.10 20.01
C LEU B 409 64.35 -38.81 19.96
N LEU B 410 64.84 -37.78 19.24
CA LEU B 410 64.02 -36.59 19.01
C LEU B 410 62.72 -36.94 18.30
N SER B 411 62.75 -37.93 17.42
CA SER B 411 61.56 -38.39 16.70
C SER B 411 61.25 -39.80 17.19
N ASP B 412 60.55 -39.87 18.32
CA ASP B 412 60.19 -41.13 18.95
C ASP B 412 58.69 -41.35 18.84
N ASN B 413 58.29 -42.63 18.85
CA ASN B 413 56.88 -42.97 18.74
C ASN B 413 56.13 -42.61 20.01
N SER B 414 56.75 -42.81 21.18
CA SER B 414 56.11 -42.51 22.45
C SER B 414 56.01 -41.00 22.65
N VAL B 415 55.21 -40.62 23.63
CA VAL B 415 54.94 -39.21 23.92
C VAL B 415 55.83 -38.67 25.03
N SER B 416 56.00 -39.45 26.10
CA SER B 416 56.77 -38.99 27.27
C SER B 416 58.27 -38.97 27.04
N VAL B 417 58.75 -39.43 25.88
CA VAL B 417 60.19 -39.41 25.61
C VAL B 417 60.61 -38.04 25.07
N ARG B 418 59.86 -37.54 24.08
CA ARG B 418 60.20 -36.24 23.49
C ARG B 418 60.12 -35.12 24.52
N LEU B 419 59.22 -35.23 25.49
CA LEU B 419 59.11 -34.22 26.53
C LEU B 419 60.43 -34.08 27.29
N GLN B 420 60.95 -35.20 27.80
CA GLN B 420 62.21 -35.15 28.54
C GLN B 420 63.38 -34.78 27.63
N VAL B 421 63.36 -35.23 26.37
CA VAL B 421 64.44 -34.91 25.45
C VAL B 421 64.51 -33.39 25.24
N THR B 422 63.37 -32.78 24.95
CA THR B 422 63.33 -31.33 24.71
C THR B 422 63.43 -30.51 25.99
N LYS B 423 63.20 -31.13 27.16
CA LYS B 423 63.50 -30.45 28.42
C LYS B 423 64.99 -30.47 28.72
N ILE B 424 65.69 -31.53 28.30
CA ILE B 424 67.12 -31.62 28.55
C ILE B 424 67.92 -30.81 27.54
N LEU B 425 67.45 -30.74 26.29
CA LEU B 425 68.21 -30.07 25.23
C LEU B 425 68.66 -28.65 25.55
N PRO B 426 67.84 -27.76 26.13
CA PRO B 426 68.33 -26.39 26.39
C PRO B 426 69.49 -26.33 27.37
N HIS B 427 69.69 -27.35 28.20
CA HIS B 427 70.79 -27.33 29.16
C HIS B 427 72.15 -27.48 28.49
N LEU B 428 72.19 -28.07 27.29
CA LEU B 428 73.47 -28.23 26.59
C LEU B 428 73.97 -26.90 26.04
N ILE B 429 73.05 -26.06 25.56
CA ILE B 429 73.44 -24.78 24.97
C ILE B 429 73.85 -23.75 26.01
N ILE B 430 73.66 -24.05 27.31
CA ILE B 430 74.06 -23.12 28.36
C ILE B 430 75.58 -23.03 28.44
N GLN B 431 76.28 -24.11 28.12
CA GLN B 431 77.74 -24.12 28.23
C GLN B 431 78.38 -23.22 27.17
N ASN B 432 77.87 -23.26 25.94
CA ASN B 432 78.42 -22.44 24.87
C ASN B 432 77.80 -21.05 24.87
N SER B 441 82.43 -25.90 18.28
CA SER B 441 83.44 -26.78 17.71
C SER B 441 83.04 -28.24 17.91
N ALA B 442 82.58 -28.57 19.12
CA ALA B 442 82.16 -29.92 19.45
C ALA B 442 80.66 -30.08 19.64
N ILE B 443 79.94 -28.98 19.85
CA ILE B 443 78.50 -29.03 20.10
C ILE B 443 77.76 -28.58 18.84
N ARG B 444 78.39 -27.70 18.06
CA ARG B 444 77.75 -27.16 16.86
C ARG B 444 77.43 -28.26 15.86
N GLN B 445 78.21 -29.34 15.84
CA GLN B 445 78.01 -30.39 14.84
C GLN B 445 76.72 -31.17 15.04
N VAL B 446 76.13 -31.14 16.24
CA VAL B 446 74.88 -31.84 16.46
C VAL B 446 73.70 -31.01 15.93
N PHE B 447 73.65 -29.73 16.29
CA PHE B 447 72.60 -28.86 15.80
C PHE B 447 72.69 -28.67 14.28
N GLU B 448 73.91 -28.48 13.77
CA GLU B 448 74.11 -28.28 12.34
C GLU B 448 73.55 -29.44 11.51
N ARG B 449 73.31 -30.59 12.12
CA ARG B 449 72.76 -31.75 11.44
C ARG B 449 71.31 -32.03 11.79
N PHE B 450 70.87 -31.73 13.01
CA PHE B 450 69.52 -32.08 13.44
C PHE B 450 68.59 -30.88 13.62
N LYS B 451 68.99 -29.70 13.16
CA LYS B 451 68.09 -28.55 13.27
C LYS B 451 66.87 -28.72 12.36
N THR B 452 67.00 -29.49 11.27
CA THR B 452 65.84 -29.77 10.43
C THR B 452 64.80 -30.59 11.20
N LYS B 453 65.25 -31.64 11.89
CA LYS B 453 64.35 -32.41 12.74
C LYS B 453 63.78 -31.55 13.86
N ILE B 454 64.59 -30.64 14.40
CA ILE B 454 64.10 -29.76 15.46
C ILE B 454 62.98 -28.86 14.93
N LEU B 455 63.14 -28.33 13.73
CA LEU B 455 62.08 -27.53 13.11
C LEU B 455 60.83 -28.37 12.87
N GLU B 456 61.01 -29.58 12.36
CA GLU B 456 59.86 -30.46 12.10
C GLU B 456 59.09 -30.74 13.38
N VAL B 457 59.81 -30.98 14.49
CA VAL B 457 59.14 -31.25 15.76
C VAL B 457 58.51 -29.98 16.32
N ALA B 458 59.16 -28.83 16.15
CA ALA B 458 58.61 -27.59 16.66
C ALA B 458 57.34 -27.19 15.93
N ILE B 459 57.19 -27.57 14.66
CA ILE B 459 56.00 -27.20 13.91
C ILE B 459 54.98 -28.33 13.91
N ARG B 460 55.27 -29.42 13.19
CA ARG B 460 54.28 -30.46 12.93
C ARG B 460 54.58 -31.71 13.76
N ASP B 461 54.44 -31.55 15.06
CA ASP B 461 54.56 -32.67 16.00
C ASP B 461 53.18 -33.16 16.41
N VAL B 462 53.13 -34.41 16.86
CA VAL B 462 51.87 -34.99 17.30
C VAL B 462 51.39 -34.33 18.59
N ASN B 463 52.20 -34.41 19.64
CA ASN B 463 51.81 -33.85 20.93
C ASN B 463 51.97 -32.34 20.93
N LEU B 464 51.19 -31.67 21.78
CA LEU B 464 51.19 -30.22 21.85
C LEU B 464 52.16 -29.66 22.88
N ASP B 465 52.53 -30.45 23.89
CA ASP B 465 53.43 -30.00 24.93
C ASP B 465 54.91 -30.13 24.56
N VAL B 466 55.21 -30.70 23.39
CA VAL B 466 56.60 -30.85 22.97
C VAL B 466 57.08 -29.63 22.19
N ARG B 467 56.20 -28.99 21.42
CA ARG B 467 56.58 -27.82 20.63
C ARG B 467 57.07 -26.68 21.52
N ILE B 468 56.54 -26.59 22.75
CA ILE B 468 56.96 -25.54 23.68
C ILE B 468 58.47 -25.64 23.91
N HIS B 469 58.93 -26.80 24.35
CA HIS B 469 60.36 -26.95 24.64
C HIS B 469 61.19 -27.02 23.36
N SER B 470 60.58 -27.44 22.24
CA SER B 470 61.30 -27.38 20.97
C SER B 470 61.63 -25.94 20.60
N ILE B 471 60.65 -25.04 20.75
CA ILE B 471 60.91 -23.62 20.50
C ILE B 471 61.81 -23.04 21.59
N GLN B 472 61.77 -23.60 22.80
CA GLN B 472 62.73 -23.19 23.83
C GLN B 472 64.16 -23.48 23.39
N VAL B 473 64.38 -24.63 22.74
CA VAL B 473 65.70 -24.94 22.19
C VAL B 473 66.02 -24.01 21.03
N LEU B 474 65.05 -23.80 20.14
CA LEU B 474 65.26 -22.91 19.01
C LEU B 474 65.58 -21.48 19.47
N THR B 475 65.16 -21.11 20.67
CA THR B 475 65.49 -19.80 21.23
C THR B 475 67.00 -19.61 21.31
N GLU B 476 67.69 -20.51 22.03
CA GLU B 476 69.14 -20.42 22.11
C GLU B 476 69.80 -20.72 20.77
N ALA B 477 69.15 -21.53 19.93
CA ALA B 477 69.68 -21.79 18.60
C ALA B 477 69.79 -20.49 17.79
N SER B 478 68.73 -19.68 17.81
CA SER B 478 68.77 -18.38 17.15
C SER B 478 69.65 -17.40 17.90
N SER B 479 69.79 -17.58 19.22
CA SER B 479 70.66 -16.71 20.00
C SER B 479 72.12 -16.86 19.56
N LEU B 480 72.58 -18.10 19.39
CA LEU B 480 73.96 -18.33 18.98
C LEU B 480 74.17 -18.17 17.48
N GLY B 481 73.12 -17.92 16.71
CA GLY B 481 73.26 -17.65 15.29
C GLY B 481 73.38 -18.87 14.41
N TYR B 482 73.09 -20.07 14.93
CA TYR B 482 73.15 -21.27 14.12
C TYR B 482 72.04 -21.34 13.09
N LEU B 483 70.94 -20.61 13.30
CA LEU B 483 69.80 -20.61 12.39
C LEU B 483 70.02 -19.58 11.29
N ASP B 484 69.67 -19.96 10.06
CA ASP B 484 69.81 -19.07 8.93
C ASP B 484 68.59 -18.17 8.78
N ASP B 485 68.69 -17.20 7.88
CA ASP B 485 67.61 -16.23 7.70
C ASP B 485 66.36 -16.86 7.11
N SER B 486 66.52 -17.87 6.25
CA SER B 486 65.35 -18.51 5.64
C SER B 486 64.61 -19.39 6.62
N GLU B 487 65.32 -19.99 7.58
CA GLU B 487 64.69 -20.88 8.56
C GLU B 487 63.98 -20.13 9.68
N ILE B 488 64.20 -18.82 9.81
CA ILE B 488 63.55 -18.05 10.86
C ILE B 488 62.09 -17.80 10.51
N LEU B 489 61.81 -17.48 9.24
CA LEU B 489 60.46 -17.17 8.80
C LEU B 489 59.50 -18.34 8.99
N ILE B 490 60.01 -19.57 9.01
CA ILE B 490 59.14 -20.72 9.18
C ILE B 490 58.60 -20.82 10.60
N ILE B 491 59.41 -20.41 11.58
CA ILE B 491 58.97 -20.44 12.98
C ILE B 491 58.31 -19.13 13.39
N SER B 492 58.65 -18.03 12.73
CA SER B 492 58.08 -16.73 13.11
C SER B 492 56.58 -16.67 12.85
N SER B 493 56.10 -17.39 11.83
CA SER B 493 54.68 -17.41 11.52
C SER B 493 53.86 -18.27 12.47
N LEU B 494 54.50 -18.91 13.45
CA LEU B 494 53.76 -19.70 14.43
C LEU B 494 52.97 -18.83 15.40
N MET B 495 53.22 -17.52 15.42
CA MET B 495 52.41 -16.59 16.21
C MET B 495 50.98 -16.49 15.70
N PHE B 496 50.68 -17.05 14.54
CA PHE B 496 49.36 -16.94 13.91
C PHE B 496 48.80 -18.35 13.69
N ASP B 497 48.48 -19.02 14.79
CA ASP B 497 47.83 -20.33 14.70
C ASP B 497 46.38 -20.16 14.23
N GLU B 498 45.89 -21.16 13.50
CA GLU B 498 44.56 -21.06 12.90
C GLU B 498 43.45 -21.03 13.94
N GLU B 499 43.72 -21.45 15.17
CA GLU B 499 42.72 -21.39 16.23
C GLU B 499 42.55 -19.96 16.72
N PHE B 500 41.30 -19.47 16.71
CA PHE B 500 40.97 -18.15 17.21
C PHE B 500 40.23 -18.32 18.53
N ASP B 501 40.87 -17.87 19.62
CA ASP B 501 40.30 -17.90 20.95
C ASP B 501 39.68 -19.25 21.31
N PRO B 502 40.47 -20.33 21.39
CA PRO B 502 39.90 -21.64 21.73
C PRO B 502 39.76 -21.84 23.23
N PHE B 503 40.72 -21.35 24.00
CA PHE B 503 40.70 -21.51 25.46
C PHE B 503 40.40 -20.18 26.14
N LYS B 504 41.41 -19.58 26.76
CA LYS B 504 41.24 -18.30 27.43
C LYS B 504 42.55 -17.54 27.39
N THR B 505 42.46 -16.25 27.68
CA THR B 505 43.61 -15.34 27.63
C THR B 505 44.06 -14.86 29.01
N SER B 506 43.12 -14.38 29.83
CA SER B 506 43.49 -13.81 31.12
C SER B 506 43.93 -14.86 32.12
N SER B 507 43.56 -16.13 31.92
CA SER B 507 43.89 -17.20 32.84
C SER B 507 45.22 -17.88 32.54
N PHE B 508 45.90 -17.47 31.46
CA PHE B 508 47.19 -18.03 31.06
C PHE B 508 47.07 -19.55 30.84
N ASN B 509 46.33 -19.89 29.78
CA ASN B 509 46.00 -21.29 29.51
C ASN B 509 47.06 -21.98 28.66
N LYS B 510 46.65 -22.98 27.88
CA LYS B 510 47.59 -23.74 27.07
C LYS B 510 48.09 -22.94 25.88
N ARG B 511 47.23 -22.08 25.31
CA ARG B 511 47.62 -21.25 24.18
C ARG B 511 48.53 -20.10 24.60
N SER B 512 48.65 -19.82 25.89
CA SER B 512 49.43 -18.67 26.35
C SER B 512 50.94 -18.96 26.34
N LYS B 513 51.33 -20.10 26.91
CA LYS B 513 52.76 -20.43 26.98
C LYS B 513 53.36 -20.55 25.59
N PHE B 514 52.59 -21.08 24.63
CA PHE B 514 53.07 -21.21 23.26
C PHE B 514 53.45 -19.85 22.68
N LEU B 515 52.53 -18.89 22.71
CA LEU B 515 52.82 -17.56 22.18
C LEU B 515 53.91 -16.86 22.98
N SER B 516 53.95 -17.07 24.29
CA SER B 516 55.02 -16.48 25.10
C SER B 516 56.38 -16.98 24.66
N THR B 517 56.49 -18.29 24.42
CA THR B 517 57.76 -18.86 23.98
C THR B 517 58.14 -18.36 22.59
N VAL B 518 57.15 -18.24 21.68
CA VAL B 518 57.47 -17.77 20.34
C VAL B 518 57.91 -16.31 20.37
N ALA B 519 57.31 -15.50 21.25
CA ALA B 519 57.75 -14.11 21.37
C ALA B 519 59.14 -14.02 21.98
N LYS B 520 59.43 -14.85 22.98
CA LYS B 520 60.76 -14.89 23.55
C LYS B 520 61.79 -15.31 22.51
N PHE B 521 61.40 -16.19 21.58
CA PHE B 521 62.28 -16.55 20.47
C PHE B 521 62.49 -15.36 19.53
N LEU B 522 61.41 -14.68 19.17
CA LEU B 522 61.51 -13.55 18.26
C LEU B 522 62.36 -12.42 18.84
N ALA B 523 62.40 -12.30 20.17
CA ALA B 523 63.23 -11.27 20.80
C ALA B 523 64.71 -11.45 20.45
N ARG B 524 65.17 -12.71 20.41
CA ARG B 524 66.57 -12.96 20.07
C ARG B 524 66.88 -12.56 18.64
N VAL B 525 65.98 -12.85 17.70
CA VAL B 525 66.19 -12.46 16.31
C VAL B 525 66.19 -10.94 16.18
N ILE B 526 65.26 -10.28 16.89
CA ILE B 526 65.22 -8.82 16.90
C ILE B 526 66.56 -8.25 17.34
N LYS B 527 67.08 -8.75 18.47
CA LYS B 527 68.34 -8.21 18.98
C LYS B 527 69.53 -8.59 18.09
N GLU B 528 69.48 -9.76 17.45
CA GLU B 528 70.54 -10.13 16.52
C GLU B 528 70.62 -9.15 15.36
N LYS B 529 69.50 -8.92 14.68
CA LYS B 529 69.52 -7.97 13.57
C LYS B 529 69.81 -6.55 14.06
N PHE B 530 69.36 -6.21 15.27
CA PHE B 530 69.64 -4.90 15.85
C PHE B 530 71.14 -4.67 15.99
N ASP B 531 71.85 -5.63 16.60
CA ASP B 531 73.28 -5.49 16.78
C ASP B 531 74.04 -5.63 15.47
N GLU B 532 73.47 -6.35 14.50
CA GLU B 532 74.19 -6.55 13.24
C GLU B 532 74.07 -5.36 12.31
N PHE B 533 72.96 -4.61 12.38
CA PHE B 533 72.78 -3.49 11.46
C PHE B 533 73.54 -2.24 11.90
N ILE B 534 73.98 -2.17 13.15
CA ILE B 534 74.68 -0.97 13.62
C ILE B 534 76.09 -0.92 13.07
N LYS B 535 76.78 -2.06 12.98
CA LYS B 535 78.16 -2.08 12.51
C LYS B 535 78.27 -2.03 11.00
N THR B 536 77.19 -2.34 10.27
CA THR B 536 77.26 -2.34 8.81
C THR B 536 77.08 -0.93 8.24
N HIS B 537 76.12 -0.17 8.76
CA HIS B 537 75.86 1.17 8.29
C HIS B 537 76.18 2.17 9.39
N GLU B 538 76.66 3.35 9.00
CA GLU B 538 77.09 4.36 9.96
C GLU B 538 75.90 5.20 10.42
N ASP B 539 75.97 5.63 11.67
CA ASP B 539 74.93 6.47 12.26
C ASP B 539 75.18 7.93 11.90
N LEU B 540 74.13 8.61 11.44
CA LEU B 540 74.24 10.02 11.09
C LEU B 540 74.16 10.89 12.34
N PRO B 541 74.80 12.07 12.32
CA PRO B 541 74.88 12.86 13.56
C PRO B 541 73.53 13.38 14.03
N LYS B 542 72.69 13.88 13.13
CA LYS B 542 71.45 14.52 13.54
C LYS B 542 70.49 13.52 14.16
N GLU B 543 69.52 14.04 14.91
CA GLU B 543 68.54 13.21 15.60
C GLU B 543 67.26 14.00 15.77
N VAL B 544 66.15 13.28 15.89
CA VAL B 544 64.84 13.89 16.12
C VAL B 544 64.60 14.15 17.59
N ASP B 545 64.76 13.14 18.43
CA ASP B 545 64.52 13.28 19.87
C ASP B 545 65.22 12.16 20.61
N GLY B 546 66.14 12.51 21.49
CA GLY B 546 66.77 11.50 22.35
C GLY B 546 67.85 10.74 21.62
N LEU B 547 67.84 9.42 21.79
CA LEU B 547 68.83 8.54 21.19
C LEU B 547 68.18 7.68 20.11
N GLU B 548 69.01 7.23 19.17
CA GLU B 548 68.57 6.32 18.11
C GLU B 548 69.01 4.89 18.33
N VAL B 549 70.07 4.67 19.10
CA VAL B 549 70.57 3.32 19.36
C VAL B 549 69.64 2.50 20.24
N GLY B 550 68.63 3.12 20.85
CA GLY B 550 67.73 2.43 21.72
C GLY B 550 66.44 2.02 21.04
N PRO B 551 65.47 2.92 20.99
CA PRO B 551 64.15 2.57 20.46
C PRO B 551 64.05 2.62 18.94
N VAL B 552 64.79 3.54 18.32
CA VAL B 552 64.64 3.78 16.89
C VAL B 552 64.98 2.53 16.09
N VAL B 553 66.14 1.93 16.37
CA VAL B 553 66.55 0.74 15.63
C VAL B 553 65.71 -0.46 16.04
N GLN B 554 65.30 -0.54 17.31
CA GLN B 554 64.50 -1.67 17.77
C GLN B 554 63.09 -1.66 17.20
N VAL B 555 62.60 -0.50 16.75
CA VAL B 555 61.25 -0.40 16.21
C VAL B 555 61.25 -0.36 14.68
N GLY B 556 62.24 0.32 14.08
CA GLY B 556 62.26 0.45 12.63
C GLY B 556 62.33 -0.89 11.92
N ILE B 557 63.13 -1.82 12.44
CA ILE B 557 63.19 -3.16 11.87
C ILE B 557 62.07 -4.05 12.40
N PHE B 558 61.52 -3.73 13.57
CA PHE B 558 60.43 -4.51 14.13
C PHE B 558 59.20 -4.49 13.22
N ILE B 559 59.04 -3.44 12.43
CA ILE B 559 57.87 -3.33 11.55
C ILE B 559 57.97 -4.32 10.39
N LYS B 560 59.17 -4.49 9.82
CA LYS B 560 59.35 -5.45 8.75
C LYS B 560 59.14 -6.88 9.23
N ILE B 561 59.53 -7.17 10.47
CA ILE B 561 59.52 -8.54 10.98
C ILE B 561 58.09 -9.08 11.04
N LEU B 562 57.19 -8.35 11.70
CA LEU B 562 55.83 -8.85 11.88
C LEU B 562 55.10 -8.96 10.57
N ASN B 563 55.29 -7.99 9.66
CA ASN B 563 54.60 -8.06 8.38
C ASN B 563 55.11 -9.20 7.51
N ASP B 564 56.43 -9.45 7.54
CA ASP B 564 56.96 -10.59 6.80
C ASP B 564 56.46 -11.91 7.40
N SER B 565 56.37 -11.99 8.73
CA SER B 565 55.85 -13.19 9.36
C SER B 565 54.38 -13.41 9.03
N LEU B 566 53.61 -12.32 8.90
CA LEU B 566 52.22 -12.44 8.50
C LEU B 566 52.09 -12.89 7.05
N ILE B 567 52.90 -12.32 6.16
CA ILE B 567 52.84 -12.68 4.75
C ILE B 567 53.26 -14.14 4.55
N TYR B 568 54.24 -14.61 5.33
CA TYR B 568 54.69 -15.98 5.19
C TYR B 568 53.56 -16.97 5.46
N HIS B 569 52.70 -16.66 6.43
CA HIS B 569 51.60 -17.56 6.77
C HIS B 569 50.35 -17.31 5.92
N LEU B 570 50.18 -16.08 5.41
CA LEU B 570 49.02 -15.78 4.59
C LEU B 570 49.21 -16.20 3.13
N LYS B 571 50.44 -16.38 2.68
CA LYS B 571 50.66 -16.85 1.32
C LYS B 571 50.30 -18.32 1.17
N ASP B 572 50.37 -19.09 2.26
CA ASP B 572 50.06 -20.52 2.24
C ASP B 572 48.56 -20.78 2.44
N CYS B 573 48.00 -20.28 3.53
CA CYS B 573 46.60 -20.53 3.83
C CYS B 573 45.70 -19.74 2.88
N ALA B 574 44.42 -20.10 2.90
CA ALA B 574 43.44 -19.46 2.03
C ALA B 574 43.25 -17.99 2.43
N GLU B 575 42.71 -17.23 1.49
CA GLU B 575 42.52 -15.80 1.72
C GLU B 575 41.35 -15.55 2.67
N VAL B 576 41.61 -14.76 3.72
CA VAL B 576 40.60 -14.33 4.65
C VAL B 576 40.56 -12.81 4.65
N ASP B 577 39.41 -12.26 5.06
CA ASP B 577 39.22 -10.82 5.02
C ASP B 577 40.02 -10.14 6.13
N SER B 578 40.06 -8.80 6.07
CA SER B 578 40.88 -8.04 7.01
C SER B 578 40.32 -8.08 8.42
N ARG B 579 39.01 -8.28 8.57
CA ARG B 579 38.42 -8.41 9.90
C ARG B 579 39.01 -9.59 10.64
N THR B 580 39.31 -10.67 9.92
CA THR B 580 39.95 -11.83 10.53
C THR B 580 41.45 -11.67 10.66
N LYS B 581 42.05 -10.72 9.93
CA LYS B 581 43.49 -10.48 10.07
C LYS B 581 43.78 -9.61 11.28
N ILE B 582 42.93 -8.60 11.53
CA ILE B 582 43.16 -7.70 12.65
C ILE B 582 43.12 -8.45 13.98
N ARG B 583 42.13 -9.35 14.13
CA ARG B 583 42.00 -10.09 15.40
C ARG B 583 43.21 -10.97 15.66
N MET B 584 43.71 -11.65 14.63
CA MET B 584 44.87 -12.53 14.81
C MET B 584 46.13 -11.70 15.07
N LEU B 585 46.28 -10.57 14.38
CA LEU B 585 47.43 -9.71 14.65
C LEU B 585 47.39 -9.18 16.08
N THR B 586 46.20 -8.88 16.60
CA THR B 586 46.08 -8.42 17.97
C THR B 586 46.38 -9.55 18.96
N GLN B 587 45.85 -10.74 18.70
CA GLN B 587 46.15 -11.89 19.55
C GLN B 587 47.65 -12.18 19.59
N ALA B 588 48.35 -11.93 18.48
CA ALA B 588 49.80 -12.10 18.46
C ALA B 588 50.50 -10.97 19.23
N ALA B 589 50.10 -9.73 18.97
CA ALA B 589 50.76 -8.57 19.58
C ALA B 589 50.49 -8.44 21.08
N GLU B 590 49.48 -9.14 21.61
CA GLU B 590 49.26 -9.09 23.05
C GLU B 590 50.48 -9.53 23.84
N PHE B 591 51.13 -10.62 23.40
CA PHE B 591 52.25 -11.19 24.11
C PHE B 591 53.57 -10.48 23.83
N LEU B 592 53.63 -9.62 22.82
CA LEU B 592 54.82 -8.83 22.54
C LEU B 592 54.94 -7.60 23.44
N SER B 593 54.00 -7.41 24.37
CA SER B 593 54.03 -6.22 25.22
C SER B 593 55.24 -6.15 26.15
N PRO B 594 55.60 -7.21 26.89
CA PRO B 594 56.72 -7.07 27.84
C PRO B 594 58.07 -6.86 27.18
N TYR B 595 58.22 -7.14 25.89
CA TYR B 595 59.52 -7.05 25.24
C TYR B 595 59.75 -5.72 24.52
N ILE B 596 58.71 -4.94 24.28
CA ILE B 596 58.87 -3.57 23.81
C ILE B 596 58.07 -2.66 24.74
N SER B 597 58.28 -2.83 26.04
CA SER B 597 57.51 -2.09 27.03
C SER B 597 58.09 -0.72 27.35
N THR B 598 59.42 -0.56 27.24
CA THR B 598 60.07 0.70 27.56
C THR B 598 60.32 1.58 26.35
N HIS B 599 60.37 1.00 25.15
CA HIS B 599 60.69 1.76 23.95
C HIS B 599 59.47 2.28 23.22
N LEU B 600 58.28 1.75 23.54
CA LEU B 600 57.05 2.18 22.86
C LEU B 600 56.80 3.67 22.97
N LYS B 601 57.44 4.35 23.93
CA LYS B 601 57.37 5.80 24.02
C LYS B 601 57.65 6.46 22.67
N THR B 602 58.62 5.93 21.93
CA THR B 602 58.98 6.53 20.65
C THR B 602 57.97 6.18 19.56
N ILE B 603 57.27 5.05 19.69
CA ILE B 603 56.35 4.61 18.64
C ILE B 603 55.28 5.67 18.40
N CYS B 604 54.75 6.27 19.47
CA CYS B 604 53.79 7.36 19.33
C CYS B 604 54.35 8.49 18.48
N ASN B 605 55.60 8.87 18.74
CA ASN B 605 56.24 9.93 17.96
C ASN B 605 56.38 9.56 16.49
N LEU B 606 56.39 8.26 16.17
CA LEU B 606 56.45 7.85 14.78
C LEU B 606 55.16 8.12 14.04
N LEU B 607 54.04 8.26 14.75
CA LEU B 607 52.77 8.52 14.09
C LEU B 607 52.66 9.96 13.62
N ILE B 608 53.39 10.87 14.26
CA ILE B 608 53.40 12.27 13.86
C ILE B 608 54.69 12.53 13.10
N SER B 609 54.78 12.02 11.87
CA SER B 609 56.01 12.06 11.08
C SER B 609 56.11 13.42 10.37
N ASP B 610 56.43 14.44 11.16
CA ASP B 610 56.70 15.77 10.62
C ASP B 610 58.16 15.91 10.21
N THR B 611 59.08 15.49 11.08
CA THR B 611 60.48 15.46 10.74
C THR B 611 60.79 14.23 9.87
N GLU B 612 61.95 14.25 9.23
CA GLU B 612 62.32 13.21 8.28
C GLU B 612 63.74 12.72 8.56
N SER B 613 64.03 11.52 8.04
CA SER B 613 65.36 10.94 8.09
C SER B 613 65.64 10.29 6.74
N ASN B 614 66.88 9.87 6.55
CA ASN B 614 67.35 9.35 5.28
C ASN B 614 67.41 7.83 5.26
N GLU B 615 67.31 7.26 4.06
CA GLU B 615 67.45 5.83 3.83
C GLU B 615 68.24 5.62 2.55
N LEU B 616 69.19 4.70 2.59
CA LEU B 616 69.99 4.37 1.41
C LEU B 616 69.38 3.17 0.69
N ILE B 617 69.62 3.11 -0.62
CA ILE B 617 69.08 2.08 -1.49
C ILE B 617 67.56 2.08 -1.43
N PRO B 645 55.91 4.26 9.03
CA PRO B 645 54.58 4.85 8.89
C PRO B 645 54.54 5.94 7.84
N ILE B 646 54.72 5.55 6.56
CA ILE B 646 54.76 6.51 5.47
C ILE B 646 53.39 6.55 4.78
N ASP B 647 53.00 5.44 4.17
CA ASP B 647 51.74 5.38 3.44
C ASP B 647 50.60 4.97 4.37
N ARG B 648 49.41 4.84 3.79
CA ARG B 648 48.21 4.56 4.59
C ARG B 648 48.16 3.10 5.03
N ASN B 649 48.41 2.16 4.10
CA ASN B 649 48.35 0.74 4.43
C ASN B 649 49.42 0.34 5.44
N SER B 650 50.50 1.11 5.54
CA SER B 650 51.51 0.84 6.56
C SER B 650 51.10 1.39 7.92
N THR B 651 50.54 2.61 7.94
CA THR B 651 50.10 3.20 9.19
C THR B 651 48.93 2.43 9.79
N ILE B 652 48.10 1.80 8.95
CA ILE B 652 47.01 0.98 9.48
C ILE B 652 47.56 -0.16 10.32
N LEU B 653 48.52 -0.91 9.77
CA LEU B 653 49.14 -1.99 10.52
C LEU B 653 49.91 -1.46 11.72
N TYR B 654 50.57 -0.31 11.57
CA TYR B 654 51.23 0.35 12.69
C TYR B 654 50.27 0.51 13.87
N LEU B 655 49.15 1.19 13.62
CA LEU B 655 48.17 1.46 14.67
C LEU B 655 47.59 0.18 15.24
N ASN B 656 47.28 -0.79 14.38
CA ASN B 656 46.70 -2.04 14.86
C ASN B 656 47.66 -2.76 15.80
N VAL B 657 48.94 -2.86 15.42
CA VAL B 657 49.93 -3.51 16.26
C VAL B 657 50.06 -2.76 17.59
N PHE B 658 50.17 -1.43 17.53
CA PHE B 658 50.38 -0.66 18.75
C PHE B 658 49.21 -0.81 19.70
N HIS B 659 47.99 -0.69 19.19
CA HIS B 659 46.82 -0.75 20.07
C HIS B 659 46.41 -2.17 20.43
N GLY B 660 46.97 -3.18 19.78
CA GLY B 660 46.84 -4.53 20.27
C GLY B 660 47.80 -4.78 21.41
N LEU B 661 49.02 -4.24 21.28
CA LEU B 661 49.99 -4.32 22.37
C LEU B 661 49.48 -3.57 23.60
N CYS B 662 48.79 -2.44 23.38
CA CYS B 662 48.24 -1.68 24.50
C CYS B 662 47.26 -2.53 25.32
N ALA B 663 46.33 -3.20 24.63
CA ALA B 663 45.37 -4.05 25.34
C ALA B 663 46.03 -5.28 25.94
N GLY B 664 47.06 -5.81 25.28
CA GLY B 664 47.77 -6.96 25.83
C GLY B 664 48.65 -6.64 27.01
N ALA B 665 48.99 -5.36 27.19
CA ALA B 665 49.85 -4.95 28.30
C ALA B 665 49.13 -4.91 29.65
N ASN B 666 47.82 -5.18 29.68
CA ASN B 666 47.06 -5.08 30.92
C ASN B 666 46.93 -6.40 31.67
N ASN B 667 47.09 -7.54 31.00
CA ASN B 667 46.82 -8.82 31.62
C ASN B 667 48.04 -9.40 32.33
N PRO B 668 49.19 -9.58 31.68
CA PRO B 668 50.32 -10.24 32.35
C PRO B 668 51.24 -9.27 33.07
N LYS B 669 51.94 -9.81 34.07
CA LYS B 669 53.00 -9.13 34.78
C LYS B 669 52.52 -7.89 35.54
N ILE B 670 53.45 -7.22 36.23
CA ILE B 670 53.14 -6.05 37.05
C ILE B 670 54.30 -5.06 36.92
N GLN B 671 54.07 -3.84 37.40
CA GLN B 671 55.04 -2.75 37.40
C GLN B 671 55.37 -2.26 35.99
N THR B 672 55.44 -3.18 35.02
CA THR B 672 55.61 -2.79 33.63
C THR B 672 54.35 -2.19 33.02
N LYS B 673 53.26 -2.10 33.78
CA LYS B 673 51.98 -1.58 33.31
C LYS B 673 51.77 -0.12 33.68
N ASP B 674 52.02 0.25 34.95
CA ASP B 674 51.80 1.62 35.38
C ASP B 674 52.76 2.59 34.71
N SER B 675 53.98 2.15 34.41
CA SER B 675 54.91 3.01 33.69
C SER B 675 54.36 3.37 32.31
N VAL B 676 53.84 2.38 31.58
CA VAL B 676 53.24 2.65 30.28
C VAL B 676 52.01 3.51 30.43
N LYS B 677 51.21 3.26 31.48
CA LYS B 677 50.06 4.12 31.76
C LYS B 677 50.47 5.58 31.89
N GLU B 678 51.56 5.83 32.63
CA GLU B 678 51.98 7.21 32.85
C GLU B 678 52.65 7.80 31.62
N ILE B 679 53.22 6.95 30.76
CA ILE B 679 53.98 7.45 29.61
C ILE B 679 53.09 7.75 28.42
N VAL B 680 52.27 6.79 27.99
CA VAL B 680 51.63 6.88 26.68
C VAL B 680 50.30 7.63 26.67
N LEU B 681 49.78 8.02 27.84
CA LEU B 681 48.43 8.57 27.87
C LEU B 681 48.31 9.97 27.26
N PRO B 682 49.16 10.94 27.60
CA PRO B 682 48.88 12.33 27.16
C PRO B 682 48.85 12.53 25.65
N LEU B 683 49.44 11.63 24.86
CA LEU B 683 49.57 11.85 23.43
C LEU B 683 48.32 11.48 22.63
N PHE B 684 47.24 11.03 23.30
CA PHE B 684 46.05 10.57 22.59
C PHE B 684 45.37 11.71 21.85
N TYR B 685 45.29 12.89 22.47
CA TYR B 685 44.68 14.05 21.82
C TYR B 685 45.45 14.45 20.57
N ASP B 686 46.79 14.46 20.66
CA ASP B 686 47.60 14.74 19.48
C ASP B 686 47.46 13.66 18.43
N LEU B 687 47.27 12.41 18.85
CA LEU B 687 47.02 11.34 17.89
C LEU B 687 45.73 11.60 17.10
N LEU B 688 44.68 12.03 17.79
CA LEU B 688 43.43 12.31 17.09
C LEU B 688 43.55 13.54 16.20
N ASN B 689 44.26 14.58 16.67
CA ASN B 689 44.35 15.81 15.89
C ASN B 689 45.25 15.65 14.67
N ALA B 690 46.26 14.77 14.75
CA ALA B 690 47.20 14.61 13.64
C ALA B 690 46.60 13.74 12.53
N ALA B 691 46.43 12.45 12.80
CA ALA B 691 45.90 11.52 11.82
C ALA B 691 44.39 11.73 11.69
N SER B 692 43.93 12.02 10.46
CA SER B 692 42.50 12.17 10.23
C SER B 692 41.78 10.84 10.41
N ILE B 693 40.52 10.93 10.80
CA ILE B 693 39.73 9.74 11.13
C ILE B 693 38.49 9.67 10.25
N GLU B 694 38.68 9.76 8.94
CA GLU B 694 37.55 9.63 8.01
C GLU B 694 37.22 8.19 7.71
N SER B 695 38.22 7.34 7.55
CA SER B 695 38.01 5.91 7.34
C SER B 695 37.98 5.18 8.68
N ALA B 696 37.25 4.06 8.72
CA ALA B 696 37.10 3.28 9.94
C ALA B 696 38.35 2.49 10.31
N ASP B 697 39.20 2.17 9.32
CA ASP B 697 40.44 1.44 9.61
C ASP B 697 41.34 2.23 10.54
N ILE B 698 41.28 3.55 10.49
CA ILE B 698 42.06 4.38 11.41
C ILE B 698 41.37 4.46 12.77
N LEU B 699 40.04 4.39 12.81
CA LEU B 699 39.31 4.57 14.05
C LEU B 699 39.28 3.31 14.91
N CYS B 700 39.41 2.13 14.31
CA CYS B 700 39.30 0.89 15.07
C CYS B 700 40.29 0.81 16.22
N PRO B 701 41.61 0.82 15.99
CA PRO B 701 42.53 0.55 17.11
C PRO B 701 42.66 1.72 18.08
N LEU B 702 42.53 2.96 17.59
CA LEU B 702 42.63 4.12 18.48
C LEU B 702 41.60 4.03 19.60
N LEU B 703 40.37 3.61 19.27
CA LEU B 703 39.33 3.45 20.28
C LEU B 703 39.36 2.07 20.94
N GLU B 704 39.98 1.07 20.29
CA GLU B 704 40.22 -0.19 20.98
C GLU B 704 41.12 0.00 22.18
N SER B 705 42.10 0.90 22.07
CA SER B 705 43.01 1.15 23.18
C SER B 705 42.31 1.78 24.37
N PHE B 706 41.33 2.66 24.12
CA PHE B 706 40.69 3.42 25.19
C PHE B 706 39.91 2.54 26.15
N ILE B 707 39.56 1.31 25.76
CA ILE B 707 38.70 0.48 26.59
C ILE B 707 39.40 0.07 27.88
N THR B 708 40.71 -0.19 27.81
CA THR B 708 41.47 -0.71 28.95
C THR B 708 42.01 0.40 29.86
N PHE B 709 41.32 1.53 29.93
CA PHE B 709 41.73 2.65 30.78
C PHE B 709 40.52 3.15 31.55
N SER B 710 40.58 3.09 32.87
CA SER B 710 39.46 3.41 33.74
C SER B 710 39.68 4.75 34.43
N LEU B 711 38.92 5.00 35.51
CA LEU B 711 39.02 6.27 36.23
C LEU B 711 40.36 6.42 36.91
N ASP B 712 40.80 5.39 37.65
CA ASP B 712 42.08 5.47 38.35
C ASP B 712 43.24 5.53 37.38
N ASP B 713 43.07 5.03 36.16
CA ASP B 713 44.12 5.08 35.15
C ASP B 713 44.19 6.42 34.43
N TRP B 714 43.32 7.38 34.78
CA TRP B 714 43.36 8.71 34.20
C TRP B 714 43.51 9.83 35.22
N ILE B 715 43.18 9.58 36.49
CA ILE B 715 43.36 10.60 37.52
C ILE B 715 44.77 10.57 38.10
N SER B 716 45.33 9.37 38.29
CA SER B 716 46.68 9.25 38.81
C SER B 716 47.72 9.81 37.85
N ILE B 717 47.37 9.96 36.57
CA ILE B 717 48.31 10.49 35.59
C ILE B 717 48.34 12.01 35.62
N GLY B 718 47.24 12.64 36.04
CA GLY B 718 47.17 14.08 36.08
C GLY B 718 46.76 14.72 34.77
N TYR B 719 46.05 13.98 33.91
CA TYR B 719 45.62 14.48 32.61
C TYR B 719 44.12 14.28 32.41
N GLU B 720 43.35 14.45 33.48
CA GLU B 720 41.90 14.47 33.35
C GLU B 720 41.39 15.71 32.64
N THR B 721 42.27 16.69 32.38
CA THR B 721 41.88 17.89 31.66
C THR B 721 41.54 17.59 30.21
N GLU B 722 42.32 16.72 29.57
CA GLU B 722 42.18 16.46 28.14
C GLU B 722 41.00 15.57 27.82
N LEU B 723 40.47 14.82 28.81
CA LEU B 723 39.37 13.89 28.54
C LEU B 723 38.12 14.64 28.07
N LYS B 724 37.87 15.82 28.63
CA LYS B 724 36.73 16.63 28.23
C LYS B 724 36.74 16.90 26.73
N LYS B 725 37.89 17.29 26.19
CA LYS B 725 38.01 17.56 24.76
C LYS B 725 38.17 16.29 23.94
N ILE B 726 38.66 15.21 24.54
CA ILE B 726 38.72 13.92 23.84
C ILE B 726 37.31 13.47 23.48
N THR B 727 36.39 13.58 24.42
CA THR B 727 35.01 13.17 24.14
C THR B 727 34.41 14.00 23.00
N ASP B 728 34.72 15.30 22.96
CA ASP B 728 34.19 16.15 21.89
C ASP B 728 34.82 15.82 20.54
N LYS B 729 36.13 15.56 20.53
CA LYS B 729 36.80 15.17 19.29
C LYS B 729 36.25 13.84 18.76
N THR B 730 35.85 12.94 19.65
CA THR B 730 35.23 11.69 19.21
C THR B 730 33.80 11.93 18.73
N ILE B 731 33.07 12.84 19.39
CA ILE B 731 31.71 13.14 19.01
C ILE B 731 31.68 13.77 17.61
N LYS B 732 32.69 14.57 17.28
CA LYS B 732 32.74 15.17 15.95
C LYS B 732 32.78 14.09 14.87
N ALA B 733 33.62 13.08 15.04
CA ALA B 733 33.69 11.99 14.07
C ALA B 733 32.45 11.11 14.13
N PHE B 734 31.83 10.97 15.30
CA PHE B 734 30.58 10.22 15.40
C PHE B 734 29.47 10.89 14.60
N MET B 735 29.42 12.22 14.63
CA MET B 735 28.37 12.96 13.94
C MET B 735 28.64 13.10 12.45
N ASP B 736 29.91 13.29 12.07
CA ASP B 736 30.24 13.50 10.66
C ASP B 736 30.05 12.23 9.84
N SER B 737 30.75 11.16 10.23
CA SER B 737 30.73 9.94 9.43
C SER B 737 29.40 9.19 9.57
N THR B 738 29.03 8.50 8.51
CA THR B 738 27.83 7.65 8.51
C THR B 738 28.18 6.29 9.07
N ILE B 739 27.24 5.71 9.81
CA ILE B 739 27.43 4.45 10.51
C ILE B 739 26.35 3.48 10.05
N GLY B 740 26.78 2.33 9.53
CA GLY B 740 25.87 1.30 9.07
C GLY B 740 25.60 0.25 10.13
N ASN B 741 25.12 -0.91 9.68
CA ASN B 741 24.82 -2.00 10.58
C ASN B 741 26.12 -2.66 11.05
N SER B 742 25.99 -3.52 12.07
CA SER B 742 27.14 -4.27 12.56
C SER B 742 27.55 -5.37 11.60
N LYS B 743 26.66 -5.79 10.69
CA LYS B 743 26.97 -6.86 9.76
C LYS B 743 28.02 -6.43 8.74
N VAL B 744 27.96 -5.17 8.30
CA VAL B 744 28.86 -4.66 7.27
C VAL B 744 29.94 -3.77 7.86
N ASP B 745 29.56 -2.78 8.66
CA ASP B 745 30.49 -1.82 9.22
C ASP B 745 30.82 -2.19 10.67
N MET B 746 32.01 -1.78 11.11
CA MET B 746 32.44 -2.02 12.47
C MET B 746 32.37 -0.78 13.36
N LYS B 747 32.07 0.39 12.79
CA LYS B 747 31.89 1.59 13.60
C LYS B 747 30.83 1.39 14.67
N TYR B 748 29.82 0.56 14.38
CA TYR B 748 28.77 0.26 15.34
C TYR B 748 29.37 -0.24 16.66
N ASP B 749 30.11 -1.35 16.60
CA ASP B 749 30.70 -1.93 17.80
C ASP B 749 31.69 -0.97 18.44
N ILE B 750 32.48 -0.26 17.63
CA ILE B 750 33.48 0.66 18.15
C ILE B 750 32.82 1.72 19.04
N PHE B 751 31.87 2.46 18.47
CA PHE B 751 31.24 3.53 19.24
C PHE B 751 30.37 2.98 20.37
N ALA B 752 29.80 1.78 20.20
CA ALA B 752 29.00 1.18 21.27
C ALA B 752 29.86 0.88 22.49
N LYS B 753 30.99 0.21 22.27
CA LYS B 753 31.90 -0.10 23.37
C LYS B 753 32.59 1.15 23.90
N PHE B 754 32.71 2.20 23.09
CA PHE B 754 33.24 3.47 23.57
C PHE B 754 32.27 4.12 24.55
N ILE B 755 30.99 4.20 24.17
CA ILE B 755 29.98 4.80 25.03
C ILE B 755 29.75 3.94 26.27
N HIS B 756 29.85 2.61 26.15
CA HIS B 756 29.61 1.76 27.31
C HIS B 756 30.67 1.93 28.39
N HIS B 757 31.82 2.51 28.07
CA HIS B 757 32.80 2.86 29.07
C HIS B 757 32.75 4.34 29.47
N ILE B 758 32.44 5.23 28.52
CA ILE B 758 32.24 6.63 28.87
C ILE B 758 31.11 6.78 29.89
N HIS B 759 30.10 5.92 29.79
CA HIS B 759 29.00 5.96 30.76
C HIS B 759 29.46 5.44 32.12
N HIS B 760 30.11 4.28 32.14
CA HIS B 760 30.60 3.72 33.39
C HIS B 760 31.68 4.58 34.04
N PHE B 761 32.23 5.56 33.31
CA PHE B 761 33.01 6.61 33.97
C PHE B 761 32.18 7.33 35.02
N GLU B 762 30.89 7.53 34.74
CA GLU B 762 29.97 8.21 35.65
C GLU B 762 30.49 9.60 36.02
N LYS B 763 30.70 10.42 35.00
CA LYS B 763 31.19 11.78 35.16
C LYS B 763 30.14 12.74 34.62
N LYS B 764 29.75 13.71 35.45
CA LYS B 764 28.61 14.57 35.14
C LYS B 764 28.86 15.45 33.91
N GLU B 765 30.13 15.74 33.59
CA GLU B 765 30.40 16.54 32.40
C GLU B 765 30.20 15.73 31.12
N LEU B 766 30.40 14.41 31.18
CA LEU B 766 30.37 13.58 29.99
C LEU B 766 28.95 13.23 29.55
N GLN B 767 28.02 13.11 30.50
CA GLN B 767 26.67 12.69 30.17
C GLN B 767 25.94 13.75 29.33
N GLU B 768 26.08 15.01 29.72
CA GLU B 768 25.28 16.06 29.09
C GLU B 768 25.74 16.34 27.66
N LYS B 769 27.00 16.07 27.33
CA LYS B 769 27.44 16.17 25.94
C LYS B 769 26.65 15.21 25.05
N PHE B 770 26.57 13.95 25.46
CA PHE B 770 25.81 12.97 24.70
C PHE B 770 24.32 13.32 24.68
N LEU B 771 23.80 13.85 25.78
CA LEU B 771 22.39 14.22 25.79
C LEU B 771 22.10 15.37 24.82
N ASN B 772 22.97 16.38 24.77
CA ASN B 772 22.81 17.46 23.81
C ASN B 772 22.92 16.95 22.38
N GLN B 773 23.86 16.05 22.10
CA GLN B 773 23.94 15.48 20.76
C GLN B 773 22.69 14.65 20.43
N ILE B 774 22.11 13.99 21.43
CA ILE B 774 20.85 13.28 21.22
C ILE B 774 19.75 14.25 20.80
N ALA B 775 19.64 15.37 21.50
CA ALA B 775 18.62 16.36 21.14
C ALA B 775 18.85 16.91 19.73
N THR B 776 20.12 17.14 19.38
CA THR B 776 20.44 17.67 18.05
C THR B 776 20.05 16.68 16.96
N LEU B 777 20.43 15.41 17.13
CA LEU B 777 20.06 14.38 16.16
C LEU B 777 18.55 14.19 16.09
N LYS B 778 17.86 14.34 17.22
CA LYS B 778 16.41 14.19 17.21
C LYS B 778 15.74 15.31 16.42
N ILE B 779 16.22 16.54 16.58
CA ILE B 779 15.68 17.65 15.79
C ILE B 779 15.98 17.45 14.31
N HIS B 780 17.19 17.00 13.99
CA HIS B 780 17.53 16.73 12.59
C HIS B 780 16.64 15.65 12.00
N LEU B 781 16.38 14.58 12.76
CA LEU B 781 15.48 13.53 12.28
C LEU B 781 14.06 14.04 12.10
N LYS B 782 13.59 14.89 13.03
CA LYS B 782 12.26 15.47 12.89
C LYS B 782 12.14 16.25 11.59
N LYS B 783 13.10 17.15 11.33
CA LYS B 783 13.01 17.93 10.10
C LYS B 783 13.31 17.10 8.86
N PHE B 784 13.95 15.93 9.03
CA PHE B 784 14.10 15.01 7.90
C PHE B 784 12.77 14.35 7.55
N LEU B 785 12.06 13.84 8.55
CA LEU B 785 10.80 13.16 8.30
C LEU B 785 9.71 14.10 7.81
N GLN B 786 9.87 15.41 8.02
CA GLN B 786 8.81 16.35 7.63
C GLN B 786 8.77 16.57 6.12
N GLU B 787 9.89 16.39 5.43
CA GLU B 787 9.94 16.79 4.03
C GLU B 787 10.54 15.72 3.13
N LYS B 788 11.48 14.93 3.66
CA LYS B 788 12.15 13.93 2.83
C LYS B 788 11.29 12.70 2.62
N MET B 789 10.75 12.13 3.70
CA MET B 789 9.88 10.97 3.62
C MET B 789 8.40 11.35 3.70
N ASP B 790 8.06 12.54 3.19
CA ASP B 790 6.68 12.98 3.20
C ASP B 790 5.83 12.12 2.26
N PRO B 791 4.62 11.72 2.66
CA PRO B 791 3.77 10.91 1.78
C PRO B 791 3.25 11.65 0.56
N ASN B 792 3.58 12.93 0.38
CA ASN B 792 3.16 13.73 -0.76
C ASN B 792 4.33 14.02 -1.70
N ASN B 793 5.19 13.02 -1.91
CA ASN B 793 6.36 13.15 -2.78
C ASN B 793 6.25 12.16 -3.92
N SER B 794 6.63 12.60 -5.13
CA SER B 794 6.59 11.77 -6.32
C SER B 794 7.89 11.03 -6.58
N ARG B 795 8.78 10.98 -5.60
CA ARG B 795 10.06 10.30 -5.77
C ARG B 795 9.91 8.80 -5.52
N ASP B 796 10.39 8.00 -6.47
CA ASP B 796 10.31 6.54 -6.35
C ASP B 796 11.69 5.96 -6.07
N ASP B 797 12.41 6.53 -5.11
CA ASP B 797 13.74 6.09 -4.73
C ASP B 797 13.82 5.84 -3.23
N TYR B 798 12.89 5.03 -2.72
CA TYR B 798 12.90 4.69 -1.29
C TYR B 798 14.13 3.89 -0.92
N LYS B 799 14.68 3.12 -1.87
CA LYS B 799 15.89 2.35 -1.61
C LYS B 799 17.05 3.26 -1.23
N ASP B 800 17.18 4.40 -1.92
CA ASP B 800 18.30 5.31 -1.66
C ASP B 800 18.08 6.13 -0.39
N LEU B 801 16.83 6.36 0.00
CA LEU B 801 16.54 7.18 1.16
C LEU B 801 16.51 6.39 2.46
N THR B 802 16.13 5.11 2.41
CA THR B 802 16.05 4.32 3.64
C THR B 802 17.44 4.09 4.23
N CYS B 803 18.44 3.81 3.38
CA CYS B 803 19.79 3.62 3.87
C CYS B 803 20.32 4.89 4.53
N SER B 804 20.06 6.05 3.93
CA SER B 804 20.49 7.31 4.53
C SER B 804 19.76 7.56 5.85
N LEU B 805 18.45 7.26 5.90
CA LEU B 805 17.68 7.44 7.12
C LEU B 805 18.23 6.57 8.24
N TYR B 806 18.63 5.34 7.93
CA TYR B 806 19.12 4.44 8.98
C TYR B 806 20.57 4.70 9.34
N GLU B 807 21.38 5.23 8.41
CA GLU B 807 22.78 5.47 8.70
C GLU B 807 22.99 6.79 9.43
N LEU B 808 22.33 7.86 8.96
CA LEU B 808 22.61 9.18 9.48
C LEU B 808 22.01 9.38 10.87
N TYR B 809 20.81 8.82 11.11
CA TYR B 809 20.05 9.19 12.30
C TYR B 809 19.69 7.99 13.17
N ILE B 810 19.03 6.97 12.62
CA ILE B 810 18.36 5.97 13.46
C ILE B 810 19.38 5.11 14.20
N ASN B 811 20.39 4.60 13.47
CA ASN B 811 21.37 3.73 14.12
C ASN B 811 22.17 4.48 15.18
N LYS B 812 22.46 5.76 14.94
CA LYS B 812 23.19 6.55 15.93
C LYS B 812 22.38 6.68 17.22
N LEU B 813 21.09 7.02 17.09
CA LEU B 813 20.24 7.10 18.28
C LEU B 813 20.09 5.75 18.97
N THR B 814 20.06 4.66 18.19
CA THR B 814 19.98 3.34 18.79
C THR B 814 21.23 3.03 19.61
N ILE B 815 22.41 3.35 19.07
CA ILE B 815 23.64 3.15 19.82
C ILE B 815 23.68 4.03 21.06
N LEU B 816 23.18 5.27 20.95
CA LEU B 816 23.24 6.20 22.07
C LEU B 816 22.26 5.82 23.19
N GLY B 817 21.09 5.30 22.85
CA GLY B 817 20.10 4.89 23.82
C GLY B 817 20.50 3.74 24.71
N ARG B 818 21.67 3.15 24.48
CA ARG B 818 22.13 2.03 25.32
C ARG B 818 22.35 2.48 26.77
N ASP B 819 23.11 3.55 26.96
CA ASP B 819 23.45 4.02 28.30
C ASP B 819 22.87 5.38 28.64
N TYR B 820 22.30 6.09 27.66
CA TYR B 820 21.74 7.41 27.88
C TYR B 820 20.30 7.42 27.38
N PRO B 821 19.32 7.75 28.21
CA PRO B 821 17.91 7.60 27.81
C PRO B 821 17.52 8.57 26.70
N ILE B 822 16.56 8.13 25.89
CA ILE B 822 16.03 8.92 24.79
C ILE B 822 14.52 8.95 24.92
N GLU B 823 13.94 10.14 24.73
CA GLU B 823 12.50 10.33 24.78
C GLU B 823 12.03 10.95 23.48
N VAL B 824 10.80 10.62 23.08
CA VAL B 824 10.24 11.09 21.82
C VAL B 824 8.81 11.55 22.07
N ASP B 825 8.53 12.79 21.66
CA ASP B 825 7.17 13.31 21.76
C ASP B 825 6.26 12.61 20.75
N GLU B 826 4.95 12.66 21.01
CA GLU B 826 4.00 11.96 20.16
C GLU B 826 4.03 12.47 18.72
N GLU B 827 4.38 13.75 18.53
CA GLU B 827 4.40 14.31 17.18
C GLU B 827 5.45 13.62 16.31
N LEU B 828 6.68 13.52 16.81
CA LEU B 828 7.74 12.87 16.04
C LEU B 828 7.45 11.39 15.83
N LEU B 829 6.88 10.73 16.84
CA LEU B 829 6.55 9.33 16.70
C LEU B 829 5.50 9.11 15.61
N GLN B 830 4.45 9.94 15.61
CA GLN B 830 3.38 9.82 14.62
C GLN B 830 3.80 10.32 13.25
N LEU B 831 4.85 11.14 13.16
CA LEU B 831 5.45 11.49 11.88
C LEU B 831 6.50 10.47 11.44
N PHE B 832 6.90 9.56 12.32
CA PHE B 832 7.85 8.50 12.02
C PHE B 832 7.17 7.18 11.74
N LEU B 833 6.24 6.76 12.60
CA LEU B 833 5.50 5.52 12.38
C LEU B 833 4.50 5.64 11.25
N ASN B 834 4.22 6.85 10.76
CA ASN B 834 3.35 7.03 9.60
C ASN B 834 4.16 7.00 8.30
N ASN B 835 5.20 7.82 8.22
CA ASN B 835 6.00 7.99 7.01
C ASN B 835 7.05 6.91 6.83
N PHE B 836 7.02 5.83 7.61
CA PHE B 836 8.04 4.80 7.47
C PHE B 836 7.49 3.41 7.79
N VAL B 837 7.27 3.13 9.07
CA VAL B 837 6.89 1.79 9.49
C VAL B 837 5.56 1.39 8.86
N SER B 838 4.57 2.27 8.92
CA SER B 838 3.30 2.05 8.24
C SER B 838 3.36 2.42 6.76
N ARG B 839 4.49 2.16 6.11
CA ARG B 839 4.72 2.55 4.73
C ARG B 839 5.79 1.65 4.10
N ILE B 840 6.31 0.71 4.90
CA ILE B 840 7.33 -0.20 4.38
C ILE B 840 6.81 -1.10 3.27
N PRO B 841 5.60 -1.68 3.34
CA PRO B 841 5.17 -2.57 2.25
C PRO B 841 5.18 -1.92 0.87
N ILE B 842 4.76 -0.66 0.76
CA ILE B 842 4.71 0.01 -0.54
C ILE B 842 6.10 0.56 -0.89
N MET B 843 7.10 0.19 -0.08
CA MET B 843 8.50 0.47 -0.39
C MET B 843 9.32 -0.78 -0.63
N PHE B 844 8.85 -1.94 -0.17
CA PHE B 844 9.67 -3.16 -0.22
C PHE B 844 9.92 -3.61 -1.65
N GLN B 845 9.05 -3.25 -2.59
CA GLN B 845 9.24 -3.64 -3.98
C GLN B 845 10.52 -3.03 -4.56
N ASP B 846 10.92 -1.86 -4.07
CA ASP B 846 12.15 -1.21 -4.51
C ASP B 846 13.36 -1.60 -3.67
N PHE B 847 13.16 -2.23 -2.52
CA PHE B 847 14.28 -2.59 -1.66
C PHE B 847 15.07 -3.75 -2.25
N ASP B 848 16.39 -3.68 -2.12
CA ASP B 848 17.26 -4.78 -2.49
C ASP B 848 17.59 -5.61 -1.25
N ASP B 849 18.49 -6.58 -1.39
CA ASP B 849 18.84 -7.48 -0.30
C ASP B 849 19.93 -6.91 0.61
N SER B 850 20.41 -5.70 0.36
CA SER B 850 21.36 -5.04 1.24
C SER B 850 20.75 -3.90 2.04
N THR B 851 19.71 -3.25 1.51
CA THR B 851 19.02 -2.21 2.27
C THR B 851 18.13 -2.81 3.35
N ALA B 852 17.49 -3.94 3.06
CA ALA B 852 16.60 -4.57 4.05
C ALA B 852 17.37 -5.05 5.26
N GLN B 853 18.66 -5.39 5.09
CA GLN B 853 19.47 -5.80 6.23
C GLN B 853 19.68 -4.64 7.20
N GLU B 854 19.83 -3.42 6.68
CA GLU B 854 20.02 -2.25 7.53
C GLU B 854 18.82 -1.98 8.42
N ILE B 855 17.64 -2.45 8.04
CA ILE B 855 16.41 -2.15 8.76
C ILE B 855 16.22 -3.18 9.88
N ASN B 856 16.27 -2.71 11.12
CA ASN B 856 15.93 -3.54 12.27
C ASN B 856 15.26 -2.65 13.31
N PHE B 857 14.14 -3.12 13.83
CA PHE B 857 13.27 -2.27 14.65
C PHE B 857 13.71 -2.24 16.11
N LYS B 858 14.99 -1.94 16.33
CA LYS B 858 15.52 -1.87 17.68
C LYS B 858 15.12 -0.58 18.40
N MET B 859 15.15 0.55 17.69
CA MET B 859 14.94 1.84 18.33
C MET B 859 13.51 1.98 18.85
N LEU B 860 12.54 1.36 18.17
CA LEU B 860 11.17 1.37 18.67
C LEU B 860 11.06 0.57 19.97
N VAL B 861 11.93 -0.42 20.17
CA VAL B 861 11.97 -1.11 21.45
C VAL B 861 12.62 -0.23 22.51
N LEU B 862 13.61 0.58 22.12
CA LEU B 862 14.27 1.45 23.10
C LEU B 862 13.33 2.55 23.58
N LEU B 863 12.54 3.12 22.67
CA LEU B 863 11.59 4.16 23.06
C LEU B 863 10.59 3.64 24.08
N ALA B 864 10.19 2.37 23.95
CA ALA B 864 9.27 1.77 24.90
C ALA B 864 9.96 1.44 26.22
N THR B 865 11.15 0.84 26.15
CA THR B 865 11.85 0.41 27.36
C THR B 865 12.30 1.60 28.21
N TRP B 866 12.52 2.76 27.59
CA TRP B 866 12.81 3.94 28.39
C TRP B 866 11.53 4.54 28.97
N ASN B 867 10.42 4.46 28.24
CA ASN B 867 9.12 4.85 28.78
C ASN B 867 8.51 3.78 29.67
N LEU B 868 9.12 2.59 29.75
CA LEU B 868 8.75 1.59 30.73
C LEU B 868 9.56 1.68 32.01
N GLU B 869 10.70 2.39 31.97
CA GLU B 869 11.45 2.73 33.16
C GLU B 869 11.14 4.13 33.67
N LYS B 870 10.66 5.02 32.80
CA LYS B 870 10.25 6.35 33.22
C LYS B 870 9.17 6.29 34.29
N TRP B 871 8.24 5.35 34.15
CA TRP B 871 7.21 5.15 35.17
C TRP B 871 7.65 4.21 36.28
N ARG B 872 8.69 3.39 36.04
CA ARG B 872 9.25 2.59 37.12
C ARG B 872 9.96 3.45 38.16
N GLU B 873 10.47 4.62 37.74
CA GLU B 873 11.07 5.55 38.68
C GLU B 873 10.04 6.14 39.63
N ILE B 874 8.75 6.08 39.28
CA ILE B 874 7.69 6.53 40.18
C ILE B 874 7.17 5.40 41.06
N ILE B 875 7.34 4.15 40.66
CA ILE B 875 6.86 3.02 41.46
C ILE B 875 7.61 2.97 42.78
N GLU B 876 8.92 3.18 42.76
CA GLU B 876 9.76 3.12 43.95
C GLU B 876 9.95 4.47 44.62
N LYS B 877 9.10 5.44 44.30
CA LYS B 877 9.14 6.76 44.92
C LYS B 877 7.73 7.20 45.30
N VAL B 878 7.01 6.34 46.00
CA VAL B 878 5.63 6.61 46.39
C VAL B 878 5.60 7.14 47.82
N ARG B 879 5.98 6.31 48.78
CA ARG B 879 5.95 6.71 50.18
C ARG B 879 7.05 7.72 50.48
N LYS B 887 -4.86 13.97 38.38
CA LYS B 887 -4.23 12.84 37.70
C LYS B 887 -4.97 12.47 36.42
N ASP B 888 -4.22 12.43 35.32
CA ASP B 888 -4.74 12.08 34.00
C ASP B 888 -3.95 10.86 33.49
N LEU B 889 -4.51 9.67 33.72
CA LEU B 889 -3.85 8.42 33.35
C LEU B 889 -4.27 7.92 31.98
N ARG B 890 -4.80 8.80 31.12
CA ARG B 890 -5.24 8.39 29.79
C ARG B 890 -4.11 8.48 28.77
N SER B 891 -3.38 9.59 28.73
CA SER B 891 -2.30 9.80 27.78
C SER B 891 -0.97 9.25 28.26
N VAL B 892 -0.99 8.17 29.04
CA VAL B 892 0.25 7.60 29.58
C VAL B 892 0.81 6.53 28.65
N TRP B 893 -0.04 5.70 28.06
CA TRP B 893 0.40 4.57 27.26
C TRP B 893 0.26 4.80 25.76
N LYS B 894 -0.02 6.04 25.33
CA LYS B 894 -0.21 6.28 23.90
C LYS B 894 1.06 6.08 23.10
N PRO B 895 2.21 6.66 23.47
CA PRO B 895 3.45 6.39 22.72
C PRO B 895 3.90 4.93 22.80
N ILE B 896 3.23 4.09 23.57
CA ILE B 896 3.54 2.67 23.66
C ILE B 896 2.49 1.84 22.92
N ALA B 897 1.20 2.15 23.14
CA ALA B 897 0.13 1.47 22.41
C ALA B 897 0.22 1.74 20.92
N ALA B 898 0.55 2.97 20.54
CA ALA B 898 0.73 3.28 19.13
C ALA B 898 1.84 2.45 18.52
N ILE B 899 2.97 2.31 19.23
CA ILE B 899 4.08 1.52 18.73
C ILE B 899 3.69 0.06 18.58
N ILE B 900 3.04 -0.50 19.60
CA ILE B 900 2.69 -1.92 19.55
C ILE B 900 1.67 -2.19 18.45
N GLY B 901 0.73 -1.26 18.23
CA GLY B 901 -0.26 -1.43 17.19
C GLY B 901 0.34 -1.29 15.80
N ARG B 902 1.26 -0.33 15.63
CA ARG B 902 1.94 -0.18 14.34
C ARG B 902 2.77 -1.42 14.04
N LEU B 903 3.42 -1.98 15.05
CA LEU B 903 4.22 -3.19 14.82
C LEU B 903 3.34 -4.37 14.45
N ASN B 904 2.22 -4.55 15.16
CA ASN B 904 1.30 -5.64 14.80
C ASN B 904 0.75 -5.45 13.39
N THR B 905 0.36 -4.22 13.04
CA THR B 905 -0.18 -3.96 11.72
C THR B 905 0.86 -4.22 10.64
N LEU B 906 2.11 -3.81 10.87
CA LEU B 906 3.17 -4.07 9.90
C LEU B 906 3.45 -5.56 9.75
N VAL B 907 3.48 -6.28 10.87
CA VAL B 907 3.73 -7.72 10.82
C VAL B 907 2.63 -8.43 10.04
N ILE B 908 1.38 -8.00 10.23
CA ILE B 908 0.28 -8.64 9.52
C ILE B 908 0.25 -8.20 8.05
N SER B 909 0.67 -6.97 7.75
CA SER B 909 0.67 -6.49 6.37
C SER B 909 1.79 -7.11 5.55
N LEU B 910 2.90 -7.48 6.20
CA LEU B 910 3.98 -8.14 5.48
C LEU B 910 3.62 -9.56 5.08
N ALA B 911 2.59 -10.15 5.68
CA ALA B 911 2.20 -11.51 5.33
C ALA B 911 1.61 -11.57 3.92
N ALA B 912 0.93 -10.52 3.48
CA ALA B 912 0.33 -10.47 2.15
C ALA B 912 1.32 -9.83 1.19
N THR B 913 2.28 -10.64 0.74
CA THR B 913 3.32 -10.20 -0.17
C THR B 913 3.63 -11.32 -1.15
N ASN B 914 3.93 -10.94 -2.39
CA ASN B 914 4.28 -11.92 -3.42
C ASN B 914 5.66 -12.50 -3.12
N GLU B 915 5.72 -13.79 -2.83
CA GLU B 915 6.96 -14.45 -2.41
C GLU B 915 7.71 -14.93 -3.66
N THR B 916 8.46 -14.03 -4.26
CA THR B 916 9.34 -14.37 -5.37
C THR B 916 10.73 -14.71 -4.84
N PHE B 917 11.48 -15.46 -5.66
CA PHE B 917 12.76 -16.00 -5.22
C PHE B 917 13.74 -14.90 -4.82
N GLU B 918 13.66 -13.73 -5.46
CA GLU B 918 14.61 -12.67 -5.16
C GLU B 918 14.37 -12.08 -3.77
N ASN B 919 13.12 -11.76 -3.45
CA ASN B 919 12.78 -11.14 -2.18
C ASN B 919 12.27 -12.16 -1.14
N ILE B 920 12.46 -13.45 -1.40
CA ILE B 920 12.01 -14.45 -0.43
C ILE B 920 12.82 -14.36 0.86
N ASN B 921 14.10 -14.00 0.77
CA ASN B 921 14.92 -13.89 1.97
C ASN B 921 14.71 -12.54 2.67
N SER B 922 14.63 -11.46 1.91
CA SER B 922 14.48 -10.13 2.50
C SER B 922 13.16 -9.99 3.25
N LEU B 923 12.07 -10.49 2.64
CA LEU B 923 10.77 -10.39 3.28
C LEU B 923 10.75 -11.14 4.61
N PHE B 924 11.29 -12.37 4.61
CA PHE B 924 11.32 -13.15 5.84
C PHE B 924 12.25 -12.56 6.88
N TYR B 925 13.37 -11.96 6.46
CA TYR B 925 14.24 -11.30 7.42
C TYR B 925 13.57 -10.09 8.05
N LEU B 926 12.87 -9.29 7.24
CA LEU B 926 12.14 -8.16 7.78
C LEU B 926 11.10 -8.63 8.79
N LYS B 927 10.34 -9.68 8.44
CA LYS B 927 9.35 -10.20 9.37
C LYS B 927 10.01 -10.72 10.65
N TRP B 928 11.17 -11.36 10.52
CA TRP B 928 11.86 -11.87 11.69
C TRP B 928 12.29 -10.74 12.62
N SER B 929 12.87 -9.68 12.05
CA SER B 929 13.31 -8.55 12.86
C SER B 929 12.13 -7.87 13.53
N ALA B 930 11.04 -7.66 12.78
CA ALA B 930 9.86 -7.06 13.37
C ALA B 930 9.30 -7.91 14.50
N CYS B 931 9.27 -9.24 14.31
CA CYS B 931 8.75 -10.13 15.33
C CYS B 931 9.64 -10.15 16.56
N THR B 932 10.96 -10.09 16.36
CA THR B 932 11.88 -10.04 17.51
C THR B 932 11.64 -8.78 18.32
N SER B 933 11.53 -7.63 17.65
CA SER B 933 11.25 -6.39 18.35
C SER B 933 9.90 -6.45 19.07
N LEU B 934 8.88 -7.00 18.41
CA LEU B 934 7.56 -7.11 19.01
C LEU B 934 7.59 -7.98 20.26
N MET B 935 8.25 -9.13 20.18
CA MET B 935 8.32 -10.03 21.33
C MET B 935 9.10 -9.39 22.47
N ASP B 936 10.17 -8.66 22.16
CA ASP B 936 10.89 -7.93 23.21
C ASP B 936 9.97 -6.96 23.92
N ILE B 937 9.23 -6.14 23.16
CA ILE B 937 8.36 -5.14 23.77
C ILE B 937 7.26 -5.81 24.58
N ILE B 938 6.71 -6.92 24.06
CA ILE B 938 5.61 -7.60 24.74
C ILE B 938 6.08 -8.19 26.06
N VAL B 939 7.24 -8.85 26.04
CA VAL B 939 7.81 -9.41 27.27
C VAL B 939 8.07 -8.30 28.27
N ALA B 940 8.62 -7.17 27.82
CA ALA B 940 8.90 -6.05 28.71
C ALA B 940 7.61 -5.53 29.35
N ILE B 941 6.54 -5.42 28.57
CA ILE B 941 5.29 -4.88 29.09
C ILE B 941 4.67 -5.84 30.10
N LYS B 942 4.71 -7.15 29.81
CA LYS B 942 4.15 -8.11 30.76
C LYS B 942 4.98 -8.15 32.05
N ILE B 943 6.30 -8.02 31.94
CA ILE B 943 7.14 -7.93 33.14
C ILE B 943 6.77 -6.69 33.95
N PHE B 944 6.57 -5.56 33.27
CA PHE B 944 6.18 -4.34 33.97
C PHE B 944 4.82 -4.49 34.64
N GLU B 945 3.91 -5.24 34.02
CA GLU B 945 2.60 -5.46 34.62
C GLU B 945 2.71 -6.33 35.87
N LEU B 946 3.51 -7.38 35.81
CA LEU B 946 3.56 -8.32 36.93
C LEU B 946 4.45 -7.84 38.06
N LYS B 947 5.42 -6.96 37.78
CA LYS B 947 6.32 -6.47 38.81
C LYS B 947 5.68 -5.39 39.68
N LEU B 948 4.50 -4.90 39.30
CA LEU B 948 3.81 -3.92 40.12
C LEU B 948 3.29 -4.58 41.40
N PRO B 949 3.22 -3.82 42.49
CA PRO B 949 2.62 -4.36 43.73
C PRO B 949 1.12 -4.55 43.57
N ALA B 950 0.55 -5.27 44.55
CA ALA B 950 -0.86 -5.62 44.48
C ALA B 950 -1.78 -4.45 44.86
N ASP B 951 -1.25 -3.41 45.50
CA ASP B 951 -2.08 -2.29 45.93
C ASP B 951 -2.38 -1.32 44.80
N ALA B 952 -1.61 -1.32 43.72
CA ALA B 952 -1.79 -0.40 42.61
C ALA B 952 -2.78 -1.02 41.63
N THR B 953 -4.06 -0.79 41.88
CA THR B 953 -5.13 -1.28 41.00
C THR B 953 -5.61 -0.21 40.01
N THR B 954 -5.58 1.06 40.41
CA THR B 954 -5.97 2.15 39.51
C THR B 954 -5.05 2.24 38.31
N TRP B 955 -3.83 1.71 38.40
CA TRP B 955 -2.94 1.62 37.25
C TRP B 955 -3.13 0.32 36.48
N ARG B 956 -3.42 -0.78 37.19
CA ARG B 956 -3.67 -2.05 36.52
C ARG B 956 -4.89 -1.95 35.60
N TYR B 957 -5.94 -1.27 36.05
CA TYR B 957 -7.14 -1.13 35.22
C TYR B 957 -6.84 -0.29 33.98
N SER B 958 -6.10 0.81 34.14
CA SER B 958 -5.74 1.63 32.99
C SER B 958 -4.86 0.86 32.01
N MET B 959 -3.95 0.04 32.51
CA MET B 959 -3.11 -0.77 31.63
C MET B 959 -3.94 -1.80 30.88
N SER B 960 -4.82 -2.52 31.58
CA SER B 960 -5.61 -3.57 30.95
C SER B 960 -6.72 -3.02 30.07
N GLU B 961 -7.06 -1.74 30.17
CA GLU B 961 -8.05 -1.13 29.29
C GLU B 961 -7.43 -0.42 28.10
N GLN B 962 -6.38 0.37 28.31
CA GLN B 962 -5.78 1.12 27.21
C GLN B 962 -4.98 0.22 26.27
N PHE B 963 -4.64 -0.99 26.69
CA PHE B 963 -3.99 -1.99 25.85
C PHE B 963 -5.00 -3.06 25.49
N PRO B 964 -5.68 -2.96 24.34
CA PRO B 964 -6.70 -3.96 23.99
C PRO B 964 -6.11 -5.33 23.72
N PHE B 965 -5.20 -5.43 22.75
CA PHE B 965 -4.58 -6.68 22.38
C PHE B 965 -3.07 -6.57 22.51
N TYR B 966 -2.47 -7.49 23.26
CA TYR B 966 -1.02 -7.54 23.35
C TYR B 966 -0.42 -8.11 22.08
N LEU B 967 -1.04 -9.15 21.52
CA LEU B 967 -0.53 -9.81 20.32
C LEU B 967 -1.73 -10.31 19.51
N HIS B 968 -1.88 -9.82 18.29
CA HIS B 968 -3.00 -10.21 17.46
C HIS B 968 -2.84 -11.65 16.97
N ASP B 969 -3.98 -12.34 16.83
CA ASP B 969 -3.95 -13.76 16.49
C ASP B 969 -3.45 -14.04 15.08
N ASN B 970 -3.38 -13.02 14.23
CA ASN B 970 -2.75 -13.19 12.93
C ASN B 970 -1.24 -13.04 13.02
N ALA B 971 -0.77 -12.11 13.87
CA ALA B 971 0.64 -12.02 14.15
C ALA B 971 1.15 -13.29 14.84
N SER B 972 0.27 -14.00 15.56
CA SER B 972 0.65 -15.29 16.11
C SER B 972 0.93 -16.30 15.01
N LYS B 973 0.08 -16.33 13.98
CA LYS B 973 0.35 -17.21 12.84
C LYS B 973 1.60 -16.79 12.09
N VAL B 974 1.89 -15.48 12.04
CA VAL B 974 3.14 -15.03 11.43
C VAL B 974 4.33 -15.53 12.24
N LEU B 975 4.24 -15.47 13.57
CA LEU B 975 5.29 -16.01 14.43
C LEU B 975 5.48 -17.50 14.20
N LEU B 976 4.38 -18.24 14.07
CA LEU B 976 4.48 -19.67 13.79
C LEU B 976 5.16 -19.92 12.45
N LYS B 977 4.81 -19.13 11.44
CA LYS B 977 5.41 -19.31 10.12
C LYS B 977 6.89 -18.96 10.13
N ILE B 978 7.30 -18.00 10.96
CA ILE B 978 8.72 -17.67 11.07
C ILE B 978 9.47 -18.78 11.80
N PHE B 979 8.87 -19.33 12.86
CA PHE B 979 9.43 -20.50 13.51
C PHE B 979 9.61 -21.64 12.52
N LEU B 980 8.63 -21.84 11.63
CA LEU B 980 8.75 -22.87 10.60
C LEU B 980 9.85 -22.53 9.60
N TYR B 981 9.95 -21.25 9.21
CA TYR B 981 10.96 -20.84 8.25
C TYR B 981 12.37 -21.06 8.78
N LEU B 982 12.55 -20.92 10.09
CA LEU B 982 13.87 -21.17 10.67
C LEU B 982 14.11 -22.66 10.92
N GLU B 983 13.08 -23.37 11.38
CA GLU B 983 13.21 -24.80 11.63
C GLU B 983 13.51 -25.57 10.35
N SER B 984 12.82 -25.23 9.27
CA SER B 984 13.03 -25.93 8.01
C SER B 984 14.40 -25.60 7.41
N LEU B 985 14.92 -24.40 7.64
CA LEU B 985 16.27 -24.09 7.19
C LEU B 985 17.31 -24.86 7.98
N PHE B 986 17.13 -24.93 9.31
CA PHE B 986 18.02 -25.74 10.13
C PHE B 986 17.99 -27.20 9.69
N ALA B 987 16.79 -27.73 9.38
CA ALA B 987 16.67 -29.11 8.95
C ALA B 987 17.27 -29.33 7.57
N LYS B 988 17.12 -28.34 6.67
CA LYS B 988 17.73 -28.43 5.35
C LYS B 988 19.24 -28.43 5.44
N GLN B 989 19.80 -27.76 6.45
CA GLN B 989 21.24 -27.84 6.65
C GLN B 989 21.65 -29.18 7.24
N VAL B 990 20.92 -29.66 8.25
CA VAL B 990 21.28 -30.91 8.91
C VAL B 990 20.72 -32.15 8.20
N ASP B 991 19.88 -31.96 7.17
CA ASP B 991 19.35 -33.06 6.36
C ASP B 991 18.58 -34.07 7.21
N VAL B 992 17.66 -33.55 8.03
CA VAL B 992 16.76 -34.37 8.83
C VAL B 992 15.34 -33.95 8.53
N GLN B 993 14.51 -34.88 8.11
CA GLN B 993 13.13 -34.57 7.74
C GLN B 993 12.33 -34.15 8.97
N LEU B 994 11.38 -33.24 8.74
CA LEU B 994 10.54 -32.70 9.80
C LEU B 994 9.14 -33.27 9.69
N GLU B 995 8.63 -33.80 10.81
CA GLU B 995 7.25 -34.24 10.88
C GLU B 995 6.38 -33.09 11.38
N ARG B 996 5.35 -32.76 10.60
CA ARG B 996 4.46 -31.66 10.92
C ARG B 996 3.04 -32.03 10.52
N VAL B 997 2.11 -31.10 10.76
CA VAL B 997 0.70 -31.35 10.49
C VAL B 997 0.48 -31.48 8.99
N ALA B 998 -0.48 -32.32 8.61
CA ALA B 998 -0.76 -32.57 7.19
C ALA B 998 -1.17 -31.29 6.48
N ASP B 999 -2.11 -30.55 7.06
CA ASP B 999 -2.54 -29.27 6.50
C ASP B 999 -1.56 -28.20 6.96
N GLU B 1000 -0.60 -27.87 6.11
CA GLU B 1000 0.43 -26.89 6.45
C GLU B 1000 1.11 -26.42 5.17
N ASP B 1001 1.82 -25.30 5.28
CA ASP B 1001 2.60 -24.77 4.17
C ASP B 1001 3.87 -25.62 3.99
N ALA B 1002 3.67 -26.81 3.43
CA ALA B 1002 4.78 -27.71 3.16
C ALA B 1002 5.65 -27.25 2.00
N ASN B 1003 5.27 -26.17 1.31
CA ASN B 1003 6.07 -25.65 0.23
C ASN B 1003 7.41 -25.11 0.72
N LEU B 1004 7.48 -24.69 1.99
CA LEU B 1004 8.69 -24.10 2.56
C LEU B 1004 9.58 -25.13 3.25
N ASN B 1005 9.64 -26.36 2.74
CA ASN B 1005 10.60 -27.33 3.24
C ASN B 1005 11.92 -27.25 2.49
N ASP B 1006 11.87 -27.08 1.17
CA ASP B 1006 13.06 -26.84 0.35
C ASP B 1006 13.32 -25.34 0.36
N LEU B 1007 14.29 -24.91 1.17
CA LEU B 1007 14.55 -23.49 1.33
C LEU B 1007 15.88 -23.09 0.70
N PRO B 1008 15.94 -21.93 0.06
CA PRO B 1008 17.19 -21.51 -0.60
C PRO B 1008 18.24 -21.03 0.40
N GLU B 1009 19.30 -20.40 -0.10
CA GLU B 1009 20.29 -19.82 0.78
C GLU B 1009 19.80 -18.48 1.32
N THR B 1010 20.39 -18.06 2.44
CA THR B 1010 20.02 -16.81 3.09
C THR B 1010 21.29 -16.09 3.53
N GLY B 1011 21.55 -14.93 2.94
CA GLY B 1011 22.70 -14.13 3.29
C GLY B 1011 22.48 -13.12 4.40
N PHE B 1012 21.29 -13.10 5.00
CA PHE B 1012 20.99 -12.18 6.08
C PHE B 1012 21.39 -12.72 7.44
N PHE B 1013 21.25 -14.03 7.65
CA PHE B 1013 21.51 -14.65 8.93
C PHE B 1013 22.89 -15.31 8.89
N GLU B 1014 23.80 -14.85 9.75
CA GLU B 1014 25.15 -15.39 9.75
C GLU B 1014 25.17 -16.83 10.25
N ASN B 1015 24.54 -17.09 11.39
CA ASN B 1015 24.52 -18.41 12.00
C ASN B 1015 23.10 -18.96 11.96
N ILE B 1016 22.94 -20.13 11.34
CA ILE B 1016 21.62 -20.76 11.27
C ILE B 1016 21.24 -21.39 12.61
N GLU B 1017 22.22 -21.78 13.42
CA GLU B 1017 21.92 -22.42 14.69
C GLU B 1017 21.51 -21.41 15.75
N THR B 1018 22.27 -20.32 15.88
CA THR B 1018 22.05 -19.34 16.93
C THR B 1018 20.70 -18.65 16.78
N GLU B 1019 20.54 -17.86 15.71
CA GLU B 1019 19.41 -16.96 15.56
C GLU B 1019 18.11 -17.73 15.31
N PHE B 1020 18.16 -19.06 15.40
CA PHE B 1020 16.97 -19.91 15.45
C PHE B 1020 16.65 -20.36 16.87
N LEU B 1021 17.67 -20.77 17.62
CA LEU B 1021 17.47 -21.11 19.01
C LEU B 1021 17.09 -19.89 19.84
N LEU B 1022 17.53 -18.69 19.43
CA LEU B 1022 17.10 -17.47 20.11
C LEU B 1022 15.60 -17.24 19.92
N PHE B 1023 15.12 -17.41 18.69
CA PHE B 1023 13.69 -17.31 18.43
C PHE B 1023 12.92 -18.35 19.22
N THR B 1024 13.46 -19.56 19.31
CA THR B 1024 12.82 -20.61 20.11
C THR B 1024 12.75 -20.22 21.58
N VAL B 1025 13.83 -19.63 22.11
CA VAL B 1025 13.85 -19.22 23.51
C VAL B 1025 12.82 -18.13 23.77
N LYS B 1026 12.73 -17.15 22.88
CA LYS B 1026 11.73 -16.10 23.08
C LYS B 1026 10.31 -16.63 22.92
N LEU B 1027 10.10 -17.60 22.02
CA LEU B 1027 8.78 -18.21 21.91
C LEU B 1027 8.40 -18.95 23.18
N LYS B 1028 9.36 -19.66 23.79
CA LYS B 1028 9.09 -20.33 25.06
C LYS B 1028 8.79 -19.31 26.16
N GLY B 1029 9.54 -18.20 26.18
CA GLY B 1029 9.28 -17.16 27.15
C GLY B 1029 7.89 -16.56 27.01
N LEU B 1030 7.43 -16.40 25.77
CA LEU B 1030 6.05 -15.96 25.56
C LEU B 1030 5.05 -17.02 25.98
N MET B 1031 5.37 -18.29 25.74
CA MET B 1031 4.48 -19.37 26.14
C MET B 1031 4.32 -19.44 27.65
N LYS B 1032 5.35 -19.03 28.39
CA LYS B 1032 5.26 -19.05 29.85
C LYS B 1032 4.30 -17.99 30.39
N LEU B 1033 4.03 -16.93 29.63
CA LEU B 1033 3.21 -15.82 30.12
C LEU B 1033 1.74 -15.94 29.74
N ASN B 1034 1.31 -17.12 29.26
CA ASN B 1034 -0.08 -17.37 28.88
C ASN B 1034 -0.56 -16.37 27.82
N ILE B 1035 0.27 -16.16 26.81
CA ILE B 1035 -0.06 -15.32 25.68
C ILE B 1035 -0.43 -16.14 24.45
N LEU B 1036 0.32 -17.20 24.19
CA LEU B 1036 0.06 -18.09 23.07
C LEU B 1036 -0.84 -19.25 23.51
N ASP B 1037 -1.52 -19.85 22.53
CA ASP B 1037 -2.42 -20.95 22.80
C ASP B 1037 -1.64 -22.25 22.99
N GLU B 1038 -2.36 -23.34 23.27
CA GLU B 1038 -1.72 -24.62 23.52
C GLU B 1038 -1.35 -25.34 22.23
N ARG B 1039 -2.08 -25.07 21.14
CA ARG B 1039 -1.70 -25.63 19.84
C ARG B 1039 -0.32 -25.13 19.41
N PHE B 1040 0.02 -23.91 19.80
CA PHE B 1040 1.37 -23.39 19.54
C PHE B 1040 2.42 -24.21 20.27
N ALA B 1041 2.18 -24.50 21.56
CA ALA B 1041 3.10 -25.34 22.32
C ALA B 1041 3.18 -26.74 21.74
N SER B 1042 2.08 -27.23 21.17
CA SER B 1042 2.10 -28.56 20.55
C SER B 1042 2.93 -28.56 19.28
N ARG B 1043 2.80 -27.51 18.45
CA ARG B 1043 3.55 -27.45 17.21
C ARG B 1043 5.03 -27.17 17.43
N VAL B 1044 5.37 -26.42 18.49
CA VAL B 1044 6.75 -26.05 18.72
C VAL B 1044 7.58 -27.29 19.09
N ALA B 1045 7.08 -28.12 20.00
CA ALA B 1045 7.83 -29.26 20.51
C ALA B 1045 7.53 -30.54 19.75
N LEU B 1046 7.32 -30.47 18.44
CA LEU B 1046 7.09 -31.68 17.64
C LEU B 1046 8.38 -32.36 17.23
N ASN B 1047 9.49 -31.64 17.19
CA ASN B 1047 10.78 -32.17 16.74
C ASN B 1047 11.84 -32.03 17.83
N LYS B 1048 11.42 -32.21 19.08
CA LYS B 1048 12.36 -32.09 20.20
C LYS B 1048 13.35 -33.25 20.21
N GLU B 1049 12.97 -34.39 19.64
CA GLU B 1049 13.86 -35.55 19.60
C GLU B 1049 14.71 -35.61 18.35
N LYS B 1050 14.27 -34.99 17.26
CA LYS B 1050 15.02 -35.03 16.01
C LYS B 1050 16.23 -34.11 16.04
N LEU B 1051 16.10 -32.95 16.69
CA LEU B 1051 17.11 -31.91 16.65
C LEU B 1051 18.01 -31.92 17.88
N GLY B 1052 18.22 -33.08 18.49
CA GLY B 1052 19.14 -33.19 19.60
C GLY B 1052 18.54 -32.79 20.93
N PRO B 1053 19.36 -32.79 21.98
CA PRO B 1053 18.84 -32.50 23.33
C PRO B 1053 18.70 -31.01 23.63
N LEU B 1054 19.33 -30.13 22.84
CA LEU B 1054 19.27 -28.70 23.12
C LEU B 1054 17.86 -28.16 22.96
N PHE B 1055 17.05 -28.77 22.08
CA PHE B 1055 15.67 -28.32 21.89
C PHE B 1055 14.78 -28.79 23.03
N LYS B 1056 14.89 -30.07 23.42
CA LYS B 1056 14.14 -30.56 24.55
C LYS B 1056 14.56 -29.88 25.85
N LYS B 1057 15.78 -29.35 25.91
CA LYS B 1057 16.17 -28.52 27.06
C LYS B 1057 15.26 -27.31 27.18
N ILE B 1058 14.89 -26.69 26.06
CA ILE B 1058 13.96 -25.58 26.08
C ILE B 1058 12.53 -26.07 26.29
N VAL B 1059 12.21 -27.26 25.76
CA VAL B 1059 10.85 -27.79 25.90
C VAL B 1059 10.50 -27.97 27.38
N ASP B 1060 11.28 -28.78 28.09
CA ASP B 1060 11.04 -29.04 29.50
C ASP B 1060 11.68 -27.95 30.37
N PRO C 57 -25.88 21.45 -33.61
CA PRO C 57 -26.57 21.31 -32.33
C PRO C 57 -25.65 20.73 -31.24
N THR C 58 -24.65 19.96 -31.65
CA THR C 58 -23.74 19.35 -30.70
C THR C 58 -22.70 20.35 -30.21
N ASN C 59 -22.23 21.24 -31.09
CA ASN C 59 -21.22 22.23 -30.70
C ASN C 59 -21.84 23.36 -29.91
N PHE C 60 -22.96 23.90 -30.37
CA PHE C 60 -23.61 25.04 -29.74
C PHE C 60 -24.53 24.54 -28.63
N THR C 61 -23.99 24.48 -27.40
CA THR C 61 -24.75 24.11 -26.21
C THR C 61 -24.40 25.12 -25.11
N THR C 62 -24.86 26.36 -25.28
CA THR C 62 -24.52 27.43 -24.33
C THR C 62 -25.44 27.41 -23.12
N LYS C 63 -26.75 27.35 -23.35
CA LYS C 63 -27.71 27.37 -22.23
C LYS C 63 -27.70 26.05 -21.47
N ARG C 64 -27.44 24.94 -22.17
CA ARG C 64 -27.42 23.63 -21.51
C ARG C 64 -26.27 23.52 -20.51
N LEU C 65 -25.20 24.29 -20.71
CA LEU C 65 -24.01 24.18 -19.87
C LEU C 65 -24.31 24.58 -18.44
N TRP C 66 -25.02 25.71 -18.27
CA TRP C 66 -25.38 26.16 -16.92
C TRP C 66 -26.19 25.10 -16.18
N SER C 67 -27.21 24.55 -16.85
CA SER C 67 -28.07 23.56 -16.20
C SER C 67 -27.29 22.29 -15.86
N GLU C 68 -26.47 21.81 -16.79
CA GLU C 68 -25.69 20.61 -16.53
C GLU C 68 -24.74 20.80 -15.36
N ILE C 69 -24.06 21.94 -15.30
CA ILE C 69 -23.13 22.20 -14.21
C ILE C 69 -23.87 22.29 -12.88
N THR C 70 -24.94 23.09 -12.84
CA THR C 70 -25.67 23.28 -11.59
C THR C 70 -26.32 21.99 -11.12
N GLU C 71 -26.62 21.06 -12.03
CA GLU C 71 -27.18 19.78 -11.62
C GLU C 71 -26.10 18.84 -11.11
N SER C 72 -25.06 18.60 -11.92
CA SER C 72 -24.07 17.59 -11.58
C SER C 72 -23.20 18.01 -10.41
N MET C 73 -22.97 19.32 -10.22
CA MET C 73 -22.05 19.77 -9.19
C MET C 73 -22.70 19.85 -7.82
N SER C 74 -24.00 20.05 -7.76
CA SER C 74 -24.69 20.31 -6.49
C SER C 74 -25.46 19.08 -6.04
N TYR C 75 -25.40 18.81 -4.73
CA TYR C 75 -26.22 17.78 -4.10
C TYR C 75 -26.73 18.21 -2.72
N LEU C 76 -26.71 19.51 -2.42
CA LEU C 76 -27.22 20.04 -1.15
C LEU C 76 -27.75 21.44 -1.43
N PRO C 77 -29.01 21.73 -1.08
CA PRO C 77 -29.55 23.06 -1.42
C PRO C 77 -29.01 24.19 -0.54
N ASP C 78 -28.91 23.97 0.77
CA ASP C 78 -28.51 25.06 1.66
C ASP C 78 -27.05 25.47 1.49
N PRO C 79 -26.07 24.56 1.50
CA PRO C 79 -24.67 25.00 1.37
C PRO C 79 -24.31 25.54 -0.02
N ILE C 80 -25.04 25.13 -1.06
CA ILE C 80 -24.70 25.59 -2.41
C ILE C 80 -24.98 27.07 -2.56
N LEU C 81 -26.09 27.55 -2.01
CA LEU C 81 -26.43 28.97 -2.10
C LEU C 81 -25.50 29.85 -1.29
N LYS C 82 -24.50 29.29 -0.61
CA LYS C 82 -23.52 30.07 0.12
C LYS C 82 -22.07 29.67 -0.17
N ASN C 83 -21.84 28.56 -0.87
CA ASN C 83 -20.50 28.11 -1.25
C ASN C 83 -20.37 28.00 -2.77
N PHE C 84 -21.06 28.88 -3.49
CA PHE C 84 -20.96 28.96 -4.94
C PHE C 84 -20.82 30.44 -5.30
N LEU C 85 -19.64 30.82 -5.77
CA LEU C 85 -19.34 32.23 -6.03
C LEU C 85 -20.20 32.78 -7.16
N SER C 86 -20.26 34.11 -7.22
CA SER C 86 -21.00 34.80 -8.26
C SER C 86 -20.12 35.06 -9.49
N PHE D 60 26.49 -30.05 19.49
CA PHE D 60 26.54 -29.94 20.94
C PHE D 60 27.26 -28.67 21.39
N THR D 61 26.50 -27.57 21.52
CA THR D 61 27.01 -26.28 21.98
C THR D 61 26.00 -25.78 23.02
N THR D 62 26.20 -26.17 24.28
CA THR D 62 25.25 -25.87 25.35
C THR D 62 25.60 -24.62 26.14
N LYS D 63 26.88 -24.45 26.52
CA LYS D 63 27.25 -23.32 27.35
C LYS D 63 27.25 -22.00 26.59
N ARG D 64 27.47 -22.05 25.27
CA ARG D 64 27.57 -20.83 24.48
C ARG D 64 26.21 -20.17 24.27
N LEU D 65 25.12 -20.88 24.52
CA LEU D 65 23.79 -20.36 24.19
C LEU D 65 23.41 -19.17 25.07
N TRP D 66 23.72 -19.23 26.36
CA TRP D 66 23.41 -18.10 27.24
C TRP D 66 24.22 -16.87 26.87
N SER D 67 25.50 -17.05 26.56
CA SER D 67 26.33 -15.93 26.14
C SER D 67 25.83 -15.33 24.83
N GLU D 68 25.35 -16.18 23.91
CA GLU D 68 24.83 -15.65 22.65
C GLU D 68 23.50 -14.93 22.85
N ILE D 69 22.66 -15.40 23.78
CA ILE D 69 21.44 -14.68 24.12
C ILE D 69 21.79 -13.30 24.65
N THR D 70 22.72 -13.24 25.61
CA THR D 70 23.13 -11.95 26.16
C THR D 70 23.76 -11.05 25.12
N GLU D 71 24.48 -11.64 24.15
CA GLU D 71 25.08 -10.84 23.08
C GLU D 71 24.02 -10.27 22.15
N SER D 72 23.01 -11.06 21.81
CA SER D 72 21.90 -10.54 21.01
C SER D 72 21.15 -9.46 21.77
N MET D 73 21.07 -9.56 23.09
CA MET D 73 20.49 -8.51 23.91
C MET D 73 21.50 -7.44 24.33
N SER D 74 22.76 -7.56 23.89
CA SER D 74 23.79 -6.63 24.35
C SER D 74 23.59 -5.25 23.75
N TYR D 75 23.14 -5.18 22.49
CA TYR D 75 22.90 -3.88 21.87
C TYR D 75 21.78 -3.11 22.57
N LEU D 76 20.91 -3.79 23.30
CA LEU D 76 19.87 -3.13 24.07
C LEU D 76 20.47 -2.47 25.30
N PRO D 77 19.77 -1.50 25.89
CA PRO D 77 20.30 -0.81 27.08
C PRO D 77 20.58 -1.79 28.21
N ASP D 78 21.71 -1.55 28.89
CA ASP D 78 22.07 -2.42 30.02
C ASP D 78 21.14 -2.24 31.22
N PRO D 79 20.82 -1.02 31.68
CA PRO D 79 19.95 -0.91 32.86
C PRO D 79 18.56 -1.49 32.64
N ILE D 80 18.10 -1.61 31.39
CA ILE D 80 16.78 -2.16 31.14
C ILE D 80 16.80 -3.69 31.23
N LEU D 81 17.91 -4.32 30.87
CA LEU D 81 17.96 -5.78 30.84
C LEU D 81 17.81 -6.37 32.23
N LYS D 82 18.57 -5.86 33.20
CA LYS D 82 18.51 -6.40 34.56
C LYS D 82 17.12 -6.22 35.17
N ASN D 83 16.43 -5.12 34.83
CA ASN D 83 15.08 -4.93 35.34
C ASN D 83 14.07 -5.83 34.66
N PHE D 84 14.26 -6.12 33.37
CA PHE D 84 13.27 -6.88 32.62
C PHE D 84 13.88 -8.14 32.00
N LEU D 85 14.39 -9.03 32.85
CA LEU D 85 14.87 -10.33 32.40
C LEU D 85 14.84 -11.26 33.61
N SER D 86 13.82 -12.11 33.68
CA SER D 86 13.59 -12.94 34.85
C SER D 86 14.76 -13.92 35.08
#